data_2K5H
#
_entry.id   2K5H
#
_entity_poly.entity_id   1
_entity_poly.type   'polypeptide(L)'
_entity_poly.pdbx_seq_one_letter_code
;MGSSHHHHHHSSGRENLYFQGHMAARITGEPSKKAVSDRLIGRKGVVMEAISPQNSGLVKVDGETWRATSGTVLDVGEEV
SVKAIEGVKLVVEKLEEQKGS
;
_entity_poly.pdbx_strand_id   A
#
# COMPACT_ATOMS: atom_id res chain seq x y z
N MET A 1 37.89 -44.25 -23.31
CA MET A 1 37.58 -45.36 -24.23
C MET A 1 36.49 -46.25 -23.64
N GLY A 2 35.93 -47.10 -24.49
CA GLY A 2 34.86 -47.97 -24.08
C GLY A 2 33.83 -48.13 -25.17
N SER A 3 32.82 -47.25 -25.15
CA SER A 3 31.80 -47.17 -26.20
C SER A 3 30.87 -48.38 -26.20
N SER A 4 29.59 -48.11 -26.09
CA SER A 4 28.57 -49.16 -26.15
C SER A 4 27.33 -48.65 -26.86
N HIS A 5 26.94 -49.33 -27.93
CA HIS A 5 25.75 -48.93 -28.69
C HIS A 5 24.52 -49.69 -28.23
N HIS A 6 24.62 -50.35 -27.07
CA HIS A 6 23.50 -51.12 -26.55
C HIS A 6 22.46 -50.17 -25.95
N HIS A 7 21.33 -50.04 -26.63
CA HIS A 7 20.29 -49.13 -26.19
C HIS A 7 18.98 -49.87 -25.94
N HIS A 8 18.71 -50.14 -24.68
CA HIS A 8 17.41 -50.68 -24.30
C HIS A 8 16.75 -49.77 -23.26
N HIS A 9 17.55 -48.88 -22.69
CA HIS A 9 17.03 -47.90 -21.74
C HIS A 9 16.50 -46.68 -22.48
N HIS A 10 15.55 -45.99 -21.86
CA HIS A 10 14.95 -44.82 -22.49
C HIS A 10 15.52 -43.56 -21.87
N SER A 11 15.47 -42.46 -22.62
CA SER A 11 16.00 -41.20 -22.15
C SER A 11 14.99 -40.49 -21.27
N SER A 12 15.42 -39.38 -20.65
CA SER A 12 14.58 -38.62 -19.72
C SER A 12 14.38 -39.40 -18.41
N GLY A 13 13.69 -38.78 -17.47
CA GLY A 13 13.48 -39.41 -16.17
C GLY A 13 14.63 -39.10 -15.23
N ARG A 14 15.40 -38.08 -15.59
CA ARG A 14 16.55 -37.67 -14.82
C ARG A 14 16.52 -36.17 -14.59
N GLU A 15 16.24 -35.77 -13.36
CA GLU A 15 16.26 -34.36 -13.00
C GLU A 15 17.22 -34.13 -11.83
N ASN A 16 18.00 -33.07 -11.91
CA ASN A 16 18.95 -32.73 -10.86
C ASN A 16 19.35 -31.27 -10.98
N LEU A 17 18.93 -30.46 -10.01
CA LEU A 17 19.12 -29.02 -10.07
C LEU A 17 20.55 -28.62 -9.73
N TYR A 18 21.32 -28.28 -10.75
CA TYR A 18 22.65 -27.73 -10.59
C TYR A 18 22.61 -26.22 -10.72
N PHE A 19 23.57 -25.55 -10.09
CA PHE A 19 23.73 -24.09 -10.21
C PHE A 19 22.52 -23.35 -9.66
N GLN A 20 22.64 -22.84 -8.44
CA GLN A 20 21.57 -22.08 -7.82
C GLN A 20 21.28 -20.81 -8.62
N GLY A 21 22.30 -20.02 -8.83
CA GLY A 21 22.14 -18.76 -9.52
C GLY A 21 22.80 -17.63 -8.77
N HIS A 22 23.84 -17.06 -9.38
CA HIS A 22 24.56 -15.95 -8.77
C HIS A 22 25.26 -15.13 -9.84
N MET A 23 25.84 -14.00 -9.44
CA MET A 23 26.54 -13.10 -10.36
C MET A 23 25.59 -12.53 -11.41
N ALA A 24 24.32 -12.39 -11.01
CA ALA A 24 23.30 -11.85 -11.89
C ALA A 24 22.54 -10.73 -11.19
N ALA A 25 21.55 -10.17 -11.86
CA ALA A 25 20.76 -9.10 -11.29
C ALA A 25 19.62 -9.67 -10.43
N ARG A 26 19.54 -9.19 -9.19
CA ARG A 26 18.52 -9.65 -8.25
C ARG A 26 17.14 -9.24 -8.71
N ILE A 27 16.31 -10.22 -9.04
CA ILE A 27 14.94 -9.96 -9.41
C ILE A 27 14.02 -10.27 -8.23
N THR A 28 13.56 -9.22 -7.57
CA THR A 28 12.63 -9.35 -6.44
C THR A 28 13.32 -9.88 -5.18
N GLY A 29 13.88 -11.08 -5.28
CA GLY A 29 14.51 -11.70 -4.13
C GLY A 29 13.48 -12.39 -3.25
N GLU A 30 13.24 -13.67 -3.53
CA GLU A 30 12.20 -14.44 -2.86
C GLU A 30 10.82 -13.83 -3.09
N PRO A 31 10.17 -14.19 -4.22
CA PRO A 31 8.79 -13.79 -4.48
C PRO A 31 7.82 -14.56 -3.59
N SER A 32 7.76 -14.17 -2.33
CA SER A 32 6.99 -14.90 -1.34
C SER A 32 5.62 -14.26 -1.15
N LYS A 33 4.95 -14.64 -0.07
CA LYS A 33 3.60 -14.19 0.21
C LYS A 33 3.62 -12.91 1.04
N LYS A 34 2.47 -12.26 1.13
CA LYS A 34 2.28 -11.05 1.93
C LYS A 34 3.09 -9.88 1.35
N ALA A 35 3.37 -9.96 0.06
CA ALA A 35 4.07 -8.89 -0.62
C ALA A 35 3.14 -7.69 -0.80
N VAL A 36 3.64 -6.51 -0.46
CA VAL A 36 2.87 -5.28 -0.55
C VAL A 36 2.36 -5.05 -1.97
N SER A 37 1.05 -4.86 -2.07
CA SER A 37 0.41 -4.61 -3.34
C SER A 37 0.27 -3.11 -3.57
N ASP A 38 0.78 -2.64 -4.70
CA ASP A 38 0.77 -1.21 -5.02
C ASP A 38 -0.57 -0.79 -5.61
N ARG A 39 -1.42 -1.77 -5.88
CA ARG A 39 -2.75 -1.52 -6.45
C ARG A 39 -3.67 -0.78 -5.48
N LEU A 40 -3.30 -0.76 -4.19
CA LEU A 40 -4.11 -0.09 -3.20
C LEU A 40 -3.59 1.32 -2.91
N ILE A 41 -2.51 1.69 -3.59
CA ILE A 41 -1.92 3.00 -3.42
C ILE A 41 -2.66 4.04 -4.24
N GLY A 42 -3.18 5.05 -3.57
CA GLY A 42 -3.95 6.07 -4.25
C GLY A 42 -5.43 5.93 -3.96
N ARG A 43 -5.77 5.02 -3.06
CA ARG A 43 -7.17 4.80 -2.68
C ARG A 43 -7.41 5.19 -1.23
N LYS A 44 -8.67 5.15 -0.83
CA LYS A 44 -9.08 5.54 0.51
C LYS A 44 -8.86 4.42 1.52
N GLY A 45 -8.51 4.81 2.72
CA GLY A 45 -8.42 3.88 3.81
C GLY A 45 -9.07 4.46 5.05
N VAL A 46 -9.31 3.63 6.04
CA VAL A 46 -9.96 4.06 7.27
C VAL A 46 -9.00 3.90 8.45
N VAL A 47 -9.05 4.83 9.38
CA VAL A 47 -8.18 4.80 10.54
C VAL A 47 -8.79 3.95 11.66
N MET A 48 -8.08 2.90 12.06
CA MET A 48 -8.55 2.02 13.12
C MET A 48 -7.83 2.32 14.42
N GLU A 49 -6.59 2.79 14.31
CA GLU A 49 -5.81 3.15 15.48
C GLU A 49 -5.26 4.57 15.30
N ALA A 50 -5.27 5.35 16.39
CA ALA A 50 -4.84 6.75 16.34
C ALA A 50 -3.42 6.88 15.76
N ILE A 51 -3.28 7.79 14.80
CA ILE A 51 -2.01 7.98 14.12
C ILE A 51 -1.34 9.26 14.61
N SER A 52 -0.06 9.16 14.95
CA SER A 52 0.70 10.32 15.39
C SER A 52 2.00 10.42 14.59
N PRO A 53 2.66 11.58 14.63
CA PRO A 53 3.91 11.78 13.91
C PRO A 53 5.10 11.11 14.62
N GLN A 54 4.87 10.73 15.87
CA GLN A 54 5.91 10.09 16.67
C GLN A 54 5.81 8.57 16.55
N ASN A 55 4.59 8.08 16.41
CA ASN A 55 4.34 6.65 16.30
C ASN A 55 3.20 6.39 15.33
N SER A 56 3.47 5.57 14.32
CA SER A 56 2.50 5.29 13.28
C SER A 56 1.28 4.54 13.83
N GLY A 57 0.15 4.73 13.17
CA GLY A 57 -1.07 4.10 13.61
C GLY A 57 -1.47 2.95 12.72
N LEU A 58 -2.73 2.55 12.80
CA LEU A 58 -3.21 1.41 12.03
C LEU A 58 -4.39 1.81 11.16
N VAL A 59 -4.25 1.59 9.86
CA VAL A 59 -5.33 1.84 8.92
C VAL A 59 -5.73 0.54 8.23
N LYS A 60 -7.00 0.44 7.89
CA LYS A 60 -7.49 -0.74 7.19
C LYS A 60 -7.66 -0.44 5.71
N VAL A 61 -6.70 -0.89 4.92
CA VAL A 61 -6.74 -0.68 3.47
C VAL A 61 -7.26 -1.94 2.80
N ASP A 62 -8.40 -1.80 2.14
CA ASP A 62 -9.10 -2.94 1.54
C ASP A 62 -9.59 -3.88 2.64
N GLY A 63 -8.72 -4.77 3.09
CA GLY A 63 -9.05 -5.66 4.16
C GLY A 63 -7.87 -5.94 5.06
N GLU A 64 -6.76 -5.26 4.79
CA GLU A 64 -5.52 -5.49 5.52
C GLU A 64 -5.25 -4.33 6.48
N THR A 65 -4.74 -4.65 7.65
CA THR A 65 -4.36 -3.63 8.60
C THR A 65 -2.90 -3.26 8.41
N TRP A 66 -2.66 -2.02 8.03
CA TRP A 66 -1.30 -1.56 7.74
C TRP A 66 -0.90 -0.47 8.73
N ARG A 67 0.40 -0.38 8.99
CA ARG A 67 0.93 0.74 9.75
C ARG A 67 0.96 1.96 8.87
N ALA A 68 0.46 3.06 9.37
CA ALA A 68 0.39 4.29 8.61
C ALA A 68 0.90 5.47 9.41
N THR A 69 1.63 6.34 8.74
CA THR A 69 2.16 7.53 9.38
C THR A 69 1.61 8.77 8.70
N SER A 70 1.66 9.90 9.40
CA SER A 70 1.15 11.14 8.87
C SER A 70 1.83 12.31 9.60
N GLY A 71 1.66 13.50 9.08
CA GLY A 71 2.24 14.68 9.71
C GLY A 71 1.31 15.28 10.74
N THR A 72 0.07 14.82 10.74
CA THR A 72 -0.92 15.32 11.68
C THR A 72 -1.43 14.17 12.55
N VAL A 73 -2.15 14.51 13.61
CA VAL A 73 -2.72 13.50 14.50
C VAL A 73 -4.08 13.06 13.97
N LEU A 74 -4.21 11.78 13.67
CA LEU A 74 -5.44 11.27 13.09
C LEU A 74 -6.16 10.38 14.10
N ASP A 75 -7.46 10.59 14.25
CA ASP A 75 -8.24 9.80 15.21
C ASP A 75 -8.91 8.62 14.52
N VAL A 76 -9.55 7.78 15.30
CA VAL A 76 -10.17 6.57 14.78
C VAL A 76 -11.50 6.88 14.09
N GLY A 77 -11.77 6.20 12.99
CA GLY A 77 -13.00 6.40 12.28
C GLY A 77 -12.86 7.36 11.13
N GLU A 78 -11.68 7.98 11.03
CA GLU A 78 -11.39 8.91 9.97
C GLU A 78 -11.10 8.19 8.66
N GLU A 79 -11.10 8.97 7.60
CA GLU A 79 -10.81 8.47 6.26
C GLU A 79 -9.53 9.10 5.75
N VAL A 80 -8.60 8.28 5.31
CA VAL A 80 -7.32 8.78 4.82
C VAL A 80 -7.05 8.30 3.40
N SER A 81 -6.21 9.03 2.70
CA SER A 81 -5.76 8.63 1.38
C SER A 81 -4.30 8.17 1.45
N VAL A 82 -4.04 6.97 0.94
CA VAL A 82 -2.70 6.44 0.92
C VAL A 82 -1.92 7.00 -0.26
N LYS A 83 -0.95 7.85 0.02
CA LYS A 83 -0.22 8.54 -1.02
C LYS A 83 1.00 7.75 -1.48
N ALA A 84 1.73 7.16 -0.55
CA ALA A 84 2.98 6.46 -0.87
C ALA A 84 3.34 5.44 0.18
N ILE A 85 4.43 4.72 -0.05
CA ILE A 85 4.93 3.72 0.88
C ILE A 85 6.33 4.09 1.32
N GLU A 86 6.53 4.24 2.63
CA GLU A 86 7.82 4.67 3.15
C GLU A 86 8.66 3.48 3.58
N GLY A 87 8.16 2.29 3.31
CA GLY A 87 8.86 1.08 3.69
C GLY A 87 7.89 0.02 4.16
N VAL A 88 7.88 -0.23 5.45
CA VAL A 88 6.93 -1.16 6.05
C VAL A 88 5.72 -0.39 6.57
N LYS A 89 5.76 0.92 6.36
CA LYS A 89 4.68 1.79 6.77
C LYS A 89 4.13 2.53 5.54
N LEU A 90 2.90 3.01 5.65
CA LEU A 90 2.29 3.74 4.57
C LEU A 90 2.24 5.22 4.88
N VAL A 91 2.34 6.04 3.85
CA VAL A 91 2.24 7.48 3.99
C VAL A 91 0.82 7.91 3.67
N VAL A 92 0.06 8.29 4.68
CA VAL A 92 -1.33 8.65 4.49
C VAL A 92 -1.64 10.03 5.03
N GLU A 93 -2.64 10.66 4.46
CA GLU A 93 -3.14 11.92 4.98
C GLU A 93 -4.65 11.88 5.00
N LYS A 94 -5.23 12.68 5.88
CA LYS A 94 -6.66 12.59 6.14
C LYS A 94 -7.46 13.37 5.11
N LEU A 95 -8.58 12.82 4.71
CA LEU A 95 -9.53 13.52 3.86
C LEU A 95 -9.98 14.80 4.56
N GLU A 96 -10.25 15.83 3.78
CA GLU A 96 -10.58 17.13 4.32
C GLU A 96 -12.09 17.36 4.33
N GLU A 97 -12.59 17.92 5.43
CA GLU A 97 -14.00 18.26 5.54
C GLU A 97 -14.23 19.65 4.97
N GLN A 98 -15.48 20.10 5.00
CA GLN A 98 -15.82 21.44 4.57
C GLN A 98 -16.87 22.03 5.51
N LYS A 99 -16.57 23.21 6.05
CA LYS A 99 -17.48 23.87 6.97
C LYS A 99 -18.42 24.83 6.23
N GLY A 100 -19.55 24.30 5.78
CA GLY A 100 -20.54 25.13 5.13
C GLY A 100 -21.45 25.80 6.13
N SER A 101 -20.93 26.80 6.81
CA SER A 101 -21.70 27.55 7.80
C SER A 101 -21.39 29.03 7.71
N MET A 1 21.69 11.06 -51.76
CA MET A 1 22.20 12.10 -52.67
C MET A 1 21.19 12.38 -53.77
N GLY A 2 21.28 13.58 -54.35
CA GLY A 2 20.35 13.97 -55.38
C GLY A 2 19.28 14.89 -54.84
N SER A 3 18.65 15.65 -55.72
CA SER A 3 17.58 16.55 -55.34
C SER A 3 16.41 15.80 -54.70
N SER A 4 16.13 16.12 -53.45
CA SER A 4 14.98 15.56 -52.77
C SER A 4 13.75 16.41 -53.08
N HIS A 5 13.15 16.14 -54.23
CA HIS A 5 12.00 16.92 -54.70
C HIS A 5 10.73 16.46 -54.00
N HIS A 6 10.72 15.20 -53.58
CA HIS A 6 9.59 14.66 -52.82
C HIS A 6 9.70 15.09 -51.37
N HIS A 7 9.12 16.24 -51.06
CA HIS A 7 9.15 16.78 -49.70
C HIS A 7 7.95 17.69 -49.46
N HIS A 8 7.46 17.71 -48.23
CA HIS A 8 6.37 18.58 -47.84
C HIS A 8 6.70 19.22 -46.50
N HIS A 9 5.96 20.24 -46.12
CA HIS A 9 6.21 20.92 -44.87
C HIS A 9 5.35 20.33 -43.76
N HIS A 10 5.93 19.41 -43.01
CA HIS A 10 5.23 18.76 -41.92
C HIS A 10 5.36 19.58 -40.64
N SER A 11 4.25 20.13 -40.20
CA SER A 11 4.21 20.92 -38.98
C SER A 11 3.07 20.44 -38.09
N SER A 12 2.80 19.15 -38.18
CA SER A 12 1.76 18.53 -37.38
C SER A 12 2.25 18.24 -35.96
N GLY A 13 3.58 18.20 -35.81
CA GLY A 13 4.16 17.98 -34.51
C GLY A 13 4.47 16.52 -34.24
N ARG A 14 4.85 16.21 -33.01
CA ARG A 14 5.14 14.84 -32.63
C ARG A 14 4.43 14.49 -31.33
N GLU A 15 3.34 13.74 -31.45
CA GLU A 15 2.60 13.28 -30.29
C GLU A 15 2.09 11.87 -30.55
N ASN A 16 2.71 10.89 -29.90
CA ASN A 16 2.40 9.50 -30.15
C ASN A 16 2.28 8.72 -28.85
N LEU A 17 1.81 9.40 -27.81
CA LEU A 17 1.68 8.77 -26.51
C LEU A 17 0.44 7.87 -26.44
N TYR A 18 0.44 6.82 -27.25
CA TYR A 18 -0.58 5.80 -27.17
C TYR A 18 -0.16 4.80 -26.10
N PHE A 19 -0.77 4.92 -24.94
CA PHE A 19 -0.34 4.16 -23.78
C PHE A 19 -1.24 2.95 -23.55
N GLN A 20 -0.63 1.78 -23.46
CA GLN A 20 -1.37 0.55 -23.18
C GLN A 20 -1.86 0.53 -21.75
N GLY A 21 -3.13 0.25 -21.57
CA GLY A 21 -3.71 0.25 -20.23
C GLY A 21 -3.56 -1.08 -19.53
N HIS A 22 -2.75 -1.11 -18.48
CA HIS A 22 -2.59 -2.29 -17.67
C HIS A 22 -3.59 -2.27 -16.53
N MET A 23 -4.59 -3.14 -16.61
CA MET A 23 -5.64 -3.18 -15.61
C MET A 23 -5.24 -4.07 -14.44
N ALA A 24 -6.09 -4.12 -13.43
CA ALA A 24 -5.84 -4.92 -12.24
C ALA A 24 -5.99 -6.40 -12.54
N ALA A 25 -4.92 -7.01 -13.01
CA ALA A 25 -4.92 -8.42 -13.36
C ALA A 25 -4.51 -9.28 -12.16
N ARG A 26 -5.05 -8.96 -10.99
CA ARG A 26 -4.74 -9.71 -9.79
C ARG A 26 -5.56 -11.00 -9.74
N ILE A 27 -5.11 -12.01 -10.46
CA ILE A 27 -5.78 -13.30 -10.48
C ILE A 27 -4.91 -14.35 -9.79
N THR A 28 -5.02 -14.40 -8.47
CA THR A 28 -4.27 -15.36 -7.67
C THR A 28 -5.22 -16.07 -6.70
N GLY A 29 -6.50 -15.90 -6.92
CA GLY A 29 -7.50 -16.44 -6.02
C GLY A 29 -7.93 -15.41 -5.01
N GLU A 30 -7.25 -15.39 -3.88
CA GLU A 30 -7.51 -14.40 -2.83
C GLU A 30 -6.20 -14.08 -2.11
N PRO A 31 -6.14 -12.93 -1.42
CA PRO A 31 -4.94 -12.50 -0.68
C PRO A 31 -4.46 -13.53 0.34
N SER A 32 -3.62 -14.45 -0.12
CA SER A 32 -2.96 -15.41 0.76
C SER A 32 -1.46 -15.18 0.70
N LYS A 33 -1.06 -14.19 -0.08
CA LYS A 33 0.34 -13.85 -0.26
C LYS A 33 0.59 -12.41 0.18
N LYS A 34 1.76 -11.88 -0.16
CA LYS A 34 2.09 -10.50 0.18
C LYS A 34 1.43 -9.54 -0.80
N ALA A 35 0.63 -8.62 -0.26
CA ALA A 35 -0.13 -7.68 -1.07
C ALA A 35 0.45 -6.27 -0.95
N VAL A 36 1.77 -6.20 -0.78
CA VAL A 36 2.47 -4.93 -0.64
C VAL A 36 2.70 -4.28 -2.00
N SER A 37 2.05 -4.87 -3.00
CA SER A 37 2.10 -4.39 -4.37
C SER A 37 1.54 -2.97 -4.51
N ASP A 38 1.53 -2.45 -5.74
CA ASP A 38 1.11 -1.08 -6.02
C ASP A 38 -0.43 -0.93 -5.93
N ARG A 39 -1.06 -1.81 -5.17
CA ARG A 39 -2.53 -1.83 -5.10
C ARG A 39 -3.03 -0.87 -4.02
N LEU A 40 -2.12 -0.35 -3.21
CA LEU A 40 -2.48 0.53 -2.10
C LEU A 40 -2.34 1.99 -2.49
N ILE A 41 -1.63 2.25 -3.58
CA ILE A 41 -1.29 3.61 -3.98
C ILE A 41 -2.51 4.38 -4.49
N GLY A 42 -2.82 5.50 -3.82
CA GLY A 42 -3.86 6.39 -4.28
C GLY A 42 -5.25 5.91 -3.89
N ARG A 43 -5.33 5.04 -2.90
CA ARG A 43 -6.62 4.52 -2.46
C ARG A 43 -6.97 5.04 -1.08
N LYS A 44 -8.25 5.01 -0.74
CA LYS A 44 -8.71 5.47 0.56
C LYS A 44 -8.78 4.31 1.56
N GLY A 45 -8.53 4.62 2.82
CA GLY A 45 -8.60 3.64 3.86
C GLY A 45 -9.21 4.23 5.12
N VAL A 46 -9.42 3.39 6.11
CA VAL A 46 -10.05 3.85 7.35
C VAL A 46 -9.07 3.71 8.52
N VAL A 47 -9.13 4.63 9.46
CA VAL A 47 -8.26 4.62 10.62
C VAL A 47 -8.85 3.76 11.73
N MET A 48 -8.12 2.74 12.14
CA MET A 48 -8.55 1.87 13.22
C MET A 48 -7.85 2.22 14.52
N GLU A 49 -6.63 2.72 14.41
CA GLU A 49 -5.87 3.13 15.57
C GLU A 49 -5.28 4.52 15.35
N ALA A 50 -5.29 5.33 16.39
CA ALA A 50 -4.85 6.72 16.32
C ALA A 50 -3.43 6.86 15.75
N ILE A 51 -3.33 7.64 14.68
CA ILE A 51 -2.06 7.93 14.04
C ILE A 51 -1.48 9.21 14.61
N SER A 52 -0.26 9.14 15.11
CA SER A 52 0.40 10.30 15.65
C SER A 52 1.49 10.78 14.69
N PRO A 53 2.00 12.01 14.89
CA PRO A 53 3.11 12.51 14.11
C PRO A 53 4.44 11.97 14.63
N GLN A 54 4.35 11.26 15.76
CA GLN A 54 5.51 10.63 16.37
C GLN A 54 5.66 9.19 15.89
N ASN A 55 4.61 8.40 16.06
CA ASN A 55 4.68 6.99 15.77
C ASN A 55 3.66 6.62 14.69
N SER A 56 3.44 5.34 14.46
CA SER A 56 2.54 4.91 13.42
C SER A 56 1.19 4.52 14.01
N GLY A 57 0.15 4.68 13.19
CA GLY A 57 -1.16 4.22 13.57
C GLY A 57 -1.57 3.06 12.69
N LEU A 58 -2.75 2.52 12.92
CA LEU A 58 -3.22 1.37 12.15
C LEU A 58 -4.38 1.76 11.25
N VAL A 59 -4.20 1.60 9.95
CA VAL A 59 -5.24 1.85 8.99
C VAL A 59 -5.64 0.56 8.29
N LYS A 60 -6.82 0.54 7.70
CA LYS A 60 -7.34 -0.65 7.05
C LYS A 60 -7.69 -0.32 5.60
N VAL A 61 -7.07 -1.03 4.68
CA VAL A 61 -7.28 -0.81 3.25
C VAL A 61 -7.73 -2.11 2.60
N ASP A 62 -8.93 -2.09 2.02
CA ASP A 62 -9.55 -3.26 1.40
C ASP A 62 -9.91 -4.32 2.45
N GLY A 63 -8.89 -4.87 3.09
CA GLY A 63 -9.12 -5.88 4.11
C GLY A 63 -8.00 -5.96 5.13
N GLU A 64 -6.79 -5.54 4.75
CA GLU A 64 -5.62 -5.68 5.61
C GLU A 64 -5.40 -4.39 6.38
N THR A 65 -4.81 -4.50 7.56
CA THR A 65 -4.45 -3.34 8.33
C THR A 65 -2.96 -3.06 8.16
N TRP A 66 -2.65 -1.83 7.80
CA TRP A 66 -1.29 -1.43 7.54
C TRP A 66 -0.88 -0.33 8.49
N ARG A 67 0.40 -0.10 8.60
CA ARG A 67 0.91 0.93 9.48
C ARG A 67 0.93 2.25 8.73
N ALA A 68 0.57 3.31 9.41
CA ALA A 68 0.46 4.60 8.77
C ALA A 68 1.14 5.70 9.57
N THR A 69 1.80 6.60 8.86
CA THR A 69 2.43 7.76 9.46
C THR A 69 1.93 9.03 8.80
N SER A 70 1.78 10.09 9.58
CA SER A 70 1.27 11.34 9.06
C SER A 70 1.84 12.51 9.86
N GLY A 71 1.35 13.71 9.60
CA GLY A 71 1.84 14.88 10.31
C GLY A 71 0.81 15.41 11.29
N THR A 72 -0.35 14.77 11.33
CA THR A 72 -1.41 15.16 12.24
C THR A 72 -1.91 13.94 13.00
N VAL A 73 -2.67 14.17 14.06
CA VAL A 73 -3.22 13.08 14.85
C VAL A 73 -4.53 12.62 14.27
N LEU A 74 -4.49 11.54 13.51
CA LEU A 74 -5.67 10.97 12.90
C LEU A 74 -6.26 9.90 13.81
N ASP A 75 -7.44 10.14 14.31
CA ASP A 75 -8.02 9.29 15.34
C ASP A 75 -8.92 8.23 14.71
N VAL A 76 -9.49 7.38 15.54
CA VAL A 76 -10.29 6.25 15.09
C VAL A 76 -11.61 6.71 14.51
N GLY A 77 -11.93 6.22 13.31
CA GLY A 77 -13.17 6.57 12.68
C GLY A 77 -12.97 7.52 11.50
N GLU A 78 -11.76 8.02 11.35
CA GLU A 78 -11.43 8.86 10.23
C GLU A 78 -11.05 8.03 9.01
N GLU A 79 -10.82 8.72 7.91
CA GLU A 79 -10.45 8.08 6.67
C GLU A 79 -9.16 8.70 6.13
N VAL A 80 -8.33 7.88 5.52
CA VAL A 80 -7.05 8.34 5.02
C VAL A 80 -6.89 8.03 3.54
N SER A 81 -6.00 8.76 2.90
CA SER A 81 -5.65 8.51 1.52
C SER A 81 -4.17 8.18 1.43
N VAL A 82 -3.83 7.06 0.79
CA VAL A 82 -2.45 6.60 0.73
C VAL A 82 -1.69 7.32 -0.38
N LYS A 83 -0.71 8.11 0.02
CA LYS A 83 0.14 8.83 -0.92
C LYS A 83 1.24 7.92 -1.47
N ALA A 84 1.92 7.23 -0.58
CA ALA A 84 3.03 6.36 -0.97
C ALA A 84 3.34 5.35 0.14
N ILE A 85 4.29 4.47 -0.11
CA ILE A 85 4.68 3.46 0.86
C ILE A 85 6.06 3.80 1.43
N GLU A 86 6.19 3.70 2.74
CA GLU A 86 7.46 3.97 3.40
C GLU A 86 7.86 2.74 4.22
N GLY A 87 8.45 1.76 3.56
CA GLY A 87 8.85 0.54 4.23
C GLY A 87 7.65 -0.34 4.54
N VAL A 88 7.38 -0.50 5.82
CA VAL A 88 6.23 -1.27 6.28
C VAL A 88 5.08 -0.32 6.61
N LYS A 89 5.36 0.97 6.46
CA LYS A 89 4.38 2.00 6.79
C LYS A 89 3.86 2.65 5.51
N LEU A 90 2.74 3.34 5.62
CA LEU A 90 2.21 4.09 4.51
C LEU A 90 2.18 5.58 4.84
N VAL A 91 2.39 6.40 3.84
CA VAL A 91 2.28 7.84 4.01
C VAL A 91 0.86 8.27 3.68
N VAL A 92 0.11 8.65 4.70
CA VAL A 92 -1.31 8.90 4.53
C VAL A 92 -1.69 10.33 4.89
N GLU A 93 -2.71 10.83 4.20
CA GLU A 93 -3.30 12.13 4.51
C GLU A 93 -4.75 11.90 4.93
N LYS A 94 -5.36 12.90 5.50
CA LYS A 94 -6.75 12.77 5.92
C LYS A 94 -7.67 13.01 4.73
N LEU A 95 -8.56 12.08 4.49
CA LEU A 95 -9.50 12.17 3.40
C LEU A 95 -10.83 12.69 3.93
N GLU A 96 -11.45 13.55 3.16
CA GLU A 96 -12.71 14.16 3.57
C GLU A 96 -13.85 13.18 3.39
N GLU A 97 -14.81 13.21 4.31
CA GLU A 97 -15.95 12.31 4.24
C GLU A 97 -16.88 12.73 3.11
N GLN A 98 -16.67 12.13 1.95
CA GLN A 98 -17.45 12.47 0.75
C GLN A 98 -18.74 11.68 0.70
N LYS A 99 -19.86 12.40 0.72
CA LYS A 99 -21.17 11.77 0.81
C LYS A 99 -21.80 11.69 -0.57
N GLY A 100 -22.54 10.62 -0.81
CA GLY A 100 -23.21 10.44 -2.08
C GLY A 100 -24.59 11.06 -2.08
N SER A 101 -25.06 11.47 -3.24
CA SER A 101 -26.38 12.06 -3.37
C SER A 101 -27.38 11.02 -3.87
N MET A 1 -34.70 -14.76 -13.22
CA MET A 1 -34.62 -15.00 -14.68
C MET A 1 -33.42 -15.89 -15.02
N GLY A 2 -33.05 -15.91 -16.29
CA GLY A 2 -31.94 -16.73 -16.72
C GLY A 2 -30.64 -16.38 -16.03
N SER A 3 -30.13 -17.32 -15.25
CA SER A 3 -28.88 -17.12 -14.54
C SER A 3 -27.71 -17.66 -15.36
N SER A 4 -27.16 -16.79 -16.20
CA SER A 4 -26.04 -17.18 -17.06
C SER A 4 -24.72 -17.07 -16.30
N HIS A 5 -24.28 -18.19 -15.77
CA HIS A 5 -23.04 -18.23 -14.99
C HIS A 5 -22.16 -19.37 -15.49
N HIS A 6 -20.89 -19.32 -15.13
CA HIS A 6 -19.94 -20.34 -15.55
C HIS A 6 -19.96 -21.53 -14.61
N HIS A 7 -19.08 -22.49 -14.86
CA HIS A 7 -19.01 -23.69 -14.05
C HIS A 7 -18.39 -23.37 -12.69
N HIS A 8 -19.19 -23.57 -11.65
CA HIS A 8 -18.80 -23.21 -10.29
C HIS A 8 -18.00 -24.34 -9.64
N HIS A 9 -16.76 -24.03 -9.29
CA HIS A 9 -15.91 -24.98 -8.57
C HIS A 9 -15.84 -24.59 -7.10
N HIS A 10 -15.44 -25.53 -6.28
CA HIS A 10 -15.13 -25.27 -4.88
C HIS A 10 -13.64 -25.47 -4.66
N SER A 11 -12.91 -24.38 -4.54
CA SER A 11 -11.46 -24.42 -4.43
C SER A 11 -11.01 -25.33 -3.29
N SER A 12 -10.37 -26.43 -3.65
CA SER A 12 -9.92 -27.40 -2.68
C SER A 12 -8.53 -27.02 -2.17
N GLY A 13 -8.52 -26.18 -1.14
CA GLY A 13 -7.28 -25.78 -0.52
C GLY A 13 -7.36 -25.95 0.99
N ARG A 14 -6.85 -27.07 1.47
CA ARG A 14 -6.97 -27.41 2.88
C ARG A 14 -5.76 -26.91 3.65
N GLU A 15 -5.88 -25.72 4.23
CA GLU A 15 -4.81 -25.16 5.04
C GLU A 15 -4.85 -25.80 6.42
N ASN A 16 -3.93 -26.71 6.65
CA ASN A 16 -3.82 -27.40 7.93
C ASN A 16 -2.37 -27.81 8.16
N LEU A 17 -1.75 -27.19 9.15
CA LEU A 17 -0.33 -27.39 9.46
C LEU A 17 0.55 -26.84 8.35
N TYR A 18 0.47 -25.53 8.17
CA TYR A 18 1.23 -24.83 7.15
C TYR A 18 2.60 -24.47 7.70
N PHE A 19 3.50 -24.00 6.84
CA PHE A 19 4.83 -23.60 7.28
C PHE A 19 4.86 -22.12 7.62
N GLN A 20 5.51 -21.78 8.71
CA GLN A 20 5.63 -20.40 9.15
C GLN A 20 6.89 -19.76 8.60
N GLY A 21 7.98 -20.51 8.60
CA GLY A 21 9.25 -19.99 8.11
C GLY A 21 10.41 -20.88 8.47
N HIS A 22 11.63 -20.36 8.31
CA HIS A 22 12.85 -21.12 8.57
C HIS A 22 12.91 -22.37 7.69
N MET A 23 13.53 -22.21 6.52
CA MET A 23 13.51 -23.26 5.52
C MET A 23 14.48 -24.39 5.86
N ALA A 24 13.95 -25.42 6.49
CA ALA A 24 14.71 -26.62 6.77
C ALA A 24 14.47 -27.66 5.68
N ALA A 25 13.78 -27.23 4.63
CA ALA A 25 13.45 -28.10 3.52
C ALA A 25 14.60 -28.17 2.52
N ARG A 26 14.62 -29.21 1.71
CA ARG A 26 15.67 -29.40 0.73
C ARG A 26 15.17 -29.07 -0.66
N ILE A 27 14.07 -28.34 -0.71
CA ILE A 27 13.44 -27.98 -1.98
C ILE A 27 14.24 -26.88 -2.67
N THR A 28 14.63 -27.14 -3.91
CA THR A 28 15.41 -26.19 -4.68
C THR A 28 14.53 -25.06 -5.22
N GLY A 29 14.61 -23.91 -4.57
CA GLY A 29 13.80 -22.77 -4.95
C GLY A 29 13.79 -21.71 -3.87
N GLU A 30 13.01 -20.66 -4.06
CA GLU A 30 12.97 -19.56 -3.11
C GLU A 30 11.59 -18.93 -3.07
N PRO A 31 11.16 -18.46 -1.89
CA PRO A 31 9.86 -17.80 -1.72
C PRO A 31 9.81 -16.45 -2.43
N SER A 32 8.73 -16.20 -3.14
CA SER A 32 8.55 -14.95 -3.83
C SER A 32 7.97 -13.89 -2.88
N LYS A 33 7.11 -14.35 -1.97
CA LYS A 33 6.55 -13.52 -0.91
C LYS A 33 5.65 -12.40 -1.44
N LYS A 34 5.05 -11.66 -0.54
CA LYS A 34 4.23 -10.51 -0.90
C LYS A 34 5.08 -9.27 -1.08
N ALA A 35 5.51 -9.01 -2.30
CA ALA A 35 6.27 -7.82 -2.60
C ALA A 35 5.36 -6.69 -3.03
N VAL A 36 5.13 -5.74 -2.14
CA VAL A 36 4.24 -4.63 -2.44
C VAL A 36 4.99 -3.55 -3.20
N SER A 37 4.57 -3.30 -4.42
CA SER A 37 5.22 -2.30 -5.26
C SER A 37 4.18 -1.52 -6.07
N ASP A 38 3.92 -0.30 -5.63
CA ASP A 38 3.04 0.65 -6.31
C ASP A 38 1.73 0.01 -6.76
N ARG A 39 0.85 -0.26 -5.81
CA ARG A 39 -0.49 -0.73 -6.12
C ARG A 39 -1.53 -0.15 -5.14
N LEU A 40 -1.06 0.32 -3.99
CA LEU A 40 -1.95 0.89 -2.98
C LEU A 40 -2.00 2.41 -3.08
N ILE A 41 -1.23 2.97 -4.01
CA ILE A 41 -1.14 4.41 -4.14
C ILE A 41 -2.45 4.99 -4.66
N GLY A 42 -3.09 5.80 -3.84
CA GLY A 42 -4.34 6.42 -4.24
C GLY A 42 -5.55 5.73 -3.66
N ARG A 43 -5.31 4.62 -2.95
CA ARG A 43 -6.41 3.89 -2.32
C ARG A 43 -6.89 4.62 -1.08
N LYS A 44 -8.13 4.37 -0.70
CA LYS A 44 -8.69 4.94 0.50
C LYS A 44 -8.58 3.96 1.66
N GLY A 45 -8.50 4.49 2.86
CA GLY A 45 -8.42 3.66 4.04
C GLY A 45 -9.13 4.28 5.22
N VAL A 46 -9.28 3.51 6.27
CA VAL A 46 -9.96 3.98 7.48
C VAL A 46 -9.02 3.85 8.67
N VAL A 47 -9.10 4.80 9.59
CA VAL A 47 -8.22 4.81 10.76
C VAL A 47 -8.77 3.93 11.87
N MET A 48 -8.05 2.84 12.14
CA MET A 48 -8.45 1.89 13.18
C MET A 48 -7.72 2.19 14.49
N GLU A 49 -6.49 2.66 14.36
CA GLU A 49 -5.71 3.06 15.53
C GLU A 49 -5.28 4.51 15.36
N ALA A 50 -5.46 5.29 16.41
CA ALA A 50 -5.26 6.74 16.36
C ALA A 50 -3.85 7.11 15.92
N ILE A 51 -3.78 8.06 15.00
CA ILE A 51 -2.50 8.53 14.47
C ILE A 51 -2.24 9.96 14.92
N SER A 52 -1.00 10.24 15.30
CA SER A 52 -0.62 11.57 15.70
C SER A 52 0.58 12.03 14.89
N PRO A 53 0.89 13.34 14.92
CA PRO A 53 2.06 13.89 14.24
C PRO A 53 3.38 13.37 14.81
N GLN A 54 3.29 12.47 15.78
CA GLN A 54 4.47 11.93 16.44
C GLN A 54 4.39 10.40 16.50
N ASN A 55 3.27 9.87 16.99
CA ASN A 55 3.09 8.43 17.13
C ASN A 55 2.27 7.88 15.96
N SER A 56 2.76 6.81 15.36
CA SER A 56 2.10 6.21 14.21
C SER A 56 0.83 5.46 14.63
N GLY A 57 -0.01 5.14 13.66
CA GLY A 57 -1.23 4.41 13.95
C GLY A 57 -1.47 3.29 12.96
N LEU A 58 -2.70 2.81 12.91
CA LEU A 58 -3.05 1.68 12.06
C LEU A 58 -4.29 2.01 11.23
N VAL A 59 -4.21 1.75 9.94
CA VAL A 59 -5.35 1.95 9.05
C VAL A 59 -5.63 0.67 8.29
N LYS A 60 -6.87 0.50 7.86
CA LYS A 60 -7.23 -0.65 7.03
C LYS A 60 -7.42 -0.20 5.60
N VAL A 61 -6.62 -0.75 4.70
CA VAL A 61 -6.65 -0.38 3.30
C VAL A 61 -6.95 -1.59 2.44
N ASP A 62 -8.01 -1.50 1.65
CA ASP A 62 -8.43 -2.55 0.72
C ASP A 62 -8.98 -3.76 1.47
N GLY A 63 -8.07 -4.57 2.00
CA GLY A 63 -8.47 -5.75 2.73
C GLY A 63 -7.56 -6.06 3.91
N GLU A 64 -6.49 -5.28 4.07
CA GLU A 64 -5.54 -5.50 5.14
C GLU A 64 -5.32 -4.22 5.93
N THR A 65 -4.92 -4.38 7.19
CA THR A 65 -4.56 -3.23 8.00
C THR A 65 -3.03 -3.06 8.00
N TRP A 66 -2.60 -1.83 7.84
CA TRP A 66 -1.18 -1.53 7.75
C TRP A 66 -0.82 -0.42 8.73
N ARG A 67 0.48 -0.26 8.99
CA ARG A 67 0.93 0.84 9.84
C ARG A 67 0.93 2.11 9.03
N ALA A 68 0.50 3.18 9.64
CA ALA A 68 0.34 4.44 8.93
C ALA A 68 0.95 5.59 9.70
N THR A 69 1.52 6.52 8.96
CA THR A 69 2.10 7.72 9.56
C THR A 69 1.50 8.96 8.91
N SER A 70 1.41 10.03 9.68
CA SER A 70 0.81 11.27 9.21
C SER A 70 1.35 12.46 10.02
N GLY A 71 1.45 13.61 9.38
CA GLY A 71 1.93 14.81 10.06
C GLY A 71 0.80 15.55 10.77
N THR A 72 -0.37 14.94 10.81
CA THR A 72 -1.52 15.53 11.49
C THR A 72 -2.16 14.49 12.40
N VAL A 73 -3.08 14.92 13.24
CA VAL A 73 -3.75 14.01 14.17
C VAL A 73 -4.98 13.39 13.51
N LEU A 74 -5.04 12.06 13.53
CA LEU A 74 -6.15 11.33 12.94
C LEU A 74 -6.74 10.39 13.98
N ASP A 75 -8.00 10.60 14.31
CA ASP A 75 -8.66 9.81 15.34
C ASP A 75 -9.32 8.59 14.70
N VAL A 76 -9.91 7.75 15.55
CA VAL A 76 -10.48 6.50 15.07
C VAL A 76 -11.80 6.75 14.34
N GLY A 77 -11.89 6.18 13.14
CA GLY A 77 -13.09 6.36 12.34
C GLY A 77 -12.85 7.29 11.16
N GLU A 78 -11.70 7.94 11.15
CA GLU A 78 -11.35 8.86 10.09
C GLU A 78 -11.07 8.13 8.78
N GLU A 79 -10.92 8.90 7.73
CA GLU A 79 -10.62 8.35 6.41
C GLU A 79 -9.31 8.90 5.90
N VAL A 80 -8.47 8.03 5.38
CA VAL A 80 -7.18 8.43 4.85
C VAL A 80 -7.03 8.02 3.40
N SER A 81 -6.18 8.71 2.68
CA SER A 81 -5.82 8.35 1.33
C SER A 81 -4.34 7.99 1.30
N VAL A 82 -4.02 6.83 0.71
CA VAL A 82 -2.64 6.38 0.66
C VAL A 82 -1.83 7.27 -0.28
N LYS A 83 -1.02 8.13 0.31
CA LYS A 83 -0.22 9.08 -0.43
C LYS A 83 1.01 8.38 -0.99
N ALA A 84 1.62 7.54 -0.18
CA ALA A 84 2.80 6.78 -0.59
C ALA A 84 3.03 5.61 0.34
N ILE A 85 3.97 4.76 -0.01
CA ILE A 85 4.36 3.63 0.82
C ILE A 85 5.82 3.78 1.22
N GLU A 86 6.12 3.61 2.50
CA GLU A 86 7.47 3.83 2.98
C GLU A 86 7.91 2.68 3.87
N GLY A 87 8.74 1.80 3.32
CA GLY A 87 9.22 0.66 4.06
C GLY A 87 8.10 -0.32 4.38
N VAL A 88 7.84 -0.47 5.67
CA VAL A 88 6.75 -1.34 6.13
C VAL A 88 5.58 -0.49 6.64
N LYS A 89 5.66 0.80 6.38
CA LYS A 89 4.63 1.75 6.80
C LYS A 89 3.99 2.39 5.58
N LEU A 90 2.82 2.97 5.79
CA LEU A 90 2.17 3.74 4.73
C LEU A 90 2.20 5.22 5.10
N VAL A 91 2.34 6.05 4.09
CA VAL A 91 2.24 7.49 4.27
C VAL A 91 0.88 7.93 3.78
N VAL A 92 0.03 8.33 4.70
CA VAL A 92 -1.35 8.64 4.36
C VAL A 92 -1.71 10.07 4.73
N GLU A 93 -2.68 10.62 4.03
CA GLU A 93 -3.17 11.95 4.32
C GLU A 93 -4.63 11.89 4.68
N LYS A 94 -5.13 12.94 5.30
CA LYS A 94 -6.52 12.97 5.72
C LYS A 94 -7.42 13.36 4.57
N LEU A 95 -8.45 12.58 4.40
CA LEU A 95 -9.48 12.89 3.43
C LEU A 95 -10.66 13.51 4.16
N GLU A 96 -11.44 14.29 3.45
CA GLU A 96 -12.65 14.86 4.01
C GLU A 96 -13.79 13.90 3.76
N GLU A 97 -14.43 13.45 4.83
CA GLU A 97 -15.49 12.48 4.74
C GLU A 97 -16.60 12.97 3.81
N GLN A 98 -16.71 12.30 2.67
CA GLN A 98 -17.60 12.71 1.61
C GLN A 98 -19.03 12.24 1.87
N LYS A 99 -19.71 12.92 2.77
CA LYS A 99 -21.10 12.63 3.06
C LYS A 99 -21.99 13.31 2.02
N GLY A 100 -21.96 12.77 0.82
CA GLY A 100 -22.80 13.27 -0.25
C GLY A 100 -23.79 12.23 -0.70
N SER A 101 -23.31 11.29 -1.49
CA SER A 101 -24.13 10.18 -1.93
C SER A 101 -23.70 8.90 -1.23
N MET A 1 -11.53 5.91 37.28
CA MET A 1 -10.51 6.24 36.25
C MET A 1 -10.93 7.49 35.49
N GLY A 2 -10.29 8.60 35.81
CA GLY A 2 -10.58 9.86 35.15
C GLY A 2 -9.31 10.55 34.71
N SER A 3 -8.98 10.44 33.44
CA SER A 3 -7.74 10.98 32.93
C SER A 3 -7.99 12.21 32.05
N SER A 4 -7.21 13.25 32.27
CA SER A 4 -7.32 14.47 31.49
C SER A 4 -6.00 14.80 30.81
N HIS A 5 -5.90 14.47 29.53
CA HIS A 5 -4.70 14.73 28.75
C HIS A 5 -5.06 15.29 27.37
N HIS A 6 -4.34 16.32 26.96
CA HIS A 6 -4.51 16.88 25.63
C HIS A 6 -3.21 16.78 24.85
N HIS A 7 -3.30 16.70 23.53
CA HIS A 7 -2.12 16.65 22.69
C HIS A 7 -2.15 17.80 21.70
N HIS A 8 -1.48 18.88 22.06
CA HIS A 8 -1.49 20.10 21.26
C HIS A 8 -0.06 20.60 21.04
N HIS A 9 0.47 20.35 19.85
CA HIS A 9 1.79 20.85 19.48
C HIS A 9 1.77 21.36 18.05
N HIS A 10 1.99 22.66 17.89
CA HIS A 10 1.99 23.28 16.58
C HIS A 10 3.42 23.34 16.05
N SER A 11 3.73 22.50 15.09
CA SER A 11 5.07 22.43 14.53
C SER A 11 5.05 22.69 13.03
N SER A 12 6.23 22.84 12.45
CA SER A 12 6.35 23.06 11.01
C SER A 12 6.28 21.71 10.29
N GLY A 13 5.71 21.73 9.09
CA GLY A 13 5.57 20.51 8.33
C GLY A 13 6.75 20.26 7.42
N ARG A 14 6.69 19.16 6.68
CA ARG A 14 7.74 18.79 5.76
C ARG A 14 7.36 19.19 4.34
N GLU A 15 8.34 19.45 3.50
CA GLU A 15 8.09 19.84 2.12
C GLU A 15 7.81 18.62 1.26
N ASN A 16 7.19 18.84 0.10
CA ASN A 16 6.91 17.76 -0.84
C ASN A 16 8.21 17.32 -1.51
N LEU A 17 8.58 16.07 -1.30
CA LEU A 17 9.85 15.55 -1.81
C LEU A 17 9.66 14.93 -3.19
N TYR A 18 10.69 15.04 -4.02
CA TYR A 18 10.67 14.42 -5.34
C TYR A 18 11.34 13.05 -5.29
N PHE A 19 10.63 12.04 -5.75
CA PHE A 19 11.17 10.69 -5.79
C PHE A 19 10.93 10.09 -7.17
N GLN A 20 11.99 9.64 -7.81
CA GLN A 20 11.88 8.99 -9.11
C GLN A 20 11.74 7.49 -8.91
N GLY A 21 10.55 6.97 -9.22
CA GLY A 21 10.29 5.56 -9.05
C GLY A 21 11.03 4.71 -10.06
N HIS A 22 11.22 3.43 -9.73
CA HIS A 22 11.92 2.51 -10.61
C HIS A 22 11.12 1.23 -10.77
N MET A 23 11.52 0.40 -11.73
CA MET A 23 10.83 -0.85 -11.99
C MET A 23 11.28 -1.92 -11.02
N ALA A 24 10.33 -2.64 -10.46
CA ALA A 24 10.65 -3.73 -9.54
C ALA A 24 10.79 -5.03 -10.32
N ALA A 25 11.87 -5.74 -10.07
CA ALA A 25 12.14 -6.99 -10.76
C ALA A 25 11.80 -8.18 -9.88
N ARG A 26 10.55 -8.62 -9.94
CA ARG A 26 10.12 -9.77 -9.17
C ARG A 26 10.47 -11.04 -9.92
N ILE A 27 11.72 -11.47 -9.79
CA ILE A 27 12.20 -12.64 -10.48
C ILE A 27 11.93 -13.89 -9.65
N THR A 28 11.38 -14.91 -10.29
CA THR A 28 11.08 -16.16 -9.63
C THR A 28 12.35 -16.76 -8.99
N GLY A 29 12.38 -16.74 -7.67
CA GLY A 29 13.54 -17.20 -6.94
C GLY A 29 13.71 -16.46 -5.62
N GLU A 30 12.99 -15.35 -5.49
CA GLU A 30 13.01 -14.57 -4.26
C GLU A 30 12.06 -15.17 -3.22
N PRO A 31 12.30 -14.89 -1.93
CA PRO A 31 11.51 -15.43 -0.80
C PRO A 31 10.04 -14.99 -0.82
N SER A 32 9.69 -14.09 -1.72
CA SER A 32 8.33 -13.58 -1.84
C SER A 32 7.88 -12.89 -0.55
N LYS A 33 8.63 -11.86 -0.17
CA LYS A 33 8.33 -11.14 1.07
C LYS A 33 7.21 -10.13 0.87
N LYS A 34 6.73 -9.59 1.99
CA LYS A 34 5.62 -8.65 2.00
C LYS A 34 5.89 -7.44 1.12
N ALA A 35 4.97 -7.17 0.22
CA ALA A 35 5.08 -6.03 -0.68
C ALA A 35 3.77 -5.29 -0.77
N VAL A 36 3.77 -4.01 -0.41
CA VAL A 36 2.59 -3.20 -0.50
C VAL A 36 2.38 -2.75 -1.92
N SER A 37 1.28 -3.19 -2.51
CA SER A 37 0.98 -2.91 -3.90
C SER A 37 0.81 -1.41 -4.14
N ASP A 38 1.39 -0.93 -5.24
CA ASP A 38 1.25 0.47 -5.62
C ASP A 38 -0.14 0.71 -6.20
N ARG A 39 -0.90 -0.36 -6.36
CA ARG A 39 -2.29 -0.28 -6.81
C ARG A 39 -3.17 0.26 -5.68
N LEU A 40 -2.56 0.43 -4.51
CA LEU A 40 -3.25 1.01 -3.36
C LEU A 40 -3.02 2.52 -3.30
N ILE A 41 -2.11 3.00 -4.14
CA ILE A 41 -1.79 4.42 -4.18
C ILE A 41 -2.94 5.22 -4.76
N GLY A 42 -3.42 6.18 -3.98
CA GLY A 42 -4.53 7.00 -4.42
C GLY A 42 -5.85 6.44 -3.95
N ARG A 43 -5.81 5.31 -3.26
CA ARG A 43 -7.02 4.70 -2.74
C ARG A 43 -7.27 5.10 -1.30
N LYS A 44 -8.49 4.84 -0.83
CA LYS A 44 -8.90 5.23 0.50
C LYS A 44 -8.64 4.13 1.52
N GLY A 45 -8.52 4.56 2.77
CA GLY A 45 -8.40 3.64 3.88
C GLY A 45 -9.05 4.22 5.11
N VAL A 46 -9.26 3.42 6.12
CA VAL A 46 -9.89 3.88 7.36
C VAL A 46 -8.90 3.83 8.52
N VAL A 47 -8.99 4.80 9.41
CA VAL A 47 -8.08 4.89 10.54
C VAL A 47 -8.56 4.04 11.71
N MET A 48 -7.82 2.99 12.01
CA MET A 48 -8.16 2.06 13.08
C MET A 48 -7.53 2.50 14.40
N GLU A 49 -6.34 3.07 14.31
CA GLU A 49 -5.63 3.55 15.49
C GLU A 49 -5.11 4.96 15.27
N ALA A 50 -5.08 5.75 16.33
CA ALA A 50 -4.66 7.15 16.26
C ALA A 50 -3.23 7.28 15.72
N ILE A 51 -3.04 8.22 14.81
CA ILE A 51 -1.76 8.41 14.15
C ILE A 51 -1.15 9.75 14.52
N SER A 52 0.12 9.73 14.89
CA SER A 52 0.86 10.95 15.17
C SER A 52 2.17 10.96 14.40
N PRO A 53 2.80 12.14 14.26
CA PRO A 53 4.09 12.28 13.58
C PRO A 53 5.15 11.33 14.14
N GLN A 54 5.21 11.21 15.46
CA GLN A 54 6.19 10.36 16.11
C GLN A 54 5.71 8.91 16.17
N ASN A 55 4.46 8.72 16.57
CA ASN A 55 3.92 7.38 16.75
C ASN A 55 2.92 7.06 15.67
N SER A 56 3.34 6.25 14.71
CA SER A 56 2.50 5.85 13.61
C SER A 56 1.34 4.98 14.10
N GLY A 57 0.24 5.02 13.38
CA GLY A 57 -0.94 4.31 13.81
C GLY A 57 -1.29 3.17 12.87
N LEU A 58 -2.55 2.77 12.88
CA LEU A 58 -3.00 1.64 12.08
C LEU A 58 -4.15 2.05 11.18
N VAL A 59 -4.08 1.67 9.93
CA VAL A 59 -5.14 1.93 8.97
C VAL A 59 -5.52 0.65 8.25
N LYS A 60 -6.77 0.55 7.84
CA LYS A 60 -7.24 -0.62 7.13
C LYS A 60 -7.51 -0.27 5.68
N VAL A 61 -6.78 -0.91 4.78
CA VAL A 61 -6.95 -0.69 3.35
C VAL A 61 -7.67 -1.87 2.73
N ASP A 62 -8.91 -1.63 2.32
CA ASP A 62 -9.78 -2.67 1.78
C ASP A 62 -10.11 -3.72 2.83
N GLY A 63 -9.18 -4.65 3.04
CA GLY A 63 -9.39 -5.69 4.03
C GLY A 63 -8.15 -5.96 4.86
N GLU A 64 -7.04 -5.34 4.50
CA GLU A 64 -5.79 -5.57 5.21
C GLU A 64 -5.45 -4.38 6.10
N THR A 65 -4.95 -4.66 7.29
CA THR A 65 -4.57 -3.62 8.22
C THR A 65 -3.08 -3.34 8.14
N TRP A 66 -2.73 -2.10 7.87
CA TRP A 66 -1.34 -1.69 7.73
C TRP A 66 -1.03 -0.57 8.70
N ARG A 67 0.25 -0.29 8.89
CA ARG A 67 0.65 0.81 9.74
C ARG A 67 0.78 2.06 8.89
N ALA A 68 0.59 3.21 9.48
CA ALA A 68 0.57 4.45 8.72
C ALA A 68 1.13 5.61 9.52
N THR A 69 1.87 6.46 8.84
CA THR A 69 2.45 7.65 9.46
C THR A 69 1.93 8.89 8.73
N SER A 70 2.08 10.05 9.34
CA SER A 70 1.62 11.30 8.75
C SER A 70 2.25 12.47 9.49
N GLY A 71 2.08 13.66 8.95
CA GLY A 71 2.57 14.87 9.60
C GLY A 71 1.51 15.52 10.45
N THR A 72 0.27 15.10 10.24
CA THR A 72 -0.85 15.62 10.98
C THR A 72 -1.36 14.55 11.96
N VAL A 73 -2.22 14.95 12.89
CA VAL A 73 -2.76 14.03 13.86
C VAL A 73 -4.07 13.45 13.36
N LEU A 74 -4.07 12.15 13.11
CA LEU A 74 -5.25 11.47 12.58
C LEU A 74 -5.96 10.71 13.69
N ASP A 75 -7.27 10.89 13.79
CA ASP A 75 -8.05 10.28 14.85
C ASP A 75 -8.75 9.02 14.34
N VAL A 76 -9.33 8.28 15.27
CA VAL A 76 -9.93 6.99 14.95
C VAL A 76 -11.33 7.17 14.36
N GLY A 77 -11.59 6.48 13.25
CA GLY A 77 -12.88 6.58 12.61
C GLY A 77 -12.83 7.39 11.33
N GLU A 78 -11.72 8.10 11.14
CA GLU A 78 -11.52 8.90 9.95
C GLU A 78 -11.14 8.03 8.76
N GLU A 79 -11.13 8.66 7.60
CA GLU A 79 -10.69 8.00 6.38
C GLU A 79 -9.48 8.71 5.83
N VAL A 80 -8.54 7.95 5.31
CA VAL A 80 -7.31 8.52 4.77
C VAL A 80 -7.10 8.12 3.33
N SER A 81 -6.26 8.87 2.65
CA SER A 81 -5.85 8.54 1.30
C SER A 81 -4.37 8.16 1.30
N VAL A 82 -4.06 7.01 0.74
CA VAL A 82 -2.69 6.52 0.71
C VAL A 82 -1.88 7.30 -0.33
N LYS A 83 -0.93 8.09 0.17
CA LYS A 83 -0.10 8.91 -0.68
C LYS A 83 1.10 8.12 -1.20
N ALA A 84 1.81 7.48 -0.28
CA ALA A 84 3.03 6.76 -0.65
C ALA A 84 3.33 5.64 0.33
N ILE A 85 4.27 4.79 -0.04
CA ILE A 85 4.67 3.68 0.81
C ILE A 85 6.08 3.95 1.35
N GLU A 86 6.26 3.91 2.66
CA GLU A 86 7.55 4.20 3.25
C GLU A 86 8.31 2.91 3.56
N GLY A 87 7.74 1.80 3.12
CA GLY A 87 8.34 0.51 3.38
C GLY A 87 7.41 -0.40 4.13
N VAL A 88 7.65 -0.54 5.42
CA VAL A 88 6.83 -1.38 6.27
C VAL A 88 5.54 -0.66 6.69
N LYS A 89 5.52 0.66 6.51
CA LYS A 89 4.38 1.46 6.87
C LYS A 89 3.90 2.27 5.66
N LEU A 90 2.83 3.02 5.85
CA LEU A 90 2.26 3.81 4.76
C LEU A 90 2.25 5.29 5.10
N VAL A 91 2.35 6.12 4.08
CA VAL A 91 2.22 7.56 4.25
C VAL A 91 0.83 7.99 3.79
N VAL A 92 -0.01 8.37 4.73
CA VAL A 92 -1.39 8.70 4.42
C VAL A 92 -1.76 10.10 4.90
N GLU A 93 -2.81 10.65 4.33
CA GLU A 93 -3.33 11.95 4.74
C GLU A 93 -4.84 11.87 4.95
N LYS A 94 -5.38 12.85 5.65
CA LYS A 94 -6.80 12.87 5.97
C LYS A 94 -7.62 13.15 4.74
N LEU A 95 -8.64 12.34 4.52
CA LEU A 95 -9.55 12.56 3.41
C LEU A 95 -10.32 13.84 3.63
N GLU A 96 -10.41 14.65 2.60
CA GLU A 96 -10.96 15.98 2.73
C GLU A 96 -12.48 15.98 2.66
N GLU A 97 -13.12 15.94 3.80
CA GLU A 97 -14.53 16.21 3.89
C GLU A 97 -14.70 17.69 4.23
N GLN A 98 -14.84 18.51 3.21
CA GLN A 98 -14.84 19.95 3.38
C GLN A 98 -16.26 20.47 3.50
N LYS A 99 -16.38 21.67 4.07
CA LYS A 99 -17.68 22.32 4.25
C LYS A 99 -18.51 21.57 5.30
N GLY A 100 -19.80 21.84 5.31
CA GLY A 100 -20.68 21.19 6.25
C GLY A 100 -22.12 21.61 6.04
N SER A 101 -22.99 21.20 6.95
CA SER A 101 -24.41 21.55 6.89
C SER A 101 -25.03 21.06 5.58
N MET A 1 -50.93 -39.07 -15.03
CA MET A 1 -50.12 -39.90 -15.94
C MET A 1 -48.67 -39.96 -15.46
N GLY A 2 -48.29 -41.10 -14.89
CA GLY A 2 -46.93 -41.27 -14.44
C GLY A 2 -46.08 -41.97 -15.48
N SER A 3 -45.60 -41.21 -16.46
CA SER A 3 -44.80 -41.78 -17.54
C SER A 3 -43.46 -42.24 -17.00
N SER A 4 -43.13 -43.49 -17.27
CA SER A 4 -41.87 -44.07 -16.80
C SER A 4 -40.74 -43.68 -17.74
N HIS A 5 -39.81 -42.89 -17.24
CA HIS A 5 -38.67 -42.46 -18.03
C HIS A 5 -37.39 -43.07 -17.49
N HIS A 6 -36.94 -44.15 -18.10
CA HIS A 6 -35.72 -44.82 -17.69
C HIS A 6 -34.66 -44.63 -18.77
N HIS A 7 -33.43 -44.32 -18.36
CA HIS A 7 -32.36 -44.10 -19.32
C HIS A 7 -31.06 -44.72 -18.81
N HIS A 8 -30.20 -45.13 -19.73
CA HIS A 8 -28.89 -45.65 -19.36
C HIS A 8 -27.81 -44.69 -19.85
N HIS A 9 -27.21 -43.97 -18.93
CA HIS A 9 -26.20 -42.98 -19.26
C HIS A 9 -25.06 -43.07 -18.26
N HIS A 10 -23.83 -43.04 -18.73
CA HIS A 10 -22.68 -43.18 -17.84
C HIS A 10 -22.02 -41.84 -17.58
N SER A 11 -21.68 -41.60 -16.32
CA SER A 11 -20.94 -40.41 -15.94
C SER A 11 -19.56 -40.81 -15.42
N SER A 12 -18.58 -40.70 -16.30
CA SER A 12 -17.23 -41.15 -15.99
C SER A 12 -16.21 -40.07 -16.31
N GLY A 13 -15.13 -40.05 -15.54
CA GLY A 13 -14.09 -39.06 -15.73
C GLY A 13 -13.41 -38.67 -14.44
N ARG A 14 -12.14 -38.33 -14.53
CA ARG A 14 -11.37 -37.92 -13.36
C ARG A 14 -10.55 -36.68 -13.68
N GLU A 15 -10.29 -35.86 -12.68
CA GLU A 15 -9.35 -34.78 -12.82
C GLU A 15 -8.07 -35.13 -12.06
N ASN A 16 -6.95 -35.07 -12.74
CA ASN A 16 -5.68 -35.45 -12.13
C ASN A 16 -4.89 -34.23 -11.72
N LEU A 17 -4.15 -34.36 -10.63
CA LEU A 17 -3.35 -33.25 -10.11
C LEU A 17 -2.11 -33.79 -9.41
N TYR A 18 -1.12 -32.91 -9.24
CA TYR A 18 0.11 -33.28 -8.55
C TYR A 18 0.54 -32.15 -7.63
N PHE A 19 1.21 -32.51 -6.55
CA PHE A 19 1.56 -31.54 -5.53
C PHE A 19 2.86 -30.80 -5.88
N GLN A 20 3.95 -31.56 -5.92
CA GLN A 20 5.28 -31.01 -6.21
C GLN A 20 5.67 -29.96 -5.16
N GLY A 21 6.38 -30.38 -4.13
CA GLY A 21 6.74 -29.47 -3.06
C GLY A 21 8.23 -29.22 -2.97
N HIS A 22 8.58 -28.18 -2.21
CA HIS A 22 9.99 -27.79 -1.98
C HIS A 22 10.59 -27.19 -3.25
N MET A 23 11.77 -26.60 -3.12
CA MET A 23 12.45 -26.00 -4.26
C MET A 23 13.09 -27.08 -5.13
N ALA A 24 12.28 -27.68 -5.99
CA ALA A 24 12.75 -28.70 -6.92
C ALA A 24 11.91 -28.67 -8.19
N ALA A 25 12.59 -28.72 -9.34
CA ALA A 25 11.92 -28.67 -10.64
C ALA A 25 11.24 -27.32 -10.87
N ARG A 26 10.39 -27.26 -11.91
CA ARG A 26 9.65 -26.05 -12.27
C ARG A 26 10.63 -24.97 -12.71
N ILE A 27 10.80 -24.83 -14.02
CA ILE A 27 11.73 -23.86 -14.57
C ILE A 27 11.16 -22.45 -14.47
N THR A 28 11.88 -21.47 -15.03
CA THR A 28 11.50 -20.07 -14.96
C THR A 28 11.69 -19.56 -13.52
N GLY A 29 11.14 -18.38 -13.21
CA GLY A 29 11.33 -17.77 -11.91
C GLY A 29 10.69 -18.54 -10.77
N GLU A 30 11.17 -18.30 -9.57
CA GLU A 30 10.68 -18.97 -8.38
C GLU A 30 9.33 -18.39 -7.94
N PRO A 31 8.57 -19.14 -7.12
CA PRO A 31 7.37 -18.63 -6.47
C PRO A 31 7.71 -17.46 -5.56
N SER A 32 7.16 -16.29 -5.86
CA SER A 32 7.51 -15.08 -5.14
C SER A 32 6.39 -14.67 -4.19
N LYS A 33 6.74 -13.89 -3.18
CA LYS A 33 5.75 -13.43 -2.21
C LYS A 33 5.18 -12.07 -2.62
N LYS A 34 4.38 -11.48 -1.74
CA LYS A 34 3.68 -10.24 -2.04
C LYS A 34 4.60 -9.03 -1.99
N ALA A 35 5.12 -8.64 -3.14
CA ALA A 35 5.88 -7.41 -3.25
C ALA A 35 4.90 -6.24 -3.32
N VAL A 36 5.02 -5.32 -2.37
CA VAL A 36 4.06 -4.24 -2.22
C VAL A 36 3.97 -3.40 -3.50
N SER A 37 2.80 -3.43 -4.11
CA SER A 37 2.57 -2.73 -5.36
C SER A 37 1.83 -1.41 -5.14
N ASP A 38 1.72 -0.61 -6.19
CA ASP A 38 1.10 0.72 -6.11
C ASP A 38 -0.42 0.64 -6.15
N ARG A 39 -0.97 -0.55 -5.89
CA ARG A 39 -2.41 -0.74 -5.91
C ARG A 39 -3.09 0.01 -4.75
N LEU A 40 -2.30 0.32 -3.73
CA LEU A 40 -2.82 1.02 -2.56
C LEU A 40 -2.73 2.54 -2.76
N ILE A 41 -2.03 2.95 -3.80
CA ILE A 41 -1.76 4.36 -4.05
C ILE A 41 -2.94 5.02 -4.74
N GLY A 42 -3.40 6.13 -4.17
CA GLY A 42 -4.49 6.88 -4.78
C GLY A 42 -5.84 6.45 -4.25
N ARG A 43 -5.85 5.56 -3.27
CA ARG A 43 -7.09 5.07 -2.70
C ARG A 43 -7.32 5.61 -1.30
N LYS A 44 -8.53 5.43 -0.80
CA LYS A 44 -8.90 5.83 0.54
C LYS A 44 -8.67 4.70 1.52
N GLY A 45 -8.23 5.06 2.71
CA GLY A 45 -8.10 4.12 3.79
C GLY A 45 -8.80 4.63 5.02
N VAL A 46 -8.88 3.81 6.04
CA VAL A 46 -9.55 4.17 7.27
C VAL A 46 -8.61 4.00 8.45
N VAL A 47 -8.71 4.91 9.41
CA VAL A 47 -7.84 4.87 10.57
C VAL A 47 -8.42 3.99 11.66
N MET A 48 -7.75 2.86 11.89
CA MET A 48 -8.17 1.93 12.94
C MET A 48 -7.46 2.25 14.24
N GLU A 49 -6.20 2.64 14.12
CA GLU A 49 -5.40 3.01 15.28
C GLU A 49 -4.93 4.44 15.13
N ALA A 50 -5.08 5.23 16.20
CA ALA A 50 -4.79 6.66 16.16
C ALA A 50 -3.39 6.94 15.62
N ILE A 51 -3.33 7.86 14.67
CA ILE A 51 -2.08 8.20 14.01
C ILE A 51 -1.63 9.59 14.43
N SER A 52 -0.35 9.74 14.70
CA SER A 52 0.18 11.04 15.06
C SER A 52 1.50 11.30 14.33
N PRO A 53 1.95 12.56 14.32
CA PRO A 53 3.26 12.93 13.78
C PRO A 53 4.41 12.35 14.62
N GLN A 54 4.05 11.80 15.78
CA GLN A 54 5.03 11.23 16.68
C GLN A 54 5.02 9.70 16.58
N ASN A 55 3.84 9.12 16.70
CA ASN A 55 3.70 7.67 16.67
C ASN A 55 2.74 7.24 15.56
N SER A 56 3.14 6.20 14.82
CA SER A 56 2.36 5.73 13.69
C SER A 56 1.11 4.98 14.16
N GLY A 57 0.12 4.90 13.30
CA GLY A 57 -1.10 4.19 13.61
C GLY A 57 -1.34 3.07 12.63
N LEU A 58 -2.59 2.64 12.50
CA LEU A 58 -2.93 1.52 11.64
C LEU A 58 -4.11 1.84 10.74
N VAL A 59 -4.02 1.42 9.50
CA VAL A 59 -5.11 1.55 8.54
C VAL A 59 -5.49 0.18 8.01
N LYS A 60 -6.78 -0.05 7.78
CA LYS A 60 -7.24 -1.35 7.35
C LYS A 60 -7.68 -1.30 5.90
N VAL A 61 -7.06 -2.14 5.08
CA VAL A 61 -7.39 -2.21 3.68
C VAL A 61 -7.93 -3.59 3.34
N ASP A 62 -9.25 -3.72 3.42
CA ASP A 62 -9.95 -4.97 3.13
C ASP A 62 -9.33 -6.16 3.87
N GLY A 63 -9.47 -6.14 5.18
CA GLY A 63 -9.02 -7.25 5.98
C GLY A 63 -7.63 -7.05 6.55
N GLU A 64 -6.72 -6.51 5.75
CA GLU A 64 -5.34 -6.39 6.15
C GLU A 64 -5.09 -5.04 6.80
N THR A 65 -4.42 -5.08 7.94
CA THR A 65 -4.12 -3.88 8.68
C THR A 65 -2.66 -3.51 8.52
N TRP A 66 -2.43 -2.39 7.87
CA TRP A 66 -1.08 -1.89 7.63
C TRP A 66 -0.84 -0.68 8.52
N ARG A 67 0.41 -0.28 8.69
CA ARG A 67 0.70 0.90 9.48
C ARG A 67 0.50 2.14 8.64
N ALA A 68 0.34 3.27 9.30
CA ALA A 68 0.20 4.53 8.61
C ALA A 68 0.75 5.66 9.46
N THR A 69 1.42 6.60 8.81
CA THR A 69 1.98 7.74 9.49
C THR A 69 1.63 9.01 8.71
N SER A 70 1.75 10.16 9.36
CA SER A 70 1.38 11.43 8.75
C SER A 70 2.05 12.57 9.50
N GLY A 71 2.00 13.76 8.92
CA GLY A 71 2.45 14.95 9.61
C GLY A 71 1.30 15.60 10.35
N THR A 72 0.20 14.87 10.46
CA THR A 72 -1.01 15.34 11.11
C THR A 72 -1.47 14.29 12.12
N VAL A 73 -2.41 14.66 12.99
CA VAL A 73 -2.98 13.69 13.91
C VAL A 73 -4.28 13.16 13.34
N LEU A 74 -4.42 11.85 13.31
CA LEU A 74 -5.58 11.20 12.73
C LEU A 74 -6.28 10.33 13.76
N ASP A 75 -7.56 10.57 13.94
CA ASP A 75 -8.33 9.86 14.94
C ASP A 75 -8.92 8.59 14.36
N VAL A 76 -9.50 7.78 15.23
CA VAL A 76 -10.04 6.49 14.86
C VAL A 76 -11.35 6.67 14.11
N GLY A 77 -11.43 6.09 12.93
CA GLY A 77 -12.63 6.19 12.14
C GLY A 77 -12.51 7.22 11.03
N GLU A 78 -11.36 7.87 10.94
CA GLU A 78 -11.12 8.86 9.92
C GLU A 78 -10.90 8.23 8.56
N GLU A 79 -11.00 9.07 7.54
CA GLU A 79 -10.80 8.64 6.16
C GLU A 79 -9.53 9.27 5.62
N VAL A 80 -8.59 8.46 5.18
CA VAL A 80 -7.31 9.00 4.73
C VAL A 80 -6.95 8.59 3.31
N SER A 81 -6.18 9.44 2.66
CA SER A 81 -5.70 9.19 1.31
C SER A 81 -4.26 8.69 1.38
N VAL A 82 -3.97 7.57 0.74
CA VAL A 82 -2.63 7.01 0.73
C VAL A 82 -1.79 7.64 -0.36
N LYS A 83 -0.75 8.36 0.05
CA LYS A 83 0.16 9.00 -0.88
C LYS A 83 1.24 8.04 -1.35
N ALA A 84 1.93 7.44 -0.38
CA ALA A 84 3.09 6.60 -0.69
C ALA A 84 3.27 5.51 0.35
N ILE A 85 4.17 4.59 0.05
CA ILE A 85 4.44 3.45 0.93
C ILE A 85 5.83 3.58 1.53
N GLU A 86 5.96 3.27 2.81
CA GLU A 86 7.24 3.33 3.49
C GLU A 86 7.44 2.08 4.33
N GLY A 87 7.90 1.01 3.71
CA GLY A 87 8.15 -0.22 4.43
C GLY A 87 6.88 -0.94 4.82
N VAL A 88 6.61 -0.97 6.12
CA VAL A 88 5.42 -1.64 6.64
C VAL A 88 4.31 -0.63 6.93
N LYS A 89 4.62 0.64 6.69
CA LYS A 89 3.66 1.71 6.96
C LYS A 89 3.43 2.55 5.72
N LEU A 90 2.39 3.36 5.76
CA LEU A 90 2.02 4.18 4.61
C LEU A 90 2.06 5.65 4.97
N VAL A 91 2.35 6.49 3.99
CA VAL A 91 2.31 7.94 4.18
C VAL A 91 0.96 8.47 3.74
N VAL A 92 0.14 8.86 4.71
CA VAL A 92 -1.23 9.24 4.42
C VAL A 92 -1.58 10.62 4.95
N GLU A 93 -2.75 11.10 4.55
CA GLU A 93 -3.35 12.29 5.15
C GLU A 93 -4.86 12.17 5.04
N LYS A 94 -5.59 13.11 5.62
CA LYS A 94 -7.05 13.00 5.64
C LYS A 94 -7.66 13.41 4.30
N LEU A 95 -8.80 12.82 3.99
CA LEU A 95 -9.58 13.17 2.81
C LEU A 95 -10.07 14.62 2.89
N GLU A 96 -10.34 15.19 1.73
CA GLU A 96 -10.80 16.57 1.66
C GLU A 96 -12.29 16.66 2.00
N GLU A 97 -12.66 17.77 2.65
CA GLU A 97 -14.05 18.02 3.02
C GLU A 97 -14.33 19.52 2.89
N GLN A 98 -15.55 19.87 2.47
CA GLN A 98 -15.88 21.27 2.23
C GLN A 98 -16.97 21.78 3.19
N LYS A 99 -17.51 20.89 4.01
CA LYS A 99 -18.65 21.21 4.87
C LYS A 99 -19.88 21.52 4.01
N GLY A 100 -20.92 22.05 4.64
CA GLY A 100 -22.12 22.39 3.90
C GLY A 100 -22.78 23.65 4.43
N SER A 101 -23.24 24.49 3.52
CA SER A 101 -23.96 25.69 3.90
C SER A 101 -25.40 25.63 3.37
N MET A 1 -13.44 -2.40 -78.61
CA MET A 1 -14.50 -3.33 -78.17
C MET A 1 -13.97 -4.23 -77.05
N GLY A 2 -14.77 -5.20 -76.66
CA GLY A 2 -14.38 -6.10 -75.59
C GLY A 2 -15.43 -6.16 -74.51
N SER A 3 -16.33 -7.12 -74.63
CA SER A 3 -17.41 -7.27 -73.68
C SER A 3 -17.21 -8.51 -72.81
N SER A 4 -16.52 -8.35 -71.70
CA SER A 4 -16.34 -9.43 -70.75
C SER A 4 -16.53 -8.92 -69.32
N HIS A 5 -17.79 -8.87 -68.88
CA HIS A 5 -18.08 -8.48 -67.51
C HIS A 5 -17.80 -9.65 -66.60
N HIS A 6 -17.03 -9.40 -65.56
CA HIS A 6 -16.53 -10.47 -64.70
C HIS A 6 -17.52 -10.82 -63.61
N HIS A 7 -17.61 -12.10 -63.31
CA HIS A 7 -18.44 -12.60 -62.23
C HIS A 7 -17.63 -13.53 -61.35
N HIS A 8 -17.21 -13.05 -60.19
CA HIS A 8 -16.43 -13.88 -59.29
C HIS A 8 -17.35 -14.78 -58.48
N HIS A 9 -17.02 -16.05 -58.43
CA HIS A 9 -17.78 -17.02 -57.65
C HIS A 9 -16.86 -17.70 -56.66
N HIS A 10 -16.40 -16.92 -55.70
CA HIS A 10 -15.49 -17.38 -54.67
C HIS A 10 -15.73 -16.57 -53.40
N SER A 11 -15.76 -17.26 -52.27
CA SER A 11 -16.02 -16.61 -50.99
C SER A 11 -14.97 -15.53 -50.71
N SER A 12 -15.42 -14.30 -50.62
CA SER A 12 -14.55 -13.18 -50.35
C SER A 12 -14.10 -13.17 -48.88
N GLY A 13 -12.98 -13.84 -48.62
CA GLY A 13 -12.40 -13.84 -47.30
C GLY A 13 -13.04 -14.86 -46.37
N ARG A 14 -14.04 -14.40 -45.60
CA ARG A 14 -14.71 -15.22 -44.58
C ARG A 14 -13.77 -15.54 -43.42
N GLU A 15 -14.29 -15.41 -42.21
CA GLU A 15 -13.50 -15.63 -41.00
C GLU A 15 -13.27 -17.12 -40.77
N ASN A 16 -12.09 -17.45 -40.27
CA ASN A 16 -11.76 -18.85 -39.98
C ASN A 16 -11.77 -19.10 -38.49
N LEU A 17 -11.91 -20.36 -38.11
CA LEU A 17 -11.87 -20.74 -36.71
C LEU A 17 -10.60 -21.54 -36.43
N TYR A 18 -10.38 -21.86 -35.17
CA TYR A 18 -9.21 -22.62 -34.77
C TYR A 18 -9.45 -23.31 -33.43
N PHE A 19 -9.60 -24.64 -33.47
CA PHE A 19 -9.83 -25.46 -32.28
C PHE A 19 -11.22 -25.22 -31.67
N GLN A 20 -11.90 -26.29 -31.31
CA GLN A 20 -13.20 -26.21 -30.67
C GLN A 20 -13.06 -26.26 -29.16
N GLY A 21 -13.24 -25.10 -28.53
CA GLY A 21 -13.07 -25.00 -27.09
C GLY A 21 -12.17 -23.84 -26.74
N HIS A 22 -11.71 -23.79 -25.50
CA HIS A 22 -10.81 -22.72 -25.08
C HIS A 22 -9.71 -23.26 -24.17
N MET A 23 -10.07 -24.19 -23.29
CA MET A 23 -9.14 -24.83 -22.35
C MET A 23 -8.63 -23.84 -21.28
N ALA A 24 -8.57 -24.31 -20.05
CA ALA A 24 -8.06 -23.49 -18.95
C ALA A 24 -6.98 -24.24 -18.20
N ALA A 25 -5.75 -24.15 -18.68
CA ALA A 25 -4.63 -24.85 -18.08
C ALA A 25 -3.63 -23.88 -17.46
N ARG A 26 -3.38 -24.05 -16.18
CA ARG A 26 -2.42 -23.23 -15.47
C ARG A 26 -1.72 -24.08 -14.42
N ILE A 27 -0.43 -23.85 -14.21
CA ILE A 27 0.30 -24.58 -13.20
C ILE A 27 0.32 -23.81 -11.90
N THR A 28 0.47 -24.51 -10.79
CA THR A 28 0.52 -23.87 -9.50
C THR A 28 1.97 -23.60 -9.10
N GLY A 29 2.20 -22.44 -8.49
CA GLY A 29 3.52 -22.08 -8.04
C GLY A 29 3.49 -21.37 -6.71
N GLU A 30 2.93 -20.17 -6.70
CA GLU A 30 2.83 -19.36 -5.49
C GLU A 30 1.38 -19.32 -4.99
N PRO A 31 0.97 -20.30 -4.15
CA PRO A 31 -0.42 -20.38 -3.66
C PRO A 31 -0.85 -19.11 -2.95
N SER A 32 0.08 -18.51 -2.22
CA SER A 32 -0.17 -17.24 -1.55
C SER A 32 1.14 -16.49 -1.38
N LYS A 33 1.48 -15.64 -2.35
CA LYS A 33 2.69 -14.86 -2.27
C LYS A 33 2.37 -13.47 -1.74
N LYS A 34 2.71 -13.23 -0.48
CA LYS A 34 2.38 -11.98 0.18
C LYS A 34 3.55 -11.01 0.10
N ALA A 35 3.37 -10.00 -0.73
CA ALA A 35 4.35 -8.94 -0.88
C ALA A 35 3.61 -7.63 -1.07
N VAL A 36 4.24 -6.52 -0.69
CA VAL A 36 3.64 -5.21 -0.83
C VAL A 36 3.21 -4.98 -2.28
N SER A 37 1.91 -4.81 -2.45
CA SER A 37 1.32 -4.66 -3.77
C SER A 37 0.74 -3.27 -3.93
N ASP A 38 0.97 -2.68 -5.09
CA ASP A 38 0.55 -1.30 -5.36
C ASP A 38 -0.96 -1.22 -5.58
N ARG A 39 -1.60 -2.38 -5.70
CA ARG A 39 -3.04 -2.46 -5.92
C ARG A 39 -3.83 -1.80 -4.78
N LEU A 40 -3.27 -1.85 -3.58
CA LEU A 40 -3.90 -1.26 -2.41
C LEU A 40 -3.45 0.18 -2.22
N ILE A 41 -2.47 0.60 -2.99
CA ILE A 41 -1.91 1.94 -2.86
C ILE A 41 -2.65 2.91 -3.75
N GLY A 42 -3.01 4.05 -3.20
CA GLY A 42 -3.77 5.03 -3.94
C GLY A 42 -5.25 4.91 -3.68
N ARG A 43 -5.59 3.99 -2.78
CA ARG A 43 -6.98 3.74 -2.42
C ARG A 43 -7.31 4.43 -1.10
N LYS A 44 -8.58 4.39 -0.74
CA LYS A 44 -9.02 4.97 0.53
C LYS A 44 -8.84 3.96 1.66
N GLY A 45 -8.49 4.47 2.82
CA GLY A 45 -8.38 3.64 3.99
C GLY A 45 -9.10 4.26 5.17
N VAL A 46 -9.31 3.46 6.19
CA VAL A 46 -9.97 3.94 7.41
C VAL A 46 -9.05 3.76 8.61
N VAL A 47 -9.12 4.69 9.55
CA VAL A 47 -8.24 4.67 10.71
C VAL A 47 -8.81 3.79 11.82
N MET A 48 -8.10 2.72 12.15
CA MET A 48 -8.49 1.86 13.26
C MET A 48 -7.76 2.27 14.53
N GLU A 49 -6.51 2.66 14.38
CA GLU A 49 -5.71 3.12 15.50
C GLU A 49 -5.25 4.56 15.25
N ALA A 50 -5.36 5.38 16.28
CA ALA A 50 -5.08 6.81 16.17
C ALA A 50 -3.66 7.06 15.67
N ILE A 51 -3.56 7.81 14.57
CA ILE A 51 -2.28 8.14 13.98
C ILE A 51 -1.78 9.48 14.53
N SER A 52 -0.59 9.47 15.10
CA SER A 52 -0.02 10.68 15.64
C SER A 52 1.36 10.94 15.03
N PRO A 53 1.89 12.15 15.19
CA PRO A 53 3.19 12.52 14.62
C PRO A 53 4.35 11.99 15.45
N GLN A 54 4.03 11.39 16.59
CA GLN A 54 5.04 10.81 17.47
C GLN A 54 4.98 9.29 17.42
N ASN A 55 3.78 8.74 17.28
CA ASN A 55 3.59 7.30 17.24
C ASN A 55 2.66 6.92 16.09
N SER A 56 3.04 5.89 15.36
CA SER A 56 2.33 5.49 14.16
C SER A 56 0.96 4.90 14.50
N GLY A 57 0.04 4.98 13.55
CA GLY A 57 -1.27 4.40 13.73
C GLY A 57 -1.50 3.23 12.80
N LEU A 58 -2.71 2.71 12.79
CA LEU A 58 -3.06 1.59 11.93
C LEU A 58 -4.26 1.93 11.07
N VAL A 59 -4.12 1.72 9.77
CA VAL A 59 -5.21 1.97 8.83
C VAL A 59 -5.65 0.69 8.16
N LYS A 60 -6.95 0.57 7.94
CA LYS A 60 -7.50 -0.61 7.33
C LYS A 60 -7.84 -0.34 5.87
N VAL A 61 -7.13 -1.01 4.98
CA VAL A 61 -7.37 -0.89 3.56
C VAL A 61 -8.25 -2.02 3.07
N ASP A 62 -9.56 -1.82 3.16
CA ASP A 62 -10.57 -2.78 2.71
C ASP A 62 -10.61 -4.03 3.59
N GLY A 63 -9.57 -4.84 3.49
CA GLY A 63 -9.47 -6.05 4.27
C GLY A 63 -8.13 -6.18 4.97
N GLU A 64 -7.18 -5.34 4.59
CA GLU A 64 -5.84 -5.37 5.16
C GLU A 64 -5.69 -4.27 6.20
N THR A 65 -4.73 -4.42 7.09
CA THR A 65 -4.44 -3.40 8.09
C THR A 65 -2.94 -3.15 8.14
N TRP A 66 -2.55 -1.93 7.81
CA TRP A 66 -1.14 -1.58 7.71
C TRP A 66 -0.79 -0.47 8.69
N ARG A 67 0.50 -0.26 8.92
CA ARG A 67 0.94 0.84 9.74
C ARG A 67 0.94 2.11 8.93
N ALA A 68 0.73 3.22 9.59
CA ALA A 68 0.58 4.50 8.90
C ALA A 68 1.26 5.62 9.65
N THR A 69 1.90 6.50 8.91
CA THR A 69 2.57 7.65 9.48
C THR A 69 2.15 8.92 8.75
N SER A 70 1.95 9.99 9.51
CA SER A 70 1.57 11.26 8.94
C SER A 70 2.06 12.38 9.85
N GLY A 71 2.05 13.60 9.34
CA GLY A 71 2.40 14.75 10.16
C GLY A 71 1.20 15.27 10.92
N THR A 72 0.03 14.95 10.40
CA THR A 72 -1.22 15.37 11.01
C THR A 72 -1.71 14.30 11.98
N VAL A 73 -2.71 14.63 12.78
CA VAL A 73 -3.30 13.68 13.70
C VAL A 73 -4.59 13.12 13.12
N LEU A 74 -4.71 11.81 13.11
CA LEU A 74 -5.88 11.15 12.53
C LEU A 74 -6.48 10.19 13.54
N ASP A 75 -7.73 10.41 13.88
CA ASP A 75 -8.41 9.60 14.89
C ASP A 75 -9.17 8.46 14.23
N VAL A 76 -9.83 7.65 15.05
CA VAL A 76 -10.47 6.42 14.59
C VAL A 76 -11.75 6.73 13.82
N GLY A 77 -11.96 6.01 12.74
CA GLY A 77 -13.17 6.16 11.96
C GLY A 77 -13.02 7.13 10.80
N GLU A 78 -11.89 7.81 10.75
CA GLU A 78 -11.63 8.78 9.70
C GLU A 78 -11.25 8.09 8.40
N GLU A 79 -11.13 8.90 7.37
CA GLU A 79 -10.77 8.41 6.04
C GLU A 79 -9.38 8.90 5.67
N VAL A 80 -8.53 7.99 5.24
CA VAL A 80 -7.18 8.37 4.84
C VAL A 80 -6.94 8.08 3.36
N SER A 81 -6.14 8.93 2.74
CA SER A 81 -5.71 8.71 1.38
C SER A 81 -4.24 8.27 1.38
N VAL A 82 -3.97 7.11 0.82
CA VAL A 82 -2.61 6.59 0.77
C VAL A 82 -1.84 7.27 -0.35
N LYS A 83 -0.88 8.10 0.03
CA LYS A 83 -0.07 8.82 -0.92
C LYS A 83 1.09 7.97 -1.43
N ALA A 84 1.81 7.33 -0.52
CA ALA A 84 2.98 6.54 -0.90
C ALA A 84 3.32 5.48 0.15
N ILE A 85 4.36 4.72 -0.13
CA ILE A 85 4.81 3.65 0.76
C ILE A 85 6.14 4.04 1.41
N GLU A 86 6.27 3.75 2.70
CA GLU A 86 7.50 4.09 3.43
C GLU A 86 7.94 2.90 4.28
N GLY A 87 8.58 1.93 3.65
CA GLY A 87 9.02 0.73 4.34
C GLY A 87 7.85 -0.17 4.71
N VAL A 88 7.66 -0.36 6.01
CA VAL A 88 6.53 -1.13 6.51
C VAL A 88 5.37 -0.18 6.87
N LYS A 89 5.60 1.10 6.64
CA LYS A 89 4.61 2.13 6.93
C LYS A 89 4.01 2.64 5.64
N LEU A 90 2.78 3.14 5.71
CA LEU A 90 2.20 3.84 4.58
C LEU A 90 2.14 5.33 4.88
N VAL A 91 2.41 6.13 3.87
CA VAL A 91 2.34 7.56 3.99
C VAL A 91 0.93 8.02 3.65
N VAL A 92 0.18 8.40 4.67
CA VAL A 92 -1.24 8.70 4.48
C VAL A 92 -1.60 10.06 5.03
N GLU A 93 -2.72 10.58 4.59
CA GLU A 93 -3.24 11.84 5.10
C GLU A 93 -4.75 11.84 5.04
N LYS A 94 -5.35 12.83 5.67
CA LYS A 94 -6.80 12.91 5.79
C LYS A 94 -7.45 13.17 4.43
N LEU A 95 -8.58 12.53 4.20
CA LEU A 95 -9.39 12.80 3.02
C LEU A 95 -10.30 13.98 3.32
N GLU A 96 -10.55 14.78 2.30
CA GLU A 96 -11.33 16.02 2.43
C GLU A 96 -10.51 17.06 3.18
N GLU A 97 -9.20 16.91 3.13
CA GLU A 97 -8.29 17.87 3.74
C GLU A 97 -7.93 18.95 2.72
N GLN A 98 -8.03 20.21 3.14
CA GLN A 98 -7.81 21.35 2.25
C GLN A 98 -8.79 21.32 1.08
N LYS A 99 -8.55 22.18 0.10
CA LYS A 99 -9.35 22.20 -1.10
C LYS A 99 -8.53 21.64 -2.26
N GLY A 100 -8.02 20.43 -2.08
CA GLY A 100 -7.16 19.82 -3.08
C GLY A 100 -7.92 19.03 -4.12
N SER A 101 -7.31 17.96 -4.59
CA SER A 101 -7.90 17.16 -5.65
C SER A 101 -8.24 15.76 -5.13
N MET A 1 33.91 -29.53 -29.88
CA MET A 1 34.56 -29.50 -28.55
C MET A 1 35.61 -28.39 -28.49
N GLY A 2 35.66 -27.70 -27.37
CA GLY A 2 36.57 -26.60 -27.22
C GLY A 2 35.85 -25.32 -26.86
N SER A 3 34.89 -24.95 -27.69
CA SER A 3 34.09 -23.77 -27.45
C SER A 3 32.78 -24.15 -26.77
N SER A 4 32.90 -24.92 -25.69
CA SER A 4 31.74 -25.45 -25.02
C SER A 4 31.15 -24.45 -24.02
N HIS A 5 31.86 -24.25 -22.91
CA HIS A 5 31.38 -23.42 -21.79
C HIS A 5 30.08 -24.00 -21.22
N HIS A 6 28.95 -23.71 -21.88
CA HIS A 6 27.68 -24.39 -21.62
C HIS A 6 27.16 -24.11 -20.20
N HIS A 7 27.68 -23.06 -19.59
CA HIS A 7 27.38 -22.69 -18.20
C HIS A 7 27.94 -23.72 -17.23
N HIS A 8 28.37 -23.26 -16.06
CA HIS A 8 29.02 -24.13 -15.10
C HIS A 8 27.99 -24.84 -14.23
N HIS A 9 27.48 -25.96 -14.73
CA HIS A 9 26.58 -26.81 -13.97
C HIS A 9 26.96 -28.28 -14.16
N HIS A 10 27.13 -28.98 -13.05
CA HIS A 10 27.62 -30.34 -13.06
C HIS A 10 26.50 -31.34 -13.33
N SER A 11 25.27 -30.83 -13.48
CA SER A 11 24.10 -31.64 -13.79
C SER A 11 23.73 -32.55 -12.62
N SER A 12 24.26 -32.23 -11.44
CA SER A 12 23.96 -32.99 -10.24
C SER A 12 22.58 -32.61 -9.72
N GLY A 13 21.90 -33.56 -9.11
CA GLY A 13 20.53 -33.32 -8.72
C GLY A 13 20.22 -33.77 -7.31
N ARG A 14 18.99 -33.56 -6.90
CA ARG A 14 18.52 -33.94 -5.59
C ARG A 14 17.83 -35.30 -5.65
N GLU A 15 18.33 -36.26 -4.89
CA GLU A 15 17.67 -37.56 -4.77
C GLU A 15 16.56 -37.45 -3.73
N ASN A 16 16.68 -36.43 -2.89
CA ASN A 16 15.66 -36.13 -1.90
C ASN A 16 14.97 -34.83 -2.33
N LEU A 17 14.04 -34.34 -1.53
CA LEU A 17 13.28 -33.14 -1.89
C LEU A 17 14.16 -31.90 -1.78
N TYR A 18 13.74 -30.83 -2.44
CA TYR A 18 14.46 -29.57 -2.37
C TYR A 18 14.13 -28.86 -1.07
N PHE A 19 15.15 -28.44 -0.35
CA PHE A 19 14.94 -27.67 0.86
C PHE A 19 15.03 -26.18 0.55
N GLN A 20 13.86 -25.55 0.50
CA GLN A 20 13.76 -24.15 0.12
C GLN A 20 13.69 -23.26 1.36
N GLY A 21 13.92 -21.97 1.17
CA GLY A 21 13.88 -21.04 2.27
C GLY A 21 15.08 -21.19 3.18
N HIS A 22 14.90 -20.89 4.47
CA HIS A 22 15.96 -21.00 5.46
C HIS A 22 17.11 -20.07 5.12
N MET A 23 16.76 -18.90 4.60
CA MET A 23 17.74 -17.88 4.24
C MET A 23 17.18 -16.51 4.52
N ALA A 24 18.06 -15.53 4.68
CA ALA A 24 17.66 -14.17 4.95
C ALA A 24 18.20 -13.23 3.89
N ALA A 25 17.39 -12.97 2.87
CA ALA A 25 17.76 -12.05 1.82
C ALA A 25 17.55 -10.61 2.27
N ARG A 26 18.40 -9.71 1.83
CA ARG A 26 18.33 -8.31 2.20
C ARG A 26 18.34 -7.43 0.97
N ILE A 27 17.15 -6.98 0.57
CA ILE A 27 16.96 -6.15 -0.61
C ILE A 27 17.25 -6.94 -1.88
N THR A 28 16.20 -7.34 -2.58
CA THR A 28 16.33 -8.12 -3.80
C THR A 28 16.51 -7.22 -5.00
N GLY A 29 16.68 -7.82 -6.18
CA GLY A 29 16.82 -7.05 -7.39
C GLY A 29 15.59 -7.16 -8.26
N GLU A 30 14.78 -8.16 -7.96
CA GLU A 30 13.55 -8.42 -8.68
C GLU A 30 12.35 -8.39 -7.73
N PRO A 31 11.21 -7.87 -8.20
CA PRO A 31 9.97 -7.91 -7.43
C PRO A 31 9.23 -9.23 -7.65
N SER A 32 9.51 -10.20 -6.81
CA SER A 32 8.93 -11.53 -6.95
C SER A 32 8.12 -11.90 -5.71
N LYS A 33 7.27 -12.91 -5.85
CA LYS A 33 6.43 -13.39 -4.75
C LYS A 33 5.38 -12.32 -4.40
N LYS A 34 4.72 -12.46 -3.27
CA LYS A 34 3.72 -11.47 -2.87
C LYS A 34 4.39 -10.30 -2.15
N ALA A 35 4.56 -9.21 -2.87
CA ALA A 35 5.14 -8.00 -2.31
C ALA A 35 4.09 -6.91 -2.25
N VAL A 36 4.52 -5.69 -1.93
CA VAL A 36 3.59 -4.56 -1.84
C VAL A 36 3.19 -4.11 -3.24
N SER A 37 1.90 -4.12 -3.49
CA SER A 37 1.36 -3.75 -4.77
C SER A 37 0.89 -2.29 -4.77
N ASP A 38 1.11 -1.60 -5.87
CA ASP A 38 0.72 -0.19 -5.99
C ASP A 38 -0.79 -0.08 -6.22
N ARG A 39 -1.44 -1.22 -6.35
CA ARG A 39 -2.89 -1.28 -6.54
C ARG A 39 -3.64 -0.71 -5.33
N LEU A 40 -3.02 -0.83 -4.15
CA LEU A 40 -3.62 -0.32 -2.93
C LEU A 40 -3.25 1.14 -2.71
N ILE A 41 -2.28 1.61 -3.49
CA ILE A 41 -1.80 2.97 -3.35
C ILE A 41 -2.70 3.93 -4.11
N GLY A 42 -3.08 5.00 -3.46
CA GLY A 42 -4.00 5.95 -4.04
C GLY A 42 -5.44 5.61 -3.71
N ARG A 43 -5.62 4.61 -2.85
CA ARG A 43 -6.95 4.22 -2.40
C ARG A 43 -7.25 4.82 -1.04
N LYS A 44 -8.52 4.82 -0.68
CA LYS A 44 -8.95 5.35 0.61
C LYS A 44 -9.05 4.23 1.63
N GLY A 45 -8.70 4.56 2.86
CA GLY A 45 -8.81 3.61 3.95
C GLY A 45 -9.38 4.27 5.19
N VAL A 46 -9.39 3.54 6.29
CA VAL A 46 -9.92 4.05 7.54
C VAL A 46 -8.90 3.89 8.66
N VAL A 47 -8.87 4.85 9.57
CA VAL A 47 -7.94 4.81 10.70
C VAL A 47 -8.52 4.03 11.86
N MET A 48 -7.85 2.96 12.23
CA MET A 48 -8.28 2.13 13.36
C MET A 48 -7.47 2.46 14.60
N GLU A 49 -6.21 2.79 14.40
CA GLU A 49 -5.34 3.18 15.49
C GLU A 49 -4.81 4.58 15.24
N ALA A 50 -4.78 5.41 16.29
CA ALA A 50 -4.37 6.80 16.19
C ALA A 50 -3.00 6.93 15.54
N ILE A 51 -2.92 7.79 14.53
CA ILE A 51 -1.70 7.97 13.76
C ILE A 51 -0.98 9.26 14.17
N SER A 52 0.25 9.11 14.64
CA SER A 52 1.07 10.26 14.99
C SER A 52 2.49 10.07 14.50
N PRO A 53 3.24 11.18 14.36
CA PRO A 53 4.67 11.14 14.03
C PRO A 53 5.47 10.42 15.12
N GLN A 54 4.99 10.50 16.35
CA GLN A 54 5.64 9.84 17.47
C GLN A 54 5.45 8.34 17.39
N ASN A 55 4.22 7.90 17.24
CA ASN A 55 3.92 6.48 17.15
C ASN A 55 2.96 6.23 16.00
N SER A 56 3.30 5.27 15.16
CA SER A 56 2.52 5.00 13.96
C SER A 56 1.18 4.36 14.31
N GLY A 57 0.21 4.54 13.43
CA GLY A 57 -1.10 3.99 13.66
C GLY A 57 -1.38 2.82 12.75
N LEU A 58 -2.65 2.45 12.65
CA LEU A 58 -3.06 1.33 11.83
C LEU A 58 -4.20 1.71 10.91
N VAL A 59 -4.01 1.51 9.62
CA VAL A 59 -5.04 1.80 8.64
C VAL A 59 -5.64 0.51 8.09
N LYS A 60 -6.94 0.52 7.91
CA LYS A 60 -7.66 -0.63 7.41
C LYS A 60 -8.13 -0.36 5.98
N VAL A 61 -7.46 -0.98 5.03
CA VAL A 61 -7.73 -0.73 3.62
C VAL A 61 -8.24 -2.00 2.94
N ASP A 62 -9.54 -2.01 2.64
CA ASP A 62 -10.18 -3.09 1.88
C ASP A 62 -10.17 -4.40 2.68
N GLY A 63 -9.81 -4.31 3.95
CA GLY A 63 -9.76 -5.49 4.79
C GLY A 63 -8.36 -5.73 5.34
N GLU A 64 -7.36 -5.19 4.64
CA GLU A 64 -5.98 -5.35 5.06
C GLU A 64 -5.60 -4.26 6.06
N THR A 65 -4.77 -4.61 7.02
CA THR A 65 -4.34 -3.67 8.03
C THR A 65 -2.85 -3.39 7.90
N TRP A 66 -2.51 -2.13 7.72
CA TRP A 66 -1.12 -1.71 7.54
C TRP A 66 -0.75 -0.64 8.56
N ARG A 67 0.55 -0.39 8.70
CA ARG A 67 1.00 0.68 9.57
C ARG A 67 0.90 1.99 8.79
N ALA A 68 0.75 3.10 9.51
CA ALA A 68 0.55 4.37 8.84
C ALA A 68 1.27 5.50 9.56
N THR A 69 1.82 6.41 8.76
CA THR A 69 2.45 7.62 9.25
C THR A 69 1.98 8.82 8.43
N SER A 70 2.09 10.01 8.99
CA SER A 70 1.68 11.22 8.30
C SER A 70 2.28 12.44 8.97
N GLY A 71 2.33 13.55 8.25
CA GLY A 71 2.79 14.79 8.82
C GLY A 71 1.72 15.46 9.66
N THR A 72 0.52 14.89 9.60
CA THR A 72 -0.60 15.39 10.38
C THR A 72 -1.04 14.31 11.37
N VAL A 73 -1.91 14.68 12.30
CA VAL A 73 -2.43 13.73 13.27
C VAL A 73 -3.78 13.18 12.79
N LEU A 74 -3.91 11.87 12.84
CA LEU A 74 -5.14 11.22 12.36
C LEU A 74 -5.76 10.38 13.47
N ASP A 75 -7.03 10.62 13.73
CA ASP A 75 -7.72 9.94 14.82
C ASP A 75 -8.51 8.75 14.30
N VAL A 76 -9.15 8.04 15.21
CA VAL A 76 -9.85 6.81 14.89
C VAL A 76 -11.21 7.11 14.24
N GLY A 77 -11.52 6.38 13.19
CA GLY A 77 -12.79 6.55 12.51
C GLY A 77 -12.68 7.47 11.31
N GLU A 78 -11.52 8.10 11.16
CA GLU A 78 -11.30 8.99 10.04
C GLU A 78 -10.98 8.21 8.78
N GLU A 79 -10.97 8.93 7.67
CA GLU A 79 -10.68 8.33 6.38
C GLU A 79 -9.37 8.88 5.84
N VAL A 80 -8.53 8.00 5.32
CA VAL A 80 -7.23 8.41 4.83
C VAL A 80 -7.00 7.96 3.40
N SER A 81 -6.17 8.70 2.69
CA SER A 81 -5.79 8.35 1.34
C SER A 81 -4.32 7.91 1.34
N VAL A 82 -4.05 6.72 0.83
CA VAL A 82 -2.69 6.20 0.77
C VAL A 82 -1.89 6.96 -0.27
N LYS A 83 -1.01 7.83 0.18
CA LYS A 83 -0.29 8.71 -0.70
C LYS A 83 1.06 8.11 -1.11
N ALA A 84 1.77 7.56 -0.14
CA ALA A 84 3.10 7.02 -0.39
C ALA A 84 3.43 5.87 0.55
N ILE A 85 4.65 5.34 0.42
CA ILE A 85 5.08 4.20 1.24
C ILE A 85 6.41 4.50 1.92
N GLU A 86 6.58 4.04 3.15
CA GLU A 86 7.83 4.17 3.86
C GLU A 86 8.11 2.88 4.65
N GLY A 87 8.81 1.95 4.01
CA GLY A 87 9.08 0.67 4.62
C GLY A 87 7.83 -0.20 4.67
N VAL A 88 7.41 -0.57 5.87
CA VAL A 88 6.18 -1.32 6.06
C VAL A 88 5.07 -0.39 6.54
N LYS A 89 5.38 0.90 6.55
CA LYS A 89 4.43 1.92 6.96
C LYS A 89 3.97 2.70 5.75
N LEU A 90 2.68 3.02 5.69
CA LEU A 90 2.16 3.80 4.59
C LEU A 90 2.11 5.27 4.98
N VAL A 91 2.29 6.12 4.00
CA VAL A 91 2.18 7.56 4.20
C VAL A 91 0.82 7.99 3.71
N VAL A 92 -0.06 8.34 4.63
CA VAL A 92 -1.45 8.63 4.29
C VAL A 92 -1.80 10.08 4.58
N GLU A 93 -2.79 10.57 3.86
CA GLU A 93 -3.31 11.91 4.07
C GLU A 93 -4.76 11.84 4.49
N LYS A 94 -5.27 12.93 5.05
CA LYS A 94 -6.65 12.97 5.49
C LYS A 94 -7.56 13.16 4.30
N LEU A 95 -8.50 12.26 4.15
CA LEU A 95 -9.43 12.29 3.04
C LEU A 95 -10.66 13.10 3.41
N GLU A 96 -11.08 13.96 2.50
CA GLU A 96 -12.20 14.83 2.74
C GLU A 96 -13.28 14.59 1.70
N GLU A 97 -14.51 14.44 2.16
CA GLU A 97 -15.63 14.16 1.26
C GLU A 97 -16.11 15.47 0.65
N GLN A 98 -16.20 15.49 -0.67
CA GLN A 98 -16.58 16.69 -1.41
C GLN A 98 -18.08 16.91 -1.32
N LYS A 99 -18.83 15.81 -1.30
CA LYS A 99 -20.28 15.83 -1.25
C LYS A 99 -20.85 16.54 -2.49
N GLY A 100 -20.74 15.88 -3.62
CA GLY A 100 -21.25 16.44 -4.86
C GLY A 100 -20.34 16.12 -6.03
N SER A 101 -19.67 17.14 -6.54
CA SER A 101 -18.77 16.99 -7.67
C SER A 101 -17.54 17.88 -7.50
N MET A 1 -32.55 6.07 -61.97
CA MET A 1 -31.33 5.91 -62.76
C MET A 1 -30.10 6.27 -61.94
N GLY A 2 -29.06 5.47 -62.05
CA GLY A 2 -27.82 5.76 -61.34
C GLY A 2 -26.64 5.05 -61.97
N SER A 3 -25.44 5.54 -61.69
CA SER A 3 -24.23 4.94 -62.23
C SER A 3 -23.88 3.66 -61.47
N SER A 4 -24.14 2.53 -62.10
CA SER A 4 -23.85 1.23 -61.50
C SER A 4 -22.35 1.01 -61.37
N HIS A 5 -21.86 1.05 -60.14
CA HIS A 5 -20.43 0.90 -59.89
C HIS A 5 -20.16 -0.21 -58.88
N HIS A 6 -19.58 -1.29 -59.38
CA HIS A 6 -19.22 -2.44 -58.56
C HIS A 6 -18.13 -3.24 -59.24
N HIS A 7 -17.02 -3.43 -58.54
CA HIS A 7 -15.87 -4.12 -59.11
C HIS A 7 -15.56 -5.40 -58.36
N HIS A 8 -14.67 -6.21 -58.92
CA HIS A 8 -14.29 -7.47 -58.30
C HIS A 8 -13.30 -7.22 -57.17
N HIS A 9 -13.33 -8.09 -56.17
CA HIS A 9 -12.40 -7.99 -55.06
C HIS A 9 -11.92 -9.38 -54.67
N HIS A 10 -10.63 -9.50 -54.37
CA HIS A 10 -10.03 -10.79 -54.07
C HIS A 10 -9.31 -10.76 -52.71
N SER A 11 -9.02 -11.93 -52.17
CA SER A 11 -8.36 -12.03 -50.88
C SER A 11 -6.86 -11.77 -51.02
N SER A 12 -6.43 -10.59 -50.60
CA SER A 12 -5.04 -10.22 -50.68
C SER A 12 -4.40 -10.22 -49.29
N GLY A 13 -3.32 -10.95 -49.12
CA GLY A 13 -2.64 -11.00 -47.84
C GLY A 13 -1.52 -12.01 -47.81
N ARG A 14 -0.88 -12.13 -46.66
CA ARG A 14 0.22 -13.07 -46.48
C ARG A 14 0.19 -13.62 -45.05
N GLU A 15 0.52 -14.91 -44.92
CA GLU A 15 0.54 -15.57 -43.63
C GLU A 15 1.92 -15.48 -42.99
N ASN A 16 2.03 -15.89 -41.74
CA ASN A 16 3.30 -15.90 -41.04
C ASN A 16 3.36 -17.14 -40.15
N LEU A 17 4.50 -17.36 -39.52
CA LEU A 17 4.69 -18.53 -38.66
C LEU A 17 4.45 -18.17 -37.19
N TYR A 18 4.99 -18.98 -36.29
CA TYR A 18 4.76 -18.81 -34.86
C TYR A 18 5.68 -17.76 -34.27
N PHE A 19 5.28 -17.20 -33.14
CA PHE A 19 6.13 -16.31 -32.37
C PHE A 19 6.43 -16.96 -31.03
N GLN A 20 7.64 -17.48 -30.90
CA GLN A 20 8.02 -18.27 -29.73
C GLN A 20 8.25 -17.40 -28.50
N GLY A 21 8.29 -16.08 -28.70
CA GLY A 21 8.44 -15.16 -27.58
C GLY A 21 9.89 -15.04 -27.10
N HIS A 22 10.71 -15.98 -27.53
CA HIS A 22 12.12 -15.98 -27.17
C HIS A 22 12.85 -14.85 -27.88
N MET A 23 13.04 -13.76 -27.15
CA MET A 23 13.78 -12.61 -27.65
C MET A 23 14.19 -11.72 -26.48
N ALA A 24 13.20 -11.05 -25.90
CA ALA A 24 13.42 -10.17 -24.77
C ALA A 24 12.11 -9.90 -24.07
N ALA A 25 12.14 -9.08 -23.02
CA ALA A 25 10.94 -8.73 -22.26
C ALA A 25 10.37 -9.96 -21.57
N ARG A 26 11.22 -10.95 -21.35
CA ARG A 26 10.79 -12.19 -20.74
C ARG A 26 10.90 -12.07 -19.23
N ILE A 27 9.76 -11.84 -18.59
CA ILE A 27 9.72 -11.64 -17.15
C ILE A 27 10.21 -12.87 -16.40
N THR A 28 10.95 -12.61 -15.32
CA THR A 28 11.44 -13.67 -14.46
C THR A 28 11.23 -13.27 -13.00
N GLY A 29 10.39 -14.02 -12.30
CA GLY A 29 10.12 -13.71 -10.91
C GLY A 29 11.11 -14.35 -9.97
N GLU A 30 11.48 -13.63 -8.93
CA GLU A 30 12.42 -14.12 -7.95
C GLU A 30 11.70 -14.46 -6.65
N PRO A 31 12.11 -15.54 -5.97
CA PRO A 31 11.52 -15.95 -4.69
C PRO A 31 11.69 -14.89 -3.60
N SER A 32 10.60 -14.29 -3.19
CA SER A 32 10.61 -13.28 -2.15
C SER A 32 9.33 -13.38 -1.32
N LYS A 33 9.17 -12.47 -0.37
CA LYS A 33 7.98 -12.47 0.48
C LYS A 33 6.89 -11.61 -0.14
N LYS A 34 5.85 -11.30 0.65
CA LYS A 34 4.71 -10.53 0.17
C LYS A 34 5.16 -9.25 -0.53
N ALA A 35 4.99 -9.24 -1.84
CA ALA A 35 5.43 -8.12 -2.66
C ALA A 35 4.44 -6.98 -2.59
N VAL A 36 4.93 -5.76 -2.77
CA VAL A 36 4.08 -4.59 -2.76
C VAL A 36 3.71 -4.18 -4.18
N SER A 37 2.42 -4.00 -4.40
CA SER A 37 1.91 -3.58 -5.69
C SER A 37 1.48 -2.10 -5.63
N ASP A 38 1.66 -1.39 -6.73
CA ASP A 38 1.41 0.04 -6.78
C ASP A 38 -0.08 0.34 -6.94
N ARG A 39 -0.89 -0.71 -7.05
CA ARG A 39 -2.34 -0.55 -7.18
C ARG A 39 -2.98 -0.16 -5.85
N LEU A 40 -2.15 -0.08 -4.81
CA LEU A 40 -2.61 0.36 -3.50
C LEU A 40 -2.45 1.87 -3.35
N ILE A 41 -1.77 2.48 -4.32
CA ILE A 41 -1.53 3.91 -4.30
C ILE A 41 -2.74 4.65 -4.84
N GLY A 42 -3.27 5.56 -4.04
CA GLY A 42 -4.44 6.32 -4.45
C GLY A 42 -5.72 5.71 -3.91
N ARG A 43 -5.57 4.71 -3.07
CA ARG A 43 -6.71 4.08 -2.43
C ARG A 43 -7.05 4.81 -1.14
N LYS A 44 -8.28 4.66 -0.69
CA LYS A 44 -8.72 5.26 0.54
C LYS A 44 -8.59 4.25 1.67
N GLY A 45 -8.24 4.74 2.83
CA GLY A 45 -8.09 3.89 3.99
C GLY A 45 -8.84 4.45 5.17
N VAL A 46 -9.05 3.62 6.17
CA VAL A 46 -9.74 4.02 7.37
C VAL A 46 -8.82 3.90 8.58
N VAL A 47 -8.94 4.83 9.52
CA VAL A 47 -8.10 4.82 10.70
C VAL A 47 -8.70 3.93 11.77
N MET A 48 -8.01 2.84 12.07
CA MET A 48 -8.46 1.90 13.08
C MET A 48 -7.78 2.18 14.41
N GLU A 49 -6.53 2.61 14.34
CA GLU A 49 -5.78 2.98 15.53
C GLU A 49 -5.27 4.41 15.38
N ALA A 50 -5.28 5.15 16.48
CA ALA A 50 -4.97 6.58 16.47
C ALA A 50 -3.60 6.85 15.88
N ILE A 51 -3.58 7.68 14.83
CA ILE A 51 -2.34 8.06 14.18
C ILE A 51 -1.86 9.40 14.75
N SER A 52 -0.67 9.41 15.33
CA SER A 52 -0.15 10.62 15.94
C SER A 52 1.28 10.89 15.49
N PRO A 53 1.75 12.13 15.70
CA PRO A 53 3.15 12.51 15.49
C PRO A 53 4.08 11.83 16.49
N GLN A 54 3.49 11.14 17.46
CA GLN A 54 4.25 10.42 18.47
C GLN A 54 4.43 8.96 18.05
N ASN A 55 3.31 8.29 17.80
CA ASN A 55 3.35 6.89 17.42
C ASN A 55 2.46 6.68 16.20
N SER A 56 2.94 5.87 15.27
CA SER A 56 2.21 5.60 14.03
C SER A 56 0.94 4.82 14.34
N GLY A 57 -0.09 5.08 13.56
CA GLY A 57 -1.36 4.44 13.79
C GLY A 57 -1.58 3.26 12.86
N LEU A 58 -2.78 2.70 12.89
CA LEU A 58 -3.09 1.55 12.07
C LEU A 58 -4.26 1.83 11.16
N VAL A 59 -4.07 1.59 9.88
CA VAL A 59 -5.12 1.76 8.89
C VAL A 59 -5.39 0.44 8.20
N LYS A 60 -6.63 0.20 7.80
CA LYS A 60 -6.95 -1.05 7.15
C LYS A 60 -7.28 -0.80 5.69
N VAL A 61 -6.39 -1.23 4.83
CA VAL A 61 -6.55 -1.03 3.40
C VAL A 61 -7.34 -2.18 2.78
N ASP A 62 -8.66 -1.99 2.75
CA ASP A 62 -9.60 -2.95 2.16
C ASP A 62 -9.70 -4.23 2.97
N GLY A 63 -8.62 -4.99 3.00
CA GLY A 63 -8.61 -6.24 3.73
C GLY A 63 -7.26 -6.55 4.37
N GLU A 64 -6.37 -5.56 4.39
CA GLU A 64 -5.06 -5.74 5.01
C GLU A 64 -4.81 -4.65 6.06
N THR A 65 -4.14 -5.01 7.14
CA THR A 65 -3.81 -4.05 8.18
C THR A 65 -2.37 -3.56 8.04
N TRP A 66 -2.23 -2.25 7.89
CA TRP A 66 -0.92 -1.63 7.73
C TRP A 66 -0.78 -0.46 8.71
N ARG A 67 0.45 0.01 8.91
CA ARG A 67 0.66 1.17 9.74
C ARG A 67 0.48 2.44 8.91
N ALA A 68 0.46 3.57 9.58
CA ALA A 68 0.32 4.84 8.88
C ALA A 68 0.98 5.97 9.66
N THR A 69 1.64 6.86 8.93
CA THR A 69 2.25 8.04 9.51
C THR A 69 1.65 9.30 8.91
N SER A 70 1.32 10.25 9.76
CA SER A 70 0.72 11.50 9.32
C SER A 70 1.34 12.66 10.08
N GLY A 71 1.07 13.88 9.62
CA GLY A 71 1.57 15.06 10.29
C GLY A 71 0.56 15.59 11.30
N THR A 72 -0.67 15.16 11.15
CA THR A 72 -1.73 15.54 12.05
C THR A 72 -2.27 14.32 12.78
N VAL A 73 -2.95 14.53 13.90
CA VAL A 73 -3.52 13.44 14.66
C VAL A 73 -4.80 12.94 14.00
N LEU A 74 -4.82 11.67 13.64
CA LEU A 74 -5.97 11.06 13.00
C LEU A 74 -6.59 10.06 13.95
N ASP A 75 -7.87 10.25 14.25
CA ASP A 75 -8.55 9.42 15.22
C ASP A 75 -9.25 8.26 14.54
N VAL A 76 -9.86 7.40 15.33
CA VAL A 76 -10.50 6.19 14.82
C VAL A 76 -11.78 6.53 14.08
N GLY A 77 -11.86 6.08 12.84
CA GLY A 77 -13.05 6.32 12.05
C GLY A 77 -12.84 7.39 11.00
N GLU A 78 -11.62 7.90 10.91
CA GLU A 78 -11.29 8.86 9.88
C GLU A 78 -11.03 8.17 8.54
N GLU A 79 -11.03 8.98 7.51
CA GLU A 79 -10.78 8.52 6.15
C GLU A 79 -9.46 9.11 5.66
N VAL A 80 -8.54 8.25 5.25
CA VAL A 80 -7.24 8.74 4.80
C VAL A 80 -6.96 8.34 3.36
N SER A 81 -6.26 9.18 2.64
CA SER A 81 -5.80 8.88 1.30
C SER A 81 -4.34 8.44 1.34
N VAL A 82 -4.07 7.28 0.77
CA VAL A 82 -2.71 6.75 0.76
C VAL A 82 -1.91 7.38 -0.38
N LYS A 83 -0.91 8.18 -0.01
CA LYS A 83 -0.07 8.85 -0.98
C LYS A 83 1.06 7.94 -1.44
N ALA A 84 1.72 7.29 -0.48
CA ALA A 84 2.84 6.41 -0.78
C ALA A 84 2.98 5.34 0.28
N ILE A 85 3.64 4.24 -0.07
CA ILE A 85 3.88 3.16 0.85
C ILE A 85 5.32 3.21 1.35
N GLU A 86 5.50 3.09 2.65
CA GLU A 86 6.82 3.20 3.26
C GLU A 86 7.12 1.95 4.09
N GLY A 87 7.52 0.88 3.40
CA GLY A 87 7.77 -0.37 4.08
C GLY A 87 6.50 -1.05 4.51
N VAL A 88 6.32 -1.20 5.82
CA VAL A 88 5.12 -1.82 6.37
C VAL A 88 4.18 -0.78 6.95
N LYS A 89 4.50 0.48 6.72
CA LYS A 89 3.64 1.57 7.13
C LYS A 89 3.36 2.46 5.92
N LEU A 90 2.24 3.18 5.95
CA LEU A 90 1.83 3.97 4.81
C LEU A 90 1.97 5.46 5.11
N VAL A 91 2.25 6.23 4.06
CA VAL A 91 2.24 7.68 4.15
C VAL A 91 0.88 8.19 3.70
N VAL A 92 0.09 8.63 4.64
CA VAL A 92 -1.29 9.00 4.36
C VAL A 92 -1.59 10.41 4.85
N GLU A 93 -2.65 10.99 4.31
CA GLU A 93 -3.11 12.29 4.74
C GLU A 93 -4.60 12.25 4.98
N LYS A 94 -5.10 13.22 5.72
CA LYS A 94 -6.52 13.29 6.04
C LYS A 94 -7.29 13.72 4.80
N LEU A 95 -8.44 13.09 4.57
CA LEU A 95 -9.32 13.48 3.47
C LEU A 95 -9.73 14.95 3.63
N GLU A 96 -9.99 15.58 2.49
CA GLU A 96 -10.32 16.99 2.47
C GLU A 96 -11.79 17.23 2.83
N GLU A 97 -12.01 18.11 3.79
CA GLU A 97 -13.35 18.51 4.16
C GLU A 97 -13.73 19.79 3.40
N GLN A 98 -14.54 19.64 2.38
CA GLN A 98 -14.94 20.76 1.55
C GLN A 98 -16.36 21.21 1.87
N LYS A 99 -16.58 22.51 1.87
CA LYS A 99 -17.87 23.07 2.25
C LYS A 99 -18.45 23.90 1.10
N GLY A 100 -17.87 23.73 -0.08
CA GLY A 100 -18.34 24.47 -1.25
C GLY A 100 -17.50 25.69 -1.49
N SER A 101 -17.05 26.33 -0.42
CA SER A 101 -16.19 27.49 -0.51
C SER A 101 -14.73 27.06 -0.62
N MET A 1 -34.00 -11.83 -39.15
CA MET A 1 -32.63 -12.18 -39.56
C MET A 1 -31.83 -12.67 -38.35
N GLY A 2 -31.28 -13.88 -38.47
CA GLY A 2 -30.50 -14.44 -37.38
C GLY A 2 -31.37 -15.18 -36.38
N SER A 3 -32.09 -16.18 -36.86
CA SER A 3 -32.97 -16.96 -36.01
C SER A 3 -32.16 -17.81 -35.04
N SER A 4 -32.18 -17.45 -33.77
CA SER A 4 -31.44 -18.16 -32.75
C SER A 4 -32.20 -19.39 -32.26
N HIS A 5 -31.49 -20.49 -32.09
CA HIS A 5 -32.08 -21.74 -31.64
C HIS A 5 -31.48 -22.15 -30.31
N HIS A 6 -32.28 -22.08 -29.25
CA HIS A 6 -31.80 -22.40 -27.91
C HIS A 6 -32.43 -23.67 -27.37
N HIS A 7 -31.59 -24.61 -27.00
CA HIS A 7 -32.01 -25.84 -26.33
C HIS A 7 -30.81 -26.46 -25.62
N HIS A 8 -30.94 -26.69 -24.32
CA HIS A 8 -29.89 -27.33 -23.54
C HIS A 8 -30.35 -28.69 -23.08
N HIS A 9 -29.67 -29.74 -23.52
CA HIS A 9 -29.98 -31.08 -23.07
C HIS A 9 -28.99 -31.52 -21.99
N HIS A 10 -29.37 -31.32 -20.75
CA HIS A 10 -28.53 -31.70 -19.63
C HIS A 10 -28.96 -33.09 -19.16
N SER A 11 -28.22 -34.11 -19.58
CA SER A 11 -28.58 -35.49 -19.31
C SER A 11 -28.44 -35.83 -17.84
N SER A 12 -29.48 -36.44 -17.29
CA SER A 12 -29.47 -36.89 -15.91
C SER A 12 -28.83 -38.27 -15.82
N GLY A 13 -27.82 -38.40 -14.99
CA GLY A 13 -27.13 -39.67 -14.84
C GLY A 13 -26.62 -39.86 -13.43
N ARG A 14 -27.47 -40.43 -12.59
CA ARG A 14 -27.10 -40.66 -11.20
C ARG A 14 -26.64 -42.09 -11.01
N GLU A 15 -25.34 -42.26 -10.84
CA GLU A 15 -24.76 -43.57 -10.61
C GLU A 15 -23.59 -43.42 -9.65
N ASN A 16 -23.17 -44.52 -9.05
CA ASN A 16 -22.05 -44.51 -8.11
C ASN A 16 -20.75 -44.19 -8.84
N LEU A 17 -20.22 -42.99 -8.62
CA LEU A 17 -18.97 -42.61 -9.24
C LEU A 17 -17.81 -43.30 -8.54
N TYR A 18 -17.54 -44.53 -8.95
CA TYR A 18 -16.45 -45.33 -8.41
C TYR A 18 -15.67 -45.95 -9.56
N PHE A 19 -16.12 -45.68 -10.78
CA PHE A 19 -15.54 -46.29 -11.97
C PHE A 19 -14.36 -45.46 -12.45
N GLN A 20 -13.35 -45.34 -11.60
CA GLN A 20 -12.13 -44.62 -11.92
C GLN A 20 -11.01 -45.13 -11.03
N GLY A 21 -10.26 -46.10 -11.51
CA GLY A 21 -9.29 -46.77 -10.67
C GLY A 21 -7.86 -46.59 -11.13
N HIS A 22 -7.58 -45.48 -11.80
CA HIS A 22 -6.22 -45.17 -12.22
C HIS A 22 -5.99 -43.68 -12.26
N MET A 23 -5.26 -43.19 -11.27
CA MET A 23 -4.93 -41.77 -11.18
C MET A 23 -3.43 -41.59 -11.14
N ALA A 24 -2.90 -40.93 -12.15
CA ALA A 24 -1.47 -40.63 -12.23
C ALA A 24 -1.25 -39.35 -13.02
N ALA A 25 -1.10 -38.24 -12.33
CA ALA A 25 -0.91 -36.96 -12.98
C ALA A 25 0.10 -36.11 -12.24
N ARG A 26 0.60 -35.08 -12.92
CA ARG A 26 1.52 -34.14 -12.30
C ARG A 26 0.95 -32.73 -12.40
N ILE A 27 0.72 -32.14 -11.25
CA ILE A 27 -0.04 -30.90 -11.16
C ILE A 27 0.86 -29.67 -11.32
N THR A 28 0.49 -28.81 -12.25
CA THR A 28 1.17 -27.54 -12.42
C THR A 28 0.46 -26.48 -11.56
N GLY A 29 1.15 -25.98 -10.56
CA GLY A 29 0.54 -25.02 -9.67
C GLY A 29 1.28 -23.70 -9.64
N GLU A 30 0.56 -22.64 -9.29
CA GLU A 30 1.15 -21.32 -9.16
C GLU A 30 0.95 -20.80 -7.74
N PRO A 31 1.88 -21.16 -6.82
CA PRO A 31 1.80 -20.73 -5.42
C PRO A 31 1.98 -19.22 -5.28
N SER A 32 0.87 -18.52 -5.18
CA SER A 32 0.89 -17.06 -5.14
C SER A 32 0.71 -16.54 -3.73
N LYS A 33 1.76 -15.94 -3.19
CA LYS A 33 1.66 -15.26 -1.91
C LYS A 33 1.29 -13.80 -2.15
N LYS A 34 1.25 -13.01 -1.10
CA LYS A 34 0.85 -11.62 -1.21
C LYS A 34 2.07 -10.72 -1.32
N ALA A 35 2.21 -10.08 -2.46
CA ALA A 35 3.32 -9.16 -2.69
C ALA A 35 2.85 -7.72 -2.47
N VAL A 36 3.80 -6.81 -2.31
CA VAL A 36 3.46 -5.41 -2.08
C VAL A 36 3.21 -4.71 -3.40
N SER A 37 1.98 -4.26 -3.60
CA SER A 37 1.59 -3.59 -4.82
C SER A 37 1.43 -2.09 -4.57
N ASP A 38 1.81 -1.28 -5.56
CA ASP A 38 1.73 0.17 -5.43
C ASP A 38 0.33 0.66 -5.74
N ARG A 39 -0.57 -0.27 -6.08
CA ARG A 39 -1.93 0.10 -6.45
C ARG A 39 -2.76 0.40 -5.21
N LEU A 40 -2.11 0.41 -4.07
CA LEU A 40 -2.74 0.85 -2.83
C LEU A 40 -2.69 2.38 -2.77
N ILE A 41 -1.85 2.95 -3.62
CA ILE A 41 -1.71 4.40 -3.70
C ILE A 41 -2.89 5.01 -4.44
N GLY A 42 -3.56 5.95 -3.79
CA GLY A 42 -4.73 6.55 -4.37
C GLY A 42 -6.00 5.93 -3.87
N ARG A 43 -5.87 4.94 -2.99
CA ARG A 43 -7.02 4.29 -2.39
C ARG A 43 -7.35 4.96 -1.06
N LYS A 44 -8.60 4.87 -0.67
CA LYS A 44 -9.06 5.40 0.60
C LYS A 44 -8.85 4.37 1.69
N GLY A 45 -8.49 4.83 2.87
CA GLY A 45 -8.32 3.96 4.00
C GLY A 45 -9.00 4.51 5.23
N VAL A 46 -9.21 3.66 6.21
CA VAL A 46 -9.88 4.05 7.43
C VAL A 46 -8.93 3.89 8.62
N VAL A 47 -9.03 4.80 9.57
CA VAL A 47 -8.14 4.80 10.72
C VAL A 47 -8.70 3.91 11.83
N MET A 48 -8.04 2.79 12.07
CA MET A 48 -8.44 1.85 13.11
C MET A 48 -7.68 2.16 14.40
N GLU A 49 -6.47 2.67 14.25
CA GLU A 49 -5.68 3.09 15.38
C GLU A 49 -5.13 4.48 15.11
N ALA A 50 -5.13 5.32 16.13
CA ALA A 50 -4.76 6.73 16.00
C ALA A 50 -3.35 6.89 15.46
N ILE A 51 -3.20 7.78 14.50
CA ILE A 51 -1.92 8.04 13.88
C ILE A 51 -1.31 9.31 14.46
N SER A 52 -0.18 9.17 15.14
CA SER A 52 0.49 10.31 15.73
C SER A 52 1.94 10.37 15.25
N PRO A 53 2.62 11.50 15.46
CA PRO A 53 4.01 11.70 15.03
C PRO A 53 4.98 10.75 15.71
N GLN A 54 4.69 10.44 16.98
CA GLN A 54 5.56 9.57 17.76
C GLN A 54 5.24 8.10 17.54
N ASN A 55 3.97 7.75 17.53
CA ASN A 55 3.57 6.35 17.39
C ASN A 55 2.66 6.16 16.20
N SER A 56 3.03 5.24 15.32
CA SER A 56 2.30 5.00 14.08
C SER A 56 0.89 4.49 14.37
N GLY A 57 -0.02 4.79 13.44
CA GLY A 57 -1.38 4.33 13.58
C GLY A 57 -1.66 3.15 12.66
N LEU A 58 -2.88 2.63 12.71
CA LEU A 58 -3.24 1.47 11.90
C LEU A 58 -4.40 1.81 10.97
N VAL A 59 -4.18 1.56 9.68
CA VAL A 59 -5.21 1.72 8.67
C VAL A 59 -5.54 0.35 8.11
N LYS A 60 -6.70 0.21 7.52
CA LYS A 60 -7.10 -1.08 6.96
C LYS A 60 -7.53 -0.92 5.52
N VAL A 61 -6.84 -1.61 4.63
CA VAL A 61 -7.14 -1.57 3.21
C VAL A 61 -7.74 -2.89 2.76
N ASP A 62 -9.06 -2.88 2.57
CA ASP A 62 -9.81 -4.06 2.11
C ASP A 62 -9.82 -5.16 3.17
N GLY A 63 -8.70 -5.84 3.32
CA GLY A 63 -8.63 -6.93 4.27
C GLY A 63 -7.31 -6.95 5.03
N GLU A 64 -6.43 -6.01 4.71
CA GLU A 64 -5.13 -5.95 5.36
C GLU A 64 -5.00 -4.72 6.25
N THR A 65 -4.42 -4.90 7.42
CA THR A 65 -4.16 -3.80 8.33
C THR A 65 -2.70 -3.35 8.19
N TRP A 66 -2.54 -2.09 7.83
CA TRP A 66 -1.22 -1.52 7.63
C TRP A 66 -0.97 -0.40 8.62
N ARG A 67 0.29 -0.06 8.83
CA ARG A 67 0.63 1.05 9.69
C ARG A 67 0.60 2.33 8.88
N ALA A 68 0.51 3.46 9.54
CA ALA A 68 0.50 4.73 8.85
C ALA A 68 1.20 5.81 9.64
N THR A 69 1.85 6.72 8.92
CA THR A 69 2.51 7.86 9.52
C THR A 69 2.14 9.13 8.77
N SER A 70 1.95 10.22 9.48
CA SER A 70 1.60 11.49 8.87
C SER A 70 2.10 12.62 9.75
N GLY A 71 2.22 13.81 9.17
CA GLY A 71 2.63 14.96 9.94
C GLY A 71 1.53 15.44 10.86
N THR A 72 0.29 15.13 10.48
CA THR A 72 -0.87 15.49 11.28
C THR A 72 -1.37 14.30 12.09
N VAL A 73 -1.86 14.56 13.29
CA VAL A 73 -2.41 13.51 14.12
C VAL A 73 -3.83 13.15 13.64
N LEU A 74 -4.06 11.85 13.48
CA LEU A 74 -5.33 11.38 12.95
C LEU A 74 -6.00 10.44 13.93
N ASP A 75 -7.27 10.70 14.22
CA ASP A 75 -7.99 9.93 15.22
C ASP A 75 -8.68 8.73 14.60
N VAL A 76 -9.11 7.81 15.45
CA VAL A 76 -9.78 6.60 15.00
C VAL A 76 -11.14 6.95 14.41
N GLY A 77 -11.50 6.26 13.32
CA GLY A 77 -12.78 6.50 12.68
C GLY A 77 -12.65 7.41 11.48
N GLU A 78 -11.48 8.03 11.33
CA GLU A 78 -11.25 8.92 10.22
C GLU A 78 -10.94 8.17 8.94
N GLU A 79 -10.86 8.90 7.85
CA GLU A 79 -10.55 8.35 6.55
C GLU A 79 -9.31 9.01 5.99
N VAL A 80 -8.43 8.24 5.37
CA VAL A 80 -7.18 8.78 4.87
C VAL A 80 -6.92 8.36 3.43
N SER A 81 -6.11 9.16 2.75
CA SER A 81 -5.69 8.86 1.39
C SER A 81 -4.26 8.34 1.41
N VAL A 82 -4.05 7.14 0.90
CA VAL A 82 -2.72 6.56 0.86
C VAL A 82 -1.91 7.17 -0.27
N LYS A 83 -0.92 7.98 0.09
CA LYS A 83 -0.16 8.72 -0.89
C LYS A 83 1.15 8.01 -1.24
N ALA A 84 1.75 7.35 -0.26
CA ALA A 84 3.01 6.65 -0.48
C ALA A 84 3.17 5.46 0.47
N ILE A 85 3.98 4.51 0.07
CA ILE A 85 4.30 3.36 0.91
C ILE A 85 5.76 3.44 1.33
N GLU A 86 6.03 3.23 2.60
CA GLU A 86 7.39 3.36 3.10
C GLU A 86 7.63 2.41 4.28
N GLY A 87 8.23 1.26 3.96
CA GLY A 87 8.51 0.27 4.99
C GLY A 87 7.28 -0.57 5.29
N VAL A 88 6.87 -0.58 6.56
CA VAL A 88 5.69 -1.33 6.96
C VAL A 88 4.55 -0.35 7.23
N LYS A 89 4.82 0.93 7.01
CA LYS A 89 3.83 1.97 7.24
C LYS A 89 3.59 2.79 5.99
N LEU A 90 2.38 3.32 5.88
CA LEU A 90 2.00 4.11 4.73
C LEU A 90 2.08 5.60 5.06
N VAL A 91 2.36 6.40 4.04
CA VAL A 91 2.34 7.84 4.17
C VAL A 91 0.97 8.33 3.70
N VAL A 92 0.14 8.75 4.64
CA VAL A 92 -1.24 9.07 4.32
C VAL A 92 -1.58 10.52 4.64
N GLU A 93 -2.65 10.99 4.03
CA GLU A 93 -3.20 12.31 4.32
C GLU A 93 -4.61 12.13 4.83
N LYS A 94 -5.15 13.12 5.53
CA LYS A 94 -6.54 13.05 5.91
C LYS A 94 -7.40 13.22 4.67
N LEU A 95 -8.48 12.46 4.58
CA LEU A 95 -9.39 12.59 3.47
C LEU A 95 -9.93 14.01 3.39
N GLU A 96 -10.28 14.46 2.21
CA GLU A 96 -10.69 15.84 2.01
C GLU A 96 -11.96 16.15 2.80
N GLU A 97 -11.79 16.99 3.81
CA GLU A 97 -12.90 17.38 4.68
C GLU A 97 -13.42 18.74 4.24
N GLN A 98 -14.69 18.78 3.86
CA GLN A 98 -15.28 19.97 3.28
C GLN A 98 -15.50 21.06 4.33
N LYS A 99 -14.81 22.18 4.17
CA LYS A 99 -14.95 23.31 5.08
C LYS A 99 -16.29 24.00 4.87
N GLY A 100 -16.80 23.90 3.64
CA GLY A 100 -18.01 24.60 3.27
C GLY A 100 -17.93 25.06 1.83
N SER A 101 -16.74 25.49 1.43
CA SER A 101 -16.46 25.85 0.06
C SER A 101 -15.11 25.27 -0.35
N MET A 1 33.43 -11.43 -79.90
CA MET A 1 32.67 -12.25 -80.86
C MET A 1 32.42 -13.64 -80.30
N GLY A 2 31.32 -14.26 -80.69
CA GLY A 2 30.95 -15.55 -80.15
C GLY A 2 30.07 -15.40 -78.93
N SER A 3 28.93 -16.08 -78.92
CA SER A 3 27.99 -15.96 -77.82
C SER A 3 28.46 -16.74 -76.60
N SER A 4 28.94 -16.02 -75.60
CA SER A 4 29.40 -16.63 -74.37
C SER A 4 28.23 -16.77 -73.39
N HIS A 5 27.33 -17.70 -73.70
CA HIS A 5 26.20 -17.98 -72.82
C HIS A 5 26.39 -19.33 -72.15
N HIS A 6 26.21 -19.35 -70.85
CA HIS A 6 26.39 -20.57 -70.08
C HIS A 6 25.49 -20.56 -68.84
N HIS A 7 24.42 -21.32 -68.89
CA HIS A 7 23.55 -21.45 -67.72
C HIS A 7 24.23 -22.36 -66.69
N HIS A 8 24.64 -21.75 -65.59
CA HIS A 8 25.41 -22.45 -64.58
C HIS A 8 24.65 -22.43 -63.26
N HIS A 9 24.26 -23.62 -62.81
CA HIS A 9 23.47 -23.75 -61.60
C HIS A 9 24.05 -24.86 -60.72
N HIS A 10 25.01 -24.48 -59.87
CA HIS A 10 25.66 -25.43 -58.98
C HIS A 10 24.93 -25.49 -57.65
N SER A 11 24.07 -26.48 -57.50
CA SER A 11 23.26 -26.63 -56.30
C SER A 11 23.84 -27.71 -55.40
N SER A 12 24.38 -27.28 -54.27
CA SER A 12 24.90 -28.20 -53.28
C SER A 12 24.74 -27.64 -51.87
N GLY A 13 23.67 -28.05 -51.19
CA GLY A 13 23.48 -27.68 -49.81
C GLY A 13 24.49 -28.40 -48.93
N ARG A 14 24.66 -29.69 -49.23
CA ARG A 14 25.69 -30.53 -48.63
C ARG A 14 25.38 -30.82 -47.16
N GLU A 15 25.71 -29.88 -46.29
CA GLU A 15 25.53 -30.06 -44.86
C GLU A 15 24.94 -28.80 -44.24
N ASN A 16 23.62 -28.68 -44.33
CA ASN A 16 22.90 -27.54 -43.77
C ASN A 16 21.66 -28.01 -43.03
N LEU A 17 21.65 -29.30 -42.69
CA LEU A 17 20.49 -29.91 -42.07
C LEU A 17 20.48 -29.67 -40.57
N TYR A 18 19.95 -28.52 -40.18
CA TYR A 18 19.86 -28.08 -38.78
C TYR A 18 21.23 -27.73 -38.21
N PHE A 19 21.28 -26.61 -37.51
CA PHE A 19 22.49 -26.17 -36.83
C PHE A 19 22.14 -25.11 -35.80
N GLN A 20 21.14 -24.30 -36.12
CA GLN A 20 20.70 -23.25 -35.22
C GLN A 20 19.51 -23.69 -34.39
N GLY A 21 19.69 -23.75 -33.09
CA GLY A 21 18.63 -24.17 -32.21
C GLY A 21 19.08 -24.19 -30.76
N HIS A 22 19.58 -25.35 -30.31
CA HIS A 22 20.10 -25.51 -28.95
C HIS A 22 18.98 -25.31 -27.91
N MET A 23 17.80 -25.85 -28.23
CA MET A 23 16.65 -25.83 -27.32
C MET A 23 16.14 -24.40 -27.08
N ALA A 24 15.10 -24.29 -26.25
CA ALA A 24 14.47 -23.00 -25.98
C ALA A 24 13.54 -23.09 -24.77
N ALA A 25 12.84 -21.97 -24.48
CA ALA A 25 11.87 -21.88 -23.39
C ALA A 25 12.53 -21.84 -22.01
N ARG A 26 12.47 -20.68 -21.38
CA ARG A 26 13.01 -20.51 -20.04
C ARG A 26 12.09 -19.68 -19.16
N ILE A 27 11.86 -20.16 -17.94
CA ILE A 27 11.16 -19.41 -16.93
C ILE A 27 11.84 -19.63 -15.58
N THR A 28 12.48 -18.59 -15.07
CA THR A 28 13.26 -18.69 -13.85
C THR A 28 12.57 -17.94 -12.71
N GLY A 29 13.05 -18.13 -11.49
CA GLY A 29 12.51 -17.41 -10.36
C GLY A 29 11.78 -18.31 -9.40
N GLU A 30 11.37 -17.75 -8.28
CA GLU A 30 10.61 -18.49 -7.28
C GLU A 30 9.22 -17.88 -7.17
N PRO A 31 8.21 -18.70 -6.84
CA PRO A 31 6.84 -18.23 -6.63
C PRO A 31 6.71 -17.39 -5.36
N SER A 32 7.12 -16.12 -5.46
CA SER A 32 7.02 -15.20 -4.33
C SER A 32 5.58 -14.82 -4.10
N LYS A 33 4.99 -15.38 -3.05
CA LYS A 33 3.59 -15.18 -2.76
C LYS A 33 3.38 -13.88 -1.99
N LYS A 34 2.23 -13.24 -2.23
CA LYS A 34 1.91 -11.95 -1.65
C LYS A 34 2.82 -10.86 -2.22
N ALA A 35 2.44 -10.34 -3.37
CA ALA A 35 3.18 -9.24 -3.99
C ALA A 35 2.45 -7.92 -3.77
N VAL A 36 3.16 -6.81 -3.87
CA VAL A 36 2.56 -5.51 -3.64
C VAL A 36 2.29 -4.80 -4.97
N SER A 37 1.03 -4.57 -5.25
CA SER A 37 0.61 -3.92 -6.48
C SER A 37 0.46 -2.41 -6.26
N ASP A 38 0.72 -1.63 -7.31
CA ASP A 38 0.67 -0.17 -7.23
C ASP A 38 -0.77 0.32 -7.22
N ARG A 39 -1.71 -0.61 -7.22
CA ARG A 39 -3.13 -0.27 -7.25
C ARG A 39 -3.61 0.21 -5.89
N LEU A 40 -2.75 0.06 -4.88
CA LEU A 40 -3.10 0.46 -3.52
C LEU A 40 -2.74 1.92 -3.27
N ILE A 41 -1.99 2.51 -4.20
CA ILE A 41 -1.58 3.89 -4.08
C ILE A 41 -2.68 4.81 -4.59
N GLY A 42 -3.17 5.68 -3.74
CA GLY A 42 -4.26 6.55 -4.11
C GLY A 42 -5.61 5.98 -3.71
N ARG A 43 -5.58 4.99 -2.83
CA ARG A 43 -6.81 4.36 -2.35
C ARG A 43 -7.27 5.01 -1.07
N LYS A 44 -8.54 4.84 -0.76
CA LYS A 44 -9.12 5.35 0.46
C LYS A 44 -8.92 4.32 1.58
N GLY A 45 -8.67 4.82 2.77
CA GLY A 45 -8.51 3.97 3.93
C GLY A 45 -9.16 4.60 5.15
N VAL A 46 -9.21 3.84 6.22
CA VAL A 46 -9.87 4.30 7.44
C VAL A 46 -8.92 4.20 8.62
N VAL A 47 -8.99 5.16 9.53
CA VAL A 47 -8.12 5.19 10.69
C VAL A 47 -8.72 4.37 11.83
N MET A 48 -8.10 3.24 12.12
CA MET A 48 -8.56 2.38 13.19
C MET A 48 -7.79 2.67 14.47
N GLU A 49 -6.52 2.98 14.29
CA GLU A 49 -5.65 3.33 15.41
C GLU A 49 -5.11 4.75 15.21
N ALA A 50 -5.13 5.56 16.26
CA ALA A 50 -4.78 6.97 16.17
C ALA A 50 -3.38 7.17 15.57
N ILE A 51 -3.32 7.96 14.52
CA ILE A 51 -2.06 8.21 13.82
C ILE A 51 -1.50 9.57 14.24
N SER A 52 -0.26 9.60 14.69
CA SER A 52 0.37 10.83 15.08
C SER A 52 1.72 10.98 14.40
N PRO A 53 2.25 12.21 14.34
CA PRO A 53 3.57 12.48 13.79
C PRO A 53 4.66 11.66 14.49
N GLN A 54 4.46 11.40 15.78
CA GLN A 54 5.41 10.63 16.57
C GLN A 54 5.18 9.14 16.42
N ASN A 55 3.98 8.69 16.76
CA ASN A 55 3.69 7.27 16.79
C ASN A 55 2.71 6.89 15.70
N SER A 56 3.05 5.87 14.94
CA SER A 56 2.25 5.43 13.80
C SER A 56 0.91 4.86 14.25
N GLY A 57 -0.04 4.84 13.34
CA GLY A 57 -1.34 4.28 13.62
C GLY A 57 -1.64 3.12 12.70
N LEU A 58 -2.91 2.73 12.62
CA LEU A 58 -3.31 1.58 11.82
C LEU A 58 -4.43 1.94 10.87
N VAL A 59 -4.24 1.62 9.61
CA VAL A 59 -5.26 1.80 8.60
C VAL A 59 -5.62 0.43 8.02
N LYS A 60 -6.82 0.31 7.50
CA LYS A 60 -7.28 -0.96 6.95
C LYS A 60 -7.64 -0.79 5.49
N VAL A 61 -6.90 -1.47 4.64
CA VAL A 61 -7.17 -1.44 3.22
C VAL A 61 -7.96 -2.70 2.84
N ASP A 62 -9.22 -2.71 3.30
CA ASP A 62 -10.15 -3.81 3.05
C ASP A 62 -9.72 -5.11 3.71
N GLY A 63 -8.73 -5.77 3.14
CA GLY A 63 -8.32 -7.06 3.62
C GLY A 63 -7.19 -7.00 4.64
N GLU A 64 -6.31 -6.01 4.50
CA GLU A 64 -5.11 -5.94 5.32
C GLU A 64 -5.07 -4.69 6.19
N THR A 65 -4.58 -4.87 7.41
CA THR A 65 -4.36 -3.74 8.31
C THR A 65 -2.88 -3.35 8.27
N TRP A 66 -2.62 -2.10 7.93
CA TRP A 66 -1.26 -1.62 7.75
C TRP A 66 -0.92 -0.53 8.76
N ARG A 67 0.37 -0.37 9.02
CA ARG A 67 0.85 0.73 9.84
C ARG A 67 0.98 1.97 8.99
N ALA A 68 0.62 3.11 9.55
CA ALA A 68 0.63 4.34 8.78
C ALA A 68 1.28 5.48 9.55
N THR A 69 2.04 6.29 8.83
CA THR A 69 2.66 7.48 9.37
C THR A 69 2.08 8.72 8.71
N SER A 70 1.94 9.79 9.48
CA SER A 70 1.40 11.03 8.96
C SER A 70 2.08 12.23 9.61
N GLY A 71 2.02 13.37 8.95
CA GLY A 71 2.57 14.59 9.51
C GLY A 71 1.51 15.39 10.23
N THR A 72 0.34 14.79 10.35
CA THR A 72 -0.78 15.40 11.05
C THR A 72 -1.32 14.43 12.09
N VAL A 73 -2.19 14.91 12.96
CA VAL A 73 -2.81 14.05 13.96
C VAL A 73 -4.14 13.54 13.44
N LEU A 74 -4.20 12.24 13.16
CA LEU A 74 -5.40 11.65 12.58
C LEU A 74 -6.20 10.91 13.64
N ASP A 75 -7.47 11.26 13.75
CA ASP A 75 -8.34 10.72 14.77
C ASP A 75 -8.91 9.39 14.33
N VAL A 76 -9.40 8.61 15.29
CA VAL A 76 -10.00 7.32 15.01
C VAL A 76 -11.35 7.51 14.32
N GLY A 77 -11.57 6.80 13.23
CA GLY A 77 -12.81 6.93 12.49
C GLY A 77 -12.67 7.89 11.32
N GLU A 78 -11.48 8.42 11.14
CA GLU A 78 -11.20 9.30 10.02
C GLU A 78 -10.96 8.52 8.75
N GLU A 79 -11.01 9.25 7.65
CA GLU A 79 -10.81 8.67 6.32
C GLU A 79 -9.54 9.26 5.72
N VAL A 80 -8.63 8.40 5.32
CA VAL A 80 -7.35 8.87 4.82
C VAL A 80 -7.04 8.29 3.44
N SER A 81 -6.22 9.01 2.69
CA SER A 81 -5.75 8.55 1.40
C SER A 81 -4.32 8.05 1.51
N VAL A 82 -4.08 6.85 1.00
CA VAL A 82 -2.73 6.31 0.96
C VAL A 82 -1.96 6.98 -0.16
N LYS A 83 -1.07 7.88 0.21
CA LYS A 83 -0.38 8.72 -0.76
C LYS A 83 0.92 8.07 -1.24
N ALA A 84 1.56 7.33 -0.35
CA ALA A 84 2.81 6.65 -0.68
C ALA A 84 3.14 5.60 0.37
N ILE A 85 4.26 4.91 0.17
CA ILE A 85 4.74 3.92 1.12
C ILE A 85 6.17 4.25 1.52
N GLU A 86 6.47 4.16 2.80
CA GLU A 86 7.81 4.48 3.30
C GLU A 86 8.27 3.39 4.25
N GLY A 87 9.25 2.60 3.83
CA GLY A 87 9.68 1.46 4.59
C GLY A 87 8.70 0.32 4.47
N VAL A 88 8.05 -0.02 5.57
CA VAL A 88 6.98 -1.01 5.57
C VAL A 88 5.69 -0.35 6.06
N LYS A 89 5.74 0.97 6.22
CA LYS A 89 4.60 1.73 6.69
C LYS A 89 4.04 2.60 5.56
N LEU A 90 2.75 2.90 5.65
CA LEU A 90 2.10 3.71 4.65
C LEU A 90 2.20 5.19 5.00
N VAL A 91 2.26 6.01 3.98
CA VAL A 91 2.22 7.44 4.14
C VAL A 91 0.83 7.94 3.76
N VAL A 92 0.00 8.19 4.75
CA VAL A 92 -1.39 8.55 4.50
C VAL A 92 -1.67 9.95 5.02
N GLU A 93 -2.71 10.56 4.48
CA GLU A 93 -3.18 11.83 4.98
C GLU A 93 -4.69 11.94 4.84
N LYS A 94 -5.27 12.77 5.68
CA LYS A 94 -6.72 12.87 5.83
C LYS A 94 -7.39 13.42 4.56
N LEU A 95 -8.56 12.88 4.26
CA LEU A 95 -9.43 13.44 3.22
C LEU A 95 -10.00 14.76 3.68
N GLU A 96 -10.81 15.39 2.84
CA GLU A 96 -11.51 16.61 3.23
C GLU A 96 -10.51 17.76 3.41
N GLU A 97 -9.46 17.75 2.59
CA GLU A 97 -8.48 18.82 2.60
C GLU A 97 -9.17 20.13 2.23
N GLN A 98 -8.65 21.24 2.73
CA GLN A 98 -9.31 22.54 2.58
C GLN A 98 -10.64 22.49 3.34
N LYS A 99 -10.58 21.91 4.54
CA LYS A 99 -11.75 21.73 5.39
C LYS A 99 -12.45 23.06 5.66
N GLY A 100 -13.60 23.24 5.02
CA GLY A 100 -14.32 24.50 5.09
C GLY A 100 -14.46 25.12 3.72
N SER A 101 -13.87 26.29 3.54
CA SER A 101 -13.84 26.94 2.24
C SER A 101 -12.51 27.67 2.06
N MET A 1 2.42 1.93 39.27
CA MET A 1 2.12 2.43 37.91
C MET A 1 2.41 3.93 37.82
N GLY A 2 3.37 4.29 37.00
CA GLY A 2 3.71 5.68 36.83
C GLY A 2 2.86 6.37 35.79
N SER A 3 1.70 6.85 36.22
CA SER A 3 0.80 7.58 35.35
C SER A 3 1.45 8.90 34.92
N SER A 4 1.68 9.78 35.90
CA SER A 4 2.37 11.06 35.70
C SER A 4 1.95 11.76 34.41
N HIS A 5 0.79 12.42 34.43
CA HIS A 5 0.31 13.13 33.25
C HIS A 5 1.01 14.48 33.13
N HIS A 6 2.23 14.47 32.59
CA HIS A 6 2.99 15.68 32.41
C HIS A 6 2.38 16.51 31.28
N HIS A 7 1.79 17.64 31.64
CA HIS A 7 1.17 18.50 30.65
C HIS A 7 2.11 19.59 30.17
N HIS A 8 2.07 19.84 28.88
CA HIS A 8 2.88 20.88 28.27
C HIS A 8 1.96 22.00 27.78
N HIS A 9 2.13 23.21 28.31
CA HIS A 9 1.28 24.32 27.93
C HIS A 9 1.48 24.68 26.47
N HIS A 10 0.48 24.37 25.66
CA HIS A 10 0.53 24.66 24.24
C HIS A 10 -0.02 26.05 23.97
N SER A 11 0.79 27.05 24.30
CA SER A 11 0.44 28.42 24.03
C SER A 11 1.16 28.89 22.78
N SER A 12 0.39 29.17 21.74
CA SER A 12 0.94 29.54 20.45
C SER A 12 1.60 30.92 20.50
N GLY A 13 2.90 30.93 20.82
CA GLY A 13 3.66 32.16 20.77
C GLY A 13 4.01 32.52 19.34
N ARG A 14 4.93 31.75 18.76
CA ARG A 14 5.29 31.91 17.37
C ARG A 14 5.40 30.56 16.68
N GLU A 15 4.59 29.60 17.13
CA GLU A 15 4.59 28.27 16.54
C GLU A 15 3.91 28.31 15.17
N ASN A 16 4.71 28.57 14.15
CA ASN A 16 4.21 28.63 12.79
C ASN A 16 5.20 27.95 11.85
N LEU A 17 4.76 26.89 11.20
CA LEU A 17 5.63 26.15 10.30
C LEU A 17 5.17 26.28 8.86
N TYR A 18 6.01 26.89 8.03
CA TYR A 18 5.73 26.95 6.61
C TYR A 18 5.89 25.57 5.99
N PHE A 19 4.78 24.97 5.61
CA PHE A 19 4.81 23.63 5.08
C PHE A 19 4.92 23.64 3.56
N GLN A 20 6.11 23.35 3.08
CA GLN A 20 6.35 23.22 1.65
C GLN A 20 6.31 21.76 1.26
N GLY A 21 5.28 21.35 0.53
CA GLY A 21 5.13 19.97 0.15
C GLY A 21 6.28 19.46 -0.70
N HIS A 22 7.22 18.79 -0.05
CA HIS A 22 8.34 18.18 -0.75
C HIS A 22 7.98 16.78 -1.22
N MET A 23 8.55 16.37 -2.33
CA MET A 23 8.28 15.05 -2.90
C MET A 23 8.77 13.95 -1.96
N ALA A 24 7.91 12.98 -1.72
CA ALA A 24 8.25 11.85 -0.85
C ALA A 24 9.06 10.81 -1.61
N ALA A 25 9.71 9.92 -0.87
CA ALA A 25 10.53 8.88 -1.45
C ALA A 25 9.69 7.68 -1.88
N ARG A 26 9.86 7.26 -3.11
CA ARG A 26 9.19 6.08 -3.63
C ARG A 26 10.06 4.83 -3.42
N ILE A 27 9.54 3.88 -2.67
CA ILE A 27 10.24 2.61 -2.47
C ILE A 27 9.65 1.54 -3.39
N THR A 28 8.38 1.22 -3.17
CA THR A 28 7.69 0.18 -3.93
C THR A 28 8.15 -1.23 -3.51
N GLY A 29 7.19 -2.10 -3.25
CA GLY A 29 7.50 -3.46 -2.90
C GLY A 29 7.10 -4.42 -4.00
N GLU A 30 7.40 -5.70 -3.81
CA GLU A 30 7.06 -6.71 -4.79
C GLU A 30 5.57 -7.02 -4.79
N PRO A 31 5.03 -7.47 -5.93
CA PRO A 31 3.63 -7.90 -6.05
C PRO A 31 3.31 -9.16 -5.22
N SER A 32 4.34 -9.72 -4.59
CA SER A 32 4.18 -10.91 -3.75
C SER A 32 3.35 -10.57 -2.51
N LYS A 33 2.76 -11.60 -1.91
CA LYS A 33 1.84 -11.40 -0.79
C LYS A 33 2.58 -11.10 0.52
N LYS A 34 3.90 -11.30 0.52
CA LYS A 34 4.71 -11.00 1.69
C LYS A 34 5.46 -9.69 1.50
N ALA A 35 5.07 -8.97 0.46
CA ALA A 35 5.67 -7.68 0.15
C ALA A 35 4.57 -6.63 0.00
N VAL A 36 4.93 -5.37 0.12
CA VAL A 36 3.96 -4.30 0.05
C VAL A 36 3.67 -3.93 -1.40
N SER A 37 2.46 -4.24 -1.83
CA SER A 37 2.01 -3.92 -3.16
C SER A 37 1.53 -2.47 -3.23
N ASP A 38 2.01 -1.73 -4.22
CA ASP A 38 1.75 -0.30 -4.30
C ASP A 38 0.41 -0.01 -4.97
N ARG A 39 -0.47 -1.00 -4.98
CA ARG A 39 -1.83 -0.81 -5.50
C ARG A 39 -2.71 -0.12 -4.46
N LEU A 40 -2.12 0.20 -3.31
CA LEU A 40 -2.84 0.91 -2.27
C LEU A 40 -2.77 2.42 -2.53
N ILE A 41 -1.79 2.81 -3.34
CA ILE A 41 -1.58 4.22 -3.66
C ILE A 41 -2.79 4.80 -4.39
N GLY A 42 -3.35 5.85 -3.82
CA GLY A 42 -4.48 6.51 -4.44
C GLY A 42 -5.82 6.05 -3.92
N ARG A 43 -5.82 4.97 -3.13
CA ARG A 43 -7.06 4.44 -2.60
C ARG A 43 -7.25 4.86 -1.15
N LYS A 44 -8.45 4.63 -0.64
CA LYS A 44 -8.85 5.14 0.66
C LYS A 44 -8.81 4.06 1.72
N GLY A 45 -8.61 4.49 2.95
CA GLY A 45 -8.63 3.61 4.10
C GLY A 45 -9.15 4.32 5.31
N VAL A 46 -9.37 3.58 6.38
CA VAL A 46 -9.93 4.13 7.60
C VAL A 46 -8.93 4.00 8.74
N VAL A 47 -8.89 5.00 9.63
CA VAL A 47 -7.98 5.00 10.75
C VAL A 47 -8.57 4.20 11.92
N MET A 48 -7.97 3.03 12.16
CA MET A 48 -8.41 2.15 13.24
C MET A 48 -7.62 2.44 14.51
N GLU A 49 -6.35 2.76 14.33
CA GLU A 49 -5.49 3.13 15.44
C GLU A 49 -4.91 4.52 15.22
N ALA A 50 -4.88 5.32 16.27
CA ALA A 50 -4.50 6.73 16.17
C ALA A 50 -3.06 6.88 15.69
N ILE A 51 -2.87 7.79 14.75
CA ILE A 51 -1.55 8.03 14.17
C ILE A 51 -0.93 9.27 14.80
N SER A 52 0.24 9.10 15.40
CA SER A 52 0.92 10.21 16.05
C SER A 52 2.32 10.42 15.47
N PRO A 53 2.87 11.62 15.63
CA PRO A 53 4.22 11.96 15.20
C PRO A 53 5.28 11.02 15.75
N GLN A 54 5.08 10.56 16.98
CA GLN A 54 6.03 9.68 17.63
C GLN A 54 5.79 8.21 17.25
N ASN A 55 4.51 7.82 17.17
CA ASN A 55 4.17 6.43 16.93
C ASN A 55 3.12 6.31 15.84
N SER A 56 3.41 5.47 14.85
CA SER A 56 2.51 5.28 13.71
C SER A 56 1.25 4.54 14.15
N GLY A 57 0.19 4.72 13.37
CA GLY A 57 -1.08 4.10 13.69
C GLY A 57 -1.41 2.96 12.76
N LEU A 58 -2.66 2.55 12.77
CA LEU A 58 -3.11 1.41 11.98
C LEU A 58 -4.32 1.79 11.15
N VAL A 59 -4.24 1.52 9.85
CA VAL A 59 -5.35 1.81 8.95
C VAL A 59 -5.72 0.55 8.17
N LYS A 60 -7.00 0.40 7.88
CA LYS A 60 -7.45 -0.73 7.07
C LYS A 60 -7.69 -0.26 5.66
N VAL A 61 -7.03 -0.92 4.72
CA VAL A 61 -7.11 -0.56 3.32
C VAL A 61 -7.38 -1.80 2.49
N ASP A 62 -8.53 -1.80 1.82
CA ASP A 62 -8.92 -2.88 0.90
C ASP A 62 -9.35 -4.15 1.64
N GLY A 63 -8.72 -4.42 2.76
CA GLY A 63 -9.06 -5.58 3.54
C GLY A 63 -8.07 -5.83 4.66
N GLU A 64 -6.84 -5.40 4.45
CA GLU A 64 -5.77 -5.62 5.42
C GLU A 64 -5.51 -4.37 6.25
N THR A 65 -4.97 -4.57 7.43
CA THR A 65 -4.62 -3.45 8.30
C THR A 65 -3.11 -3.23 8.29
N TRP A 66 -2.71 -2.04 7.86
CA TRP A 66 -1.31 -1.71 7.71
C TRP A 66 -0.92 -0.60 8.66
N ARG A 67 0.38 -0.43 8.89
CA ARG A 67 0.87 0.67 9.70
C ARG A 67 0.92 1.93 8.85
N ALA A 68 0.43 3.00 9.41
CA ALA A 68 0.32 4.24 8.68
C ALA A 68 0.96 5.39 9.43
N THR A 69 1.63 6.25 8.70
CA THR A 69 2.28 7.42 9.28
C THR A 69 1.99 8.65 8.42
N SER A 70 2.17 9.82 9.00
CA SER A 70 1.93 11.07 8.30
C SER A 70 2.54 12.23 9.08
N GLY A 71 2.30 13.43 8.62
CA GLY A 71 2.76 14.61 9.33
C GLY A 71 1.67 15.19 10.20
N THR A 72 0.52 14.54 10.21
CA THR A 72 -0.63 15.01 10.94
C THR A 72 -0.98 14.07 12.09
N VAL A 73 -1.85 14.52 12.97
CA VAL A 73 -2.34 13.68 14.05
C VAL A 73 -3.71 13.14 13.66
N LEU A 74 -3.74 11.88 13.25
CA LEU A 74 -4.97 11.27 12.75
C LEU A 74 -5.63 10.44 13.84
N ASP A 75 -6.92 10.65 14.04
CA ASP A 75 -7.64 9.96 15.11
C ASP A 75 -8.51 8.85 14.55
N VAL A 76 -9.08 8.06 15.45
CA VAL A 76 -9.82 6.87 15.08
C VAL A 76 -11.20 7.22 14.54
N GLY A 77 -11.47 6.80 13.31
CA GLY A 77 -12.75 7.05 12.70
C GLY A 77 -12.65 7.84 11.42
N GLU A 78 -11.53 8.55 11.23
CA GLU A 78 -11.33 9.33 10.04
C GLU A 78 -10.93 8.47 8.86
N GLU A 79 -11.01 9.05 7.68
CA GLU A 79 -10.71 8.36 6.43
C GLU A 79 -9.49 8.98 5.76
N VAL A 80 -8.56 8.13 5.35
CA VAL A 80 -7.33 8.62 4.74
C VAL A 80 -7.11 7.98 3.38
N SER A 81 -6.31 8.64 2.56
CA SER A 81 -5.92 8.07 1.28
C SER A 81 -4.40 7.94 1.20
N VAL A 82 -3.94 6.81 0.66
CA VAL A 82 -2.53 6.50 0.62
C VAL A 82 -1.79 7.39 -0.37
N LYS A 83 -0.80 8.11 0.13
CA LYS A 83 -0.03 9.04 -0.68
C LYS A 83 1.26 8.36 -1.16
N ALA A 84 1.92 7.65 -0.26
CA ALA A 84 3.18 6.98 -0.58
C ALA A 84 3.45 5.83 0.37
N ILE A 85 4.58 5.16 0.20
CA ILE A 85 4.97 4.03 1.03
C ILE A 85 6.38 4.25 1.57
N GLU A 86 6.56 4.03 2.87
CA GLU A 86 7.86 4.23 3.50
C GLU A 86 8.25 2.98 4.28
N GLY A 87 9.02 2.11 3.65
CA GLY A 87 9.44 0.89 4.29
C GLY A 87 8.32 -0.13 4.39
N VAL A 88 7.84 -0.31 5.60
CA VAL A 88 6.70 -1.19 5.86
C VAL A 88 5.51 -0.35 6.32
N LYS A 89 5.70 0.96 6.32
CA LYS A 89 4.65 1.89 6.72
C LYS A 89 4.07 2.58 5.50
N LEU A 90 2.81 2.99 5.60
CA LEU A 90 2.18 3.74 4.53
C LEU A 90 2.12 5.21 4.91
N VAL A 91 2.26 6.06 3.93
CA VAL A 91 2.15 7.50 4.13
C VAL A 91 0.78 7.94 3.65
N VAL A 92 -0.06 8.35 4.58
CA VAL A 92 -1.44 8.69 4.24
C VAL A 92 -1.78 10.12 4.64
N GLU A 93 -2.79 10.68 4.01
CA GLU A 93 -3.28 12.00 4.37
C GLU A 93 -4.76 11.90 4.66
N LYS A 94 -5.27 12.79 5.49
CA LYS A 94 -6.67 12.76 5.84
C LYS A 94 -7.50 13.34 4.70
N LEU A 95 -8.54 12.64 4.33
CA LEU A 95 -9.46 13.14 3.32
C LEU A 95 -10.20 14.35 3.89
N GLU A 96 -10.48 15.31 3.04
CA GLU A 96 -11.05 16.57 3.49
C GLU A 96 -12.56 16.59 3.30
N GLU A 97 -13.19 17.63 3.82
CA GLU A 97 -14.64 17.75 3.85
C GLU A 97 -15.16 18.53 2.65
N GLN A 98 -14.33 18.62 1.61
CA GLN A 98 -14.60 19.44 0.43
C GLN A 98 -14.37 20.91 0.77
N LYS A 99 -13.08 21.24 0.95
CA LYS A 99 -12.61 22.58 1.30
C LYS A 99 -13.17 23.06 2.63
N GLY A 100 -14.41 23.54 2.60
CA GLY A 100 -15.04 24.06 3.81
C GLY A 100 -16.53 23.90 3.77
N SER A 101 -16.98 22.74 3.31
CA SER A 101 -18.40 22.45 3.22
C SER A 101 -18.94 22.01 4.58
N MET A 1 0.79 32.84 3.79
CA MET A 1 2.13 33.48 3.85
C MET A 1 3.20 32.42 4.00
N GLY A 2 3.00 31.48 4.92
CA GLY A 2 3.92 30.37 5.08
C GLY A 2 3.59 29.25 4.13
N SER A 3 3.85 29.46 2.85
CA SER A 3 3.52 28.51 1.81
C SER A 3 4.57 27.41 1.70
N SER A 4 4.46 26.61 0.65
CA SER A 4 5.39 25.52 0.39
C SER A 4 6.79 26.04 0.07
N HIS A 5 7.54 26.38 1.11
CA HIS A 5 8.93 26.80 0.96
C HIS A 5 9.82 26.02 1.93
N HIS A 6 9.22 25.12 2.69
CA HIS A 6 9.95 24.30 3.64
C HIS A 6 9.50 22.85 3.50
N HIS A 7 8.29 22.59 3.99
CA HIS A 7 7.68 21.28 3.83
C HIS A 7 6.50 21.40 2.86
N HIS A 8 6.13 20.27 2.24
CA HIS A 8 5.09 20.24 1.21
C HIS A 8 5.59 20.92 -0.06
N HIS A 9 5.41 20.25 -1.21
CA HIS A 9 5.83 20.85 -2.48
C HIS A 9 4.64 21.51 -3.16
N HIS A 10 4.86 22.71 -3.67
CA HIS A 10 3.81 23.49 -4.32
C HIS A 10 3.32 22.80 -5.60
N SER A 11 2.02 22.88 -5.83
CA SER A 11 1.36 22.20 -6.94
C SER A 11 1.97 22.59 -8.30
N SER A 12 2.47 21.59 -9.02
CA SER A 12 3.08 21.82 -10.30
C SER A 12 2.18 21.30 -11.42
N GLY A 13 2.25 21.92 -12.59
CA GLY A 13 1.41 21.52 -13.70
C GLY A 13 2.05 20.44 -14.54
N ARG A 14 2.42 19.33 -13.91
CA ARG A 14 3.06 18.23 -14.59
C ARG A 14 2.39 16.91 -14.26
N GLU A 15 2.44 15.98 -15.20
CA GLU A 15 1.79 14.69 -15.05
C GLU A 15 2.60 13.77 -14.14
N ASN A 16 3.85 13.52 -14.53
CA ASN A 16 4.72 12.64 -13.77
C ASN A 16 5.79 13.45 -13.05
N LEU A 17 6.25 12.93 -11.92
CA LEU A 17 7.26 13.62 -11.12
C LEU A 17 8.66 13.35 -11.67
N TYR A 18 9.21 14.34 -12.34
CA TYR A 18 10.56 14.25 -12.90
C TYR A 18 11.61 14.61 -11.87
N PHE A 19 11.16 14.83 -10.64
CA PHE A 19 12.04 15.19 -9.55
C PHE A 19 11.64 14.43 -8.28
N GLN A 20 12.54 13.60 -7.77
CA GLN A 20 12.26 12.82 -6.58
C GLN A 20 12.85 13.48 -5.35
N GLY A 21 12.02 14.22 -4.63
CA GLY A 21 12.47 14.85 -3.41
C GLY A 21 12.13 14.03 -2.18
N HIS A 22 12.81 12.90 -2.03
CA HIS A 22 12.57 12.02 -0.88
C HIS A 22 13.81 11.98 0.01
N MET A 23 13.71 12.57 1.18
CA MET A 23 14.83 12.59 2.12
C MET A 23 15.11 11.20 2.68
N ALA A 24 14.06 10.48 3.03
CA ALA A 24 14.16 9.10 3.52
C ALA A 24 15.16 8.99 4.69
N ALA A 25 15.22 10.03 5.50
CA ALA A 25 16.17 10.07 6.61
C ALA A 25 15.61 9.37 7.84
N ARG A 26 15.83 8.06 7.91
CA ARG A 26 15.38 7.26 9.03
C ARG A 26 16.04 5.89 8.99
N ILE A 27 16.11 5.22 10.13
CA ILE A 27 16.65 3.88 10.20
C ILE A 27 15.64 2.85 9.70
N THR A 28 16.12 1.65 9.42
CA THR A 28 15.26 0.59 8.93
C THR A 28 14.48 -0.04 10.08
N GLY A 29 13.16 -0.19 9.89
CA GLY A 29 12.33 -0.79 10.90
C GLY A 29 12.45 -2.31 10.93
N GLU A 30 11.41 -2.98 11.39
CA GLU A 30 11.41 -4.43 11.50
C GLU A 30 10.45 -5.06 10.49
N PRO A 31 10.92 -5.31 9.25
CA PRO A 31 10.09 -5.85 8.18
C PRO A 31 10.17 -7.38 8.11
N SER A 32 9.65 -8.03 9.13
CA SER A 32 9.61 -9.49 9.15
C SER A 32 8.35 -10.00 8.47
N LYS A 33 7.35 -9.14 8.40
CA LYS A 33 6.11 -9.44 7.70
C LYS A 33 5.96 -8.50 6.51
N LYS A 34 6.61 -8.84 5.40
CA LYS A 34 6.65 -7.99 4.23
C LYS A 34 5.63 -8.42 3.19
N ALA A 35 4.64 -7.56 2.96
CA ALA A 35 3.63 -7.81 1.95
C ALA A 35 3.05 -6.50 1.45
N VAL A 36 2.87 -6.38 0.15
CA VAL A 36 2.30 -5.18 -0.44
C VAL A 36 1.31 -5.57 -1.55
N SER A 37 0.17 -4.90 -1.58
CA SER A 37 -0.87 -5.23 -2.53
C SER A 37 -0.86 -4.31 -3.74
N ASP A 38 -0.12 -3.21 -3.62
CA ASP A 38 0.00 -2.17 -4.66
C ASP A 38 -1.32 -1.46 -4.98
N ARG A 39 -2.43 -2.20 -5.07
CA ARG A 39 -3.72 -1.61 -5.44
C ARG A 39 -4.30 -0.76 -4.31
N LEU A 40 -3.50 -0.50 -3.29
CA LEU A 40 -3.90 0.38 -2.22
C LEU A 40 -3.40 1.80 -2.48
N ILE A 41 -2.50 1.93 -3.45
CA ILE A 41 -1.93 3.23 -3.78
C ILE A 41 -2.97 4.12 -4.44
N GLY A 42 -3.34 5.19 -3.74
CA GLY A 42 -4.36 6.09 -4.23
C GLY A 42 -5.74 5.68 -3.77
N ARG A 43 -5.79 4.79 -2.79
CA ARG A 43 -7.07 4.32 -2.28
C ARG A 43 -7.32 4.84 -0.87
N LYS A 44 -8.53 4.62 -0.39
CA LYS A 44 -8.94 5.07 0.91
C LYS A 44 -8.60 4.07 1.99
N GLY A 45 -8.32 4.59 3.17
CA GLY A 45 -8.10 3.76 4.33
C GLY A 45 -8.67 4.39 5.57
N VAL A 46 -9.34 3.60 6.37
CA VAL A 46 -9.92 4.09 7.61
C VAL A 46 -8.96 3.83 8.77
N VAL A 47 -8.91 4.77 9.71
CA VAL A 47 -8.00 4.66 10.84
C VAL A 47 -8.59 3.78 11.93
N MET A 48 -7.93 2.65 12.19
CA MET A 48 -8.37 1.71 13.22
C MET A 48 -7.63 1.97 14.52
N GLU A 49 -6.38 2.42 14.40
CA GLU A 49 -5.57 2.72 15.57
C GLU A 49 -4.96 4.11 15.41
N ALA A 50 -4.92 4.85 16.51
CA ALA A 50 -4.48 6.25 16.51
C ALA A 50 -3.09 6.43 15.91
N ILE A 51 -3.02 7.28 14.89
CA ILE A 51 -1.75 7.59 14.23
C ILE A 51 -1.09 8.76 14.93
N SER A 52 0.08 8.53 15.50
CA SER A 52 0.78 9.57 16.24
C SER A 52 2.27 9.56 15.93
N PRO A 53 2.99 10.63 16.30
CA PRO A 53 4.43 10.69 16.16
C PRO A 53 5.14 9.97 17.31
N GLN A 54 4.34 9.34 18.16
CA GLN A 54 4.84 8.51 19.25
C GLN A 54 4.79 7.05 18.83
N ASN A 55 3.70 6.69 18.16
CA ASN A 55 3.48 5.33 17.70
C ASN A 55 2.65 5.37 16.42
N SER A 56 3.13 4.70 15.38
CA SER A 56 2.42 4.65 14.11
C SER A 56 1.04 4.04 14.28
N GLY A 57 0.09 4.48 13.49
CA GLY A 57 -1.26 4.01 13.63
C GLY A 57 -1.57 2.89 12.67
N LEU A 58 -2.76 2.33 12.78
CA LEU A 58 -3.18 1.24 11.93
C LEU A 58 -4.36 1.66 11.09
N VAL A 59 -4.26 1.47 9.78
CA VAL A 59 -5.33 1.82 8.87
C VAL A 59 -5.77 0.60 8.07
N LYS A 60 -7.06 0.50 7.84
CA LYS A 60 -7.60 -0.62 7.08
C LYS A 60 -7.83 -0.20 5.64
N VAL A 61 -6.98 -0.69 4.75
CA VAL A 61 -7.05 -0.34 3.35
C VAL A 61 -7.36 -1.57 2.52
N ASP A 62 -8.44 -1.48 1.73
CA ASP A 62 -8.92 -2.60 0.91
C ASP A 62 -9.40 -3.74 1.80
N GLY A 63 -8.48 -4.59 2.24
CA GLY A 63 -8.84 -5.69 3.12
C GLY A 63 -7.75 -5.98 4.13
N GLU A 64 -6.69 -5.19 4.10
CA GLU A 64 -5.57 -5.38 5.00
C GLU A 64 -5.47 -4.25 6.00
N THR A 65 -4.90 -4.55 7.17
CA THR A 65 -4.61 -3.53 8.16
C THR A 65 -3.14 -3.17 8.08
N TRP A 66 -2.88 -1.94 7.69
CA TRP A 66 -1.53 -1.46 7.45
C TRP A 66 -1.10 -0.51 8.55
N ARG A 67 0.20 -0.27 8.64
CA ARG A 67 0.71 0.75 9.53
C ARG A 67 0.79 2.04 8.76
N ALA A 68 0.51 3.14 9.42
CA ALA A 68 0.42 4.41 8.75
C ALA A 68 1.04 5.54 9.55
N THR A 69 1.52 6.55 8.85
CA THR A 69 2.07 7.74 9.46
C THR A 69 1.71 8.96 8.61
N SER A 70 1.77 10.14 9.21
CA SER A 70 1.45 11.37 8.49
C SER A 70 2.22 12.54 9.09
N GLY A 71 3.13 12.24 9.99
CA GLY A 71 3.85 13.28 10.72
C GLY A 71 2.99 13.92 11.80
N THR A 72 1.71 14.10 11.50
CA THR A 72 0.78 14.71 12.42
C THR A 72 -0.13 13.64 13.01
N VAL A 73 -0.93 14.02 14.00
CA VAL A 73 -1.78 13.06 14.70
C VAL A 73 -3.12 12.87 13.97
N LEU A 74 -3.52 11.62 13.82
CA LEU A 74 -4.80 11.27 13.23
C LEU A 74 -5.53 10.32 14.16
N ASP A 75 -6.80 10.59 14.43
CA ASP A 75 -7.54 9.83 15.44
C ASP A 75 -8.25 8.64 14.80
N VAL A 76 -8.93 7.87 15.64
CA VAL A 76 -9.59 6.65 15.22
C VAL A 76 -10.92 6.95 14.56
N GLY A 77 -11.21 6.27 13.46
CA GLY A 77 -12.46 6.48 12.77
C GLY A 77 -12.31 7.43 11.60
N GLU A 78 -11.11 8.00 11.46
CA GLU A 78 -10.81 8.91 10.38
C GLU A 78 -10.67 8.19 9.05
N GLU A 79 -10.71 8.98 7.99
CA GLU A 79 -10.56 8.47 6.64
C GLU A 79 -9.33 9.10 6.00
N VAL A 80 -8.41 8.27 5.55
CA VAL A 80 -7.19 8.77 4.95
C VAL A 80 -6.96 8.16 3.57
N SER A 81 -6.12 8.81 2.79
CA SER A 81 -5.74 8.30 1.48
C SER A 81 -4.27 7.91 1.47
N VAL A 82 -3.98 6.72 0.97
CA VAL A 82 -2.60 6.22 0.93
C VAL A 82 -1.93 6.65 -0.38
N LYS A 83 -1.00 7.59 -0.28
CA LYS A 83 -0.33 8.08 -1.47
C LYS A 83 1.00 7.39 -1.71
N ALA A 84 1.73 7.09 -0.63
CA ALA A 84 3.05 6.48 -0.76
C ALA A 84 3.32 5.52 0.39
N ILE A 85 4.41 4.77 0.27
CA ILE A 85 4.80 3.80 1.29
C ILE A 85 6.24 4.07 1.74
N GLU A 86 6.45 4.10 3.03
CA GLU A 86 7.79 4.30 3.59
C GLU A 86 8.15 3.10 4.45
N GLY A 87 8.84 2.15 3.83
CA GLY A 87 9.21 0.93 4.52
C GLY A 87 8.02 0.00 4.68
N VAL A 88 7.61 -0.18 5.93
CA VAL A 88 6.45 -1.00 6.24
C VAL A 88 5.27 -0.12 6.64
N LYS A 89 5.51 1.19 6.61
CA LYS A 89 4.49 2.15 7.00
C LYS A 89 3.97 2.89 5.78
N LEU A 90 2.74 3.36 5.85
CA LEU A 90 2.17 4.10 4.74
C LEU A 90 2.22 5.59 5.01
N VAL A 91 2.40 6.35 3.94
CA VAL A 91 2.34 7.80 4.02
C VAL A 91 0.96 8.25 3.60
N VAL A 92 0.12 8.55 4.57
CA VAL A 92 -1.28 8.83 4.32
C VAL A 92 -1.61 10.30 4.60
N GLU A 93 -2.67 10.77 3.97
CA GLU A 93 -3.18 12.11 4.21
C GLU A 93 -4.67 12.01 4.46
N LYS A 94 -5.23 12.99 5.13
CA LYS A 94 -6.65 12.98 5.39
C LYS A 94 -7.41 13.29 4.10
N LEU A 95 -8.55 12.62 3.94
CA LEU A 95 -9.47 12.95 2.85
C LEU A 95 -9.80 14.43 2.87
N GLU A 96 -9.90 15.02 1.70
CA GLU A 96 -10.06 16.46 1.54
C GLU A 96 -8.86 17.18 2.16
N GLU A 97 -7.77 17.27 1.40
CA GLU A 97 -6.58 17.95 1.89
C GLU A 97 -6.83 19.45 1.96
N GLN A 98 -7.24 19.91 3.13
CA GLN A 98 -7.59 21.31 3.33
C GLN A 98 -6.34 22.16 3.52
N LYS A 99 -5.44 21.68 4.37
CA LYS A 99 -4.24 22.41 4.72
C LYS A 99 -3.18 22.26 3.63
N GLY A 100 -2.82 23.36 3.00
CA GLY A 100 -1.80 23.31 1.97
C GLY A 100 -1.71 24.59 1.17
N SER A 101 -0.52 25.18 1.13
CA SER A 101 -0.28 26.37 0.34
C SER A 101 0.79 26.08 -0.73
N MET A 1 28.02 16.53 26.25
CA MET A 1 27.72 17.97 26.18
C MET A 1 26.98 18.28 24.90
N GLY A 2 26.11 19.30 24.95
CA GLY A 2 25.38 19.68 23.77
C GLY A 2 24.17 20.52 24.09
N SER A 3 23.21 20.54 23.17
CA SER A 3 21.98 21.29 23.37
C SER A 3 20.83 20.59 22.64
N SER A 4 19.90 20.04 23.40
CA SER A 4 18.83 19.26 22.82
C SER A 4 17.59 20.12 22.56
N HIS A 5 17.55 20.74 21.39
CA HIS A 5 16.37 21.46 20.94
C HIS A 5 16.06 21.10 19.49
N HIS A 6 15.12 20.18 19.31
CA HIS A 6 14.76 19.71 17.98
C HIS A 6 13.52 20.43 17.46
N HIS A 7 13.66 21.03 16.29
CA HIS A 7 12.54 21.70 15.64
C HIS A 7 12.55 21.39 14.15
N HIS A 8 11.85 20.32 13.76
CA HIS A 8 11.70 19.99 12.35
C HIS A 8 10.32 19.40 12.07
N HIS A 9 9.36 20.27 11.85
CA HIS A 9 8.01 19.85 11.47
C HIS A 9 7.85 19.93 9.97
N HIS A 10 7.88 18.79 9.31
CA HIS A 10 7.74 18.74 7.86
C HIS A 10 6.28 18.93 7.47
N SER A 11 5.99 20.03 6.80
CA SER A 11 4.62 20.33 6.40
C SER A 11 4.16 19.38 5.30
N SER A 12 2.85 19.30 5.11
CA SER A 12 2.26 18.48 4.07
C SER A 12 0.98 19.13 3.55
N GLY A 13 1.14 20.10 2.68
CA GLY A 13 -0.01 20.79 2.12
C GLY A 13 -0.14 20.56 0.63
N ARG A 14 0.00 19.30 0.22
CA ARG A 14 -0.11 18.95 -1.19
C ARG A 14 -1.48 18.35 -1.48
N GLU A 15 -1.96 18.56 -2.70
CA GLU A 15 -3.28 18.12 -3.11
C GLU A 15 -3.24 16.65 -3.56
N ASN A 16 -4.38 16.13 -4.00
CA ASN A 16 -4.48 14.76 -4.46
C ASN A 16 -5.60 14.61 -5.48
N LEU A 17 -5.26 14.29 -6.72
CA LEU A 17 -6.26 14.05 -7.74
C LEU A 17 -6.93 12.71 -7.50
N TYR A 18 -8.22 12.62 -7.81
CA TYR A 18 -9.00 11.45 -7.46
C TYR A 18 -9.79 10.93 -8.66
N PHE A 19 -9.92 9.59 -8.74
CA PHE A 19 -10.74 8.93 -9.75
C PHE A 19 -10.16 9.14 -11.16
N GLN A 20 -10.85 9.96 -11.96
CA GLN A 20 -10.51 10.15 -13.38
C GLN A 20 -10.41 8.81 -14.13
N GLY A 21 -11.16 7.83 -13.65
CA GLY A 21 -11.16 6.52 -14.28
C GLY A 21 -11.57 5.43 -13.32
N HIS A 22 -12.43 4.53 -13.78
CA HIS A 22 -12.91 3.43 -12.96
C HIS A 22 -12.38 2.10 -13.47
N MET A 23 -11.30 2.16 -14.24
CA MET A 23 -10.67 0.96 -14.77
C MET A 23 -9.20 0.92 -14.40
N ALA A 24 -8.89 0.26 -13.28
CA ALA A 24 -7.52 0.16 -12.82
C ALA A 24 -7.36 -1.01 -11.85
N ALA A 25 -6.19 -1.66 -11.91
CA ALA A 25 -5.83 -2.75 -11.00
C ALA A 25 -6.70 -3.99 -11.20
N ARG A 26 -6.31 -5.07 -10.51
CA ARG A 26 -7.04 -6.35 -10.55
C ARG A 26 -7.09 -6.92 -11.97
N ILE A 27 -6.04 -6.65 -12.74
CA ILE A 27 -5.93 -7.21 -14.08
C ILE A 27 -5.11 -8.50 -14.03
N THR A 28 -4.37 -8.65 -12.95
CA THR A 28 -3.62 -9.88 -12.69
C THR A 28 -3.46 -10.05 -11.18
N GLY A 29 -3.91 -11.18 -10.66
CA GLY A 29 -3.81 -11.42 -9.25
C GLY A 29 -5.01 -12.17 -8.71
N GLU A 30 -4.77 -13.40 -8.30
CA GLU A 30 -5.80 -14.24 -7.68
C GLU A 30 -5.57 -14.31 -6.18
N PRO A 31 -6.19 -13.37 -5.42
CA PRO A 31 -5.94 -13.07 -4.01
C PRO A 31 -5.26 -14.18 -3.20
N SER A 32 -3.93 -14.17 -3.24
CA SER A 32 -3.11 -15.05 -2.43
C SER A 32 -1.78 -14.37 -2.13
N LYS A 33 -1.78 -13.04 -2.24
CA LYS A 33 -0.55 -12.26 -2.10
C LYS A 33 -0.47 -11.63 -0.72
N LYS A 34 0.74 -11.31 -0.29
CA LYS A 34 0.95 -10.63 0.98
C LYS A 34 2.05 -9.57 0.81
N ALA A 35 2.36 -9.27 -0.44
CA ALA A 35 3.35 -8.25 -0.74
C ALA A 35 2.69 -6.88 -0.86
N VAL A 36 3.47 -5.83 -0.64
CA VAL A 36 2.97 -4.46 -0.73
C VAL A 36 2.90 -4.04 -2.19
N SER A 37 1.73 -3.61 -2.60
CA SER A 37 1.49 -3.26 -4.00
C SER A 37 1.21 -1.77 -4.14
N ASP A 38 1.43 -1.24 -5.35
CA ASP A 38 1.11 0.16 -5.65
C ASP A 38 -0.40 0.34 -5.76
N ARG A 39 -1.12 -0.76 -5.59
CA ARG A 39 -2.57 -0.76 -5.65
C ARG A 39 -3.16 -0.31 -4.32
N LEU A 40 -2.29 0.17 -3.44
CA LEU A 40 -2.71 0.83 -2.22
C LEU A 40 -2.72 2.34 -2.44
N ILE A 41 -1.92 2.77 -3.42
CA ILE A 41 -1.74 4.18 -3.72
C ILE A 41 -2.98 4.76 -4.41
N GLY A 42 -3.46 5.88 -3.89
CA GLY A 42 -4.57 6.56 -4.52
C GLY A 42 -5.92 6.01 -4.09
N ARG A 43 -5.92 5.17 -3.06
CA ARG A 43 -7.15 4.61 -2.56
C ARG A 43 -7.40 5.05 -1.14
N LYS A 44 -8.65 4.96 -0.70
CA LYS A 44 -9.02 5.41 0.62
C LYS A 44 -8.96 4.27 1.62
N GLY A 45 -8.73 4.64 2.86
CA GLY A 45 -8.73 3.71 3.95
C GLY A 45 -9.34 4.31 5.18
N VAL A 46 -9.40 3.55 6.25
CA VAL A 46 -9.95 4.04 7.50
C VAL A 46 -8.92 3.90 8.61
N VAL A 47 -8.91 4.86 9.52
CA VAL A 47 -7.95 4.85 10.61
C VAL A 47 -8.46 3.99 11.75
N MET A 48 -7.76 2.90 12.00
CA MET A 48 -8.13 1.95 13.04
C MET A 48 -7.46 2.31 14.35
N GLU A 49 -6.25 2.85 14.26
CA GLU A 49 -5.50 3.26 15.44
C GLU A 49 -4.95 4.67 15.23
N ALA A 50 -4.96 5.46 16.31
CA ALA A 50 -4.55 6.87 16.24
C ALA A 50 -3.15 7.01 15.64
N ILE A 51 -3.01 7.97 14.73
CA ILE A 51 -1.74 8.21 14.07
C ILE A 51 -1.14 9.53 14.55
N SER A 52 0.12 9.49 14.94
CA SER A 52 0.82 10.71 15.30
C SER A 52 2.07 10.87 14.45
N PRO A 53 2.60 12.10 14.37
CA PRO A 53 3.84 12.38 13.65
C PRO A 53 5.03 11.61 14.21
N GLN A 54 4.89 11.15 15.44
CA GLN A 54 5.97 10.45 16.12
C GLN A 54 5.79 8.94 16.06
N ASN A 55 4.63 8.44 16.49
CA ASN A 55 4.39 7.02 16.53
C ASN A 55 3.36 6.63 15.48
N SER A 56 3.62 5.56 14.76
CA SER A 56 2.76 5.13 13.66
C SER A 56 1.37 4.74 14.18
N GLY A 57 0.39 4.84 13.31
CA GLY A 57 -0.94 4.36 13.62
C GLY A 57 -1.29 3.19 12.75
N LEU A 58 -2.54 2.78 12.74
CA LEU A 58 -2.97 1.65 11.92
C LEU A 58 -4.17 2.03 11.07
N VAL A 59 -4.12 1.66 9.80
CA VAL A 59 -5.22 1.93 8.88
C VAL A 59 -5.60 0.65 8.13
N LYS A 60 -6.86 0.53 7.74
CA LYS A 60 -7.31 -0.64 7.01
C LYS A 60 -7.49 -0.28 5.54
N VAL A 61 -6.62 -0.82 4.70
CA VAL A 61 -6.61 -0.50 3.28
C VAL A 61 -6.58 -1.78 2.47
N ASP A 62 -7.46 -1.88 1.48
CA ASP A 62 -7.53 -3.03 0.57
C ASP A 62 -8.08 -4.26 1.28
N GLY A 63 -8.35 -4.11 2.57
CA GLY A 63 -8.85 -5.22 3.36
C GLY A 63 -7.90 -5.57 4.48
N GLU A 64 -6.65 -5.17 4.34
CA GLU A 64 -5.62 -5.47 5.31
C GLU A 64 -5.38 -4.29 6.23
N THR A 65 -4.86 -4.56 7.42
CA THR A 65 -4.49 -3.50 8.33
C THR A 65 -3.00 -3.20 8.22
N TRP A 66 -2.68 -1.97 7.89
CA TRP A 66 -1.30 -1.56 7.69
C TRP A 66 -0.92 -0.49 8.70
N ARG A 67 0.37 -0.26 8.86
CA ARG A 67 0.85 0.83 9.71
C ARG A 67 0.82 2.11 8.90
N ALA A 68 0.58 3.23 9.56
CA ALA A 68 0.47 4.50 8.88
C ALA A 68 1.23 5.60 9.59
N THR A 69 1.88 6.46 8.82
CA THR A 69 2.62 7.58 9.35
C THR A 69 2.16 8.87 8.68
N SER A 70 1.96 9.90 9.49
CA SER A 70 1.47 11.18 8.99
C SER A 70 2.21 12.33 9.66
N GLY A 71 2.17 13.51 9.04
CA GLY A 71 2.84 14.68 9.61
C GLY A 71 1.97 15.38 10.64
N THR A 72 0.74 14.91 10.78
CA THR A 72 -0.20 15.47 11.73
C THR A 72 -0.89 14.33 12.48
N VAL A 73 -1.61 14.65 13.54
CA VAL A 73 -2.29 13.63 14.33
C VAL A 73 -3.66 13.32 13.72
N LEU A 74 -3.88 12.04 13.43
CA LEU A 74 -5.13 11.57 12.86
C LEU A 74 -5.85 10.68 13.86
N ASP A 75 -7.17 10.79 13.92
CA ASP A 75 -7.94 10.07 14.91
C ASP A 75 -8.57 8.82 14.29
N VAL A 76 -9.23 8.05 15.14
CA VAL A 76 -9.80 6.76 14.74
C VAL A 76 -11.17 6.94 14.10
N GLY A 77 -11.41 6.19 13.03
CA GLY A 77 -12.69 6.27 12.34
C GLY A 77 -12.62 7.18 11.13
N GLU A 78 -11.56 7.97 11.04
CA GLU A 78 -11.38 8.88 9.94
C GLU A 78 -11.05 8.17 8.65
N GLU A 79 -11.14 8.89 7.56
CA GLU A 79 -10.83 8.35 6.25
C GLU A 79 -9.56 8.98 5.71
N VAL A 80 -8.63 8.13 5.32
CA VAL A 80 -7.36 8.61 4.77
C VAL A 80 -7.15 8.07 3.36
N SER A 81 -6.24 8.68 2.64
CA SER A 81 -5.83 8.18 1.35
C SER A 81 -4.34 7.95 1.32
N VAL A 82 -3.92 6.86 0.71
CA VAL A 82 -2.51 6.50 0.68
C VAL A 82 -1.81 7.18 -0.49
N LYS A 83 -0.84 8.03 -0.18
CA LYS A 83 -0.11 8.75 -1.20
C LYS A 83 1.28 8.16 -1.45
N ALA A 84 1.86 7.53 -0.44
CA ALA A 84 3.19 6.94 -0.57
C ALA A 84 3.36 5.73 0.33
N ILE A 85 4.40 4.94 0.06
CA ILE A 85 4.69 3.73 0.83
C ILE A 85 6.03 3.87 1.55
N GLU A 86 6.09 3.46 2.80
CA GLU A 86 7.31 3.52 3.59
C GLU A 86 7.59 2.15 4.21
N GLY A 87 7.47 1.12 3.38
CA GLY A 87 7.67 -0.25 3.84
C GLY A 87 6.40 -0.84 4.41
N VAL A 88 6.45 -1.24 5.67
CA VAL A 88 5.27 -1.75 6.37
C VAL A 88 4.40 -0.60 6.83
N LYS A 89 4.93 0.60 6.65
CA LYS A 89 4.23 1.83 7.01
C LYS A 89 3.77 2.53 5.74
N LEU A 90 2.61 3.14 5.78
CA LEU A 90 2.12 3.88 4.64
C LEU A 90 2.09 5.38 4.95
N VAL A 91 2.32 6.17 3.94
CA VAL A 91 2.25 7.61 4.06
C VAL A 91 0.85 8.08 3.67
N VAL A 92 0.04 8.35 4.66
CA VAL A 92 -1.35 8.67 4.43
C VAL A 92 -1.72 10.00 5.07
N GLU A 93 -2.79 10.58 4.58
CA GLU A 93 -3.37 11.77 5.19
C GLU A 93 -4.88 11.75 5.05
N LYS A 94 -5.55 12.60 5.81
CA LYS A 94 -7.01 12.63 5.81
C LYS A 94 -7.53 13.23 4.53
N LEU A 95 -8.54 12.59 3.97
CA LEU A 95 -9.20 13.08 2.80
C LEU A 95 -10.58 13.62 3.16
N GLU A 96 -11.15 14.44 2.28
CA GLU A 96 -12.46 15.00 2.50
C GLU A 96 -13.54 13.97 2.32
N GLU A 97 -14.67 14.20 2.99
CA GLU A 97 -15.86 13.42 2.76
C GLU A 97 -16.48 13.88 1.45
N GLN A 98 -16.65 12.95 0.53
CA GLN A 98 -17.10 13.29 -0.81
C GLN A 98 -18.60 13.53 -0.86
N LYS A 99 -18.99 14.77 -1.10
CA LYS A 99 -20.39 15.12 -1.27
C LYS A 99 -20.79 14.92 -2.73
N GLY A 100 -21.99 14.41 -2.94
CA GLY A 100 -22.44 14.16 -4.29
C GLY A 100 -23.91 14.47 -4.46
N SER A 101 -24.40 14.29 -5.67
CA SER A 101 -25.81 14.52 -5.97
C SER A 101 -26.61 13.24 -5.75
N MET A 1 -17.40 -60.40 -18.86
CA MET A 1 -16.25 -61.14 -18.29
C MET A 1 -15.30 -61.55 -19.40
N GLY A 2 -14.01 -61.55 -19.09
CA GLY A 2 -13.01 -61.98 -20.06
C GLY A 2 -12.85 -61.00 -21.19
N SER A 3 -12.17 -59.89 -20.92
CA SER A 3 -11.97 -58.87 -21.93
C SER A 3 -10.49 -58.72 -22.27
N SER A 4 -10.05 -59.46 -23.27
CA SER A 4 -8.67 -59.41 -23.71
C SER A 4 -8.59 -59.32 -25.23
N HIS A 5 -8.74 -58.11 -25.75
CA HIS A 5 -8.66 -57.87 -27.18
C HIS A 5 -7.71 -56.72 -27.47
N HIS A 6 -6.48 -57.05 -27.83
CA HIS A 6 -5.48 -56.06 -28.17
C HIS A 6 -4.74 -56.49 -29.43
N HIS A 7 -4.56 -55.56 -30.34
CA HIS A 7 -3.78 -55.83 -31.55
C HIS A 7 -2.38 -55.25 -31.41
N HIS A 8 -1.49 -55.68 -32.29
CA HIS A 8 -0.11 -55.26 -32.24
C HIS A 8 0.17 -54.18 -33.28
N HIS A 9 0.35 -52.96 -32.81
CA HIS A 9 0.68 -51.86 -33.71
C HIS A 9 2.20 -51.79 -33.89
N HIS A 10 2.73 -52.71 -34.68
CA HIS A 10 4.17 -52.82 -34.85
C HIS A 10 4.68 -51.78 -35.84
N SER A 11 5.05 -50.63 -35.30
CA SER A 11 5.58 -49.55 -36.10
C SER A 11 6.63 -48.78 -35.30
N SER A 12 7.87 -48.85 -35.74
CA SER A 12 8.95 -48.13 -35.11
C SER A 12 9.48 -47.07 -36.07
N GLY A 13 8.93 -45.88 -35.98
CA GLY A 13 9.35 -44.81 -36.85
C GLY A 13 10.38 -43.91 -36.18
N ARG A 14 11.35 -43.47 -36.96
CA ARG A 14 12.38 -42.59 -36.46
C ARG A 14 12.97 -41.78 -37.60
N GLU A 15 12.98 -40.47 -37.45
CA GLU A 15 13.51 -39.58 -38.46
C GLU A 15 14.86 -39.03 -38.01
N ASN A 16 15.91 -39.43 -38.71
CA ASN A 16 17.25 -38.94 -38.43
C ASN A 16 17.44 -37.59 -39.11
N LEU A 17 16.90 -36.55 -38.49
CA LEU A 17 16.94 -35.22 -39.05
C LEU A 17 17.52 -34.23 -38.05
N TYR A 18 18.11 -33.16 -38.55
CA TYR A 18 18.66 -32.13 -37.70
C TYR A 18 17.67 -30.99 -37.55
N PHE A 19 17.15 -30.83 -36.34
CA PHE A 19 16.10 -29.86 -36.09
C PHE A 19 16.68 -28.59 -35.48
N GLN A 20 16.14 -27.45 -35.89
CA GLN A 20 16.61 -26.16 -35.39
C GLN A 20 15.47 -25.38 -34.77
N GLY A 21 15.68 -24.10 -34.54
CA GLY A 21 14.64 -23.26 -33.98
C GLY A 21 14.86 -23.01 -32.51
N HIS A 22 14.79 -21.75 -32.10
CA HIS A 22 14.90 -21.38 -30.70
C HIS A 22 13.98 -20.21 -30.40
N MET A 23 12.93 -20.48 -29.66
CA MET A 23 12.02 -19.44 -29.22
C MET A 23 12.13 -19.26 -27.73
N ALA A 24 12.37 -18.02 -27.30
CA ALA A 24 12.52 -17.73 -25.88
C ALA A 24 11.42 -16.80 -25.41
N ALA A 25 10.36 -17.39 -24.88
CA ALA A 25 9.27 -16.62 -24.31
C ALA A 25 9.35 -16.66 -22.79
N ARG A 26 9.74 -15.55 -22.19
CA ARG A 26 9.87 -15.48 -20.74
C ARG A 26 8.50 -15.30 -20.09
N ILE A 27 7.81 -16.42 -19.94
CA ILE A 27 6.53 -16.45 -19.29
C ILE A 27 6.70 -16.34 -17.78
N THR A 28 6.22 -15.25 -17.20
CA THR A 28 6.29 -15.07 -15.76
C THR A 28 5.06 -15.66 -15.09
N GLY A 29 5.14 -16.94 -14.76
CA GLY A 29 4.02 -17.63 -14.14
C GLY A 29 4.24 -17.82 -12.67
N GLU A 30 4.15 -16.74 -11.93
CA GLU A 30 4.33 -16.78 -10.49
C GLU A 30 3.09 -16.25 -9.78
N PRO A 31 2.81 -16.76 -8.57
CA PRO A 31 1.67 -16.31 -7.76
C PRO A 31 1.88 -14.93 -7.17
N SER A 32 0.93 -14.49 -6.35
CA SER A 32 1.02 -13.19 -5.71
C SER A 32 2.14 -13.16 -4.68
N LYS A 33 3.14 -12.34 -4.94
CA LYS A 33 4.28 -12.18 -4.04
C LYS A 33 3.93 -11.22 -2.91
N LYS A 34 4.80 -11.08 -1.92
CA LYS A 34 4.51 -10.26 -0.75
C LYS A 34 4.95 -8.82 -0.97
N ALA A 35 5.31 -8.50 -2.21
CA ALA A 35 5.68 -7.14 -2.56
C ALA A 35 4.43 -6.28 -2.69
N VAL A 36 4.41 -5.17 -1.96
CA VAL A 36 3.26 -4.29 -1.93
C VAL A 36 2.90 -3.79 -3.33
N SER A 37 1.70 -4.11 -3.75
CA SER A 37 1.19 -3.69 -5.04
C SER A 37 0.77 -2.22 -4.98
N ASP A 38 1.17 -1.46 -5.99
CA ASP A 38 0.91 -0.02 -6.02
C ASP A 38 -0.55 0.29 -6.35
N ARG A 39 -1.39 -0.73 -6.33
CA ARG A 39 -2.82 -0.54 -6.58
C ARG A 39 -3.46 0.20 -5.41
N LEU A 40 -2.74 0.26 -4.29
CA LEU A 40 -3.22 0.92 -3.10
C LEU A 40 -2.98 2.42 -3.16
N ILE A 41 -2.02 2.81 -4.00
CA ILE A 41 -1.65 4.21 -4.14
C ILE A 41 -2.75 5.02 -4.81
N GLY A 42 -3.27 6.00 -4.09
CA GLY A 42 -4.30 6.85 -4.64
C GLY A 42 -5.69 6.42 -4.25
N ARG A 43 -5.78 5.49 -3.30
CA ARG A 43 -7.07 5.03 -2.82
C ARG A 43 -7.32 5.52 -1.40
N LYS A 44 -8.50 5.24 -0.89
CA LYS A 44 -8.89 5.66 0.44
C LYS A 44 -8.72 4.51 1.43
N GLY A 45 -8.37 4.86 2.66
CA GLY A 45 -8.31 3.89 3.73
C GLY A 45 -9.00 4.42 4.97
N VAL A 46 -9.13 3.58 5.97
CA VAL A 46 -9.81 3.97 7.19
C VAL A 46 -8.88 3.79 8.39
N VAL A 47 -8.98 4.69 9.35
CA VAL A 47 -8.12 4.66 10.53
C VAL A 47 -8.70 3.73 11.59
N MET A 48 -7.94 2.70 11.94
CA MET A 48 -8.35 1.73 12.94
C MET A 48 -7.77 2.11 14.31
N GLU A 49 -6.57 2.68 14.28
CA GLU A 49 -5.94 3.17 15.50
C GLU A 49 -5.43 4.58 15.27
N ALA A 50 -5.64 5.46 16.25
CA ALA A 50 -5.30 6.88 16.13
C ALA A 50 -3.85 7.08 15.68
N ILE A 51 -3.66 8.01 14.76
CA ILE A 51 -2.34 8.29 14.21
C ILE A 51 -1.91 9.69 14.59
N SER A 52 -0.67 9.82 15.06
CA SER A 52 -0.12 11.12 15.37
C SER A 52 1.28 11.27 14.78
N PRO A 53 1.76 12.51 14.63
CA PRO A 53 3.12 12.78 14.16
C PRO A 53 4.19 12.12 15.02
N GLN A 54 3.84 11.84 16.27
CA GLN A 54 4.76 11.17 17.18
C GLN A 54 4.55 9.67 17.15
N ASN A 55 3.33 9.23 17.45
CA ASN A 55 3.03 7.80 17.47
C ASN A 55 2.22 7.41 16.24
N SER A 56 2.79 6.54 15.43
CA SER A 56 2.12 6.06 14.22
C SER A 56 0.91 5.21 14.61
N GLY A 57 -0.01 5.02 13.67
CA GLY A 57 -1.21 4.26 13.97
C GLY A 57 -1.48 3.18 12.96
N LEU A 58 -2.69 2.63 13.00
CA LEU A 58 -3.06 1.53 12.12
C LEU A 58 -4.22 1.91 11.24
N VAL A 59 -4.16 1.52 9.97
CA VAL A 59 -5.23 1.78 9.03
C VAL A 59 -5.61 0.51 8.29
N LYS A 60 -6.86 0.42 7.87
CA LYS A 60 -7.33 -0.72 7.10
C LYS A 60 -7.32 -0.37 5.63
N VAL A 61 -6.51 -1.07 4.87
CA VAL A 61 -6.36 -0.80 3.45
C VAL A 61 -6.44 -2.10 2.66
N ASP A 62 -7.43 -2.17 1.77
CA ASP A 62 -7.63 -3.31 0.87
C ASP A 62 -8.09 -4.54 1.65
N GLY A 63 -8.41 -4.34 2.92
CA GLY A 63 -8.86 -5.43 3.76
C GLY A 63 -7.86 -5.78 4.84
N GLU A 64 -6.61 -5.40 4.63
CA GLU A 64 -5.55 -5.67 5.58
C GLU A 64 -5.29 -4.46 6.46
N THR A 65 -4.75 -4.70 7.63
CA THR A 65 -4.43 -3.62 8.55
C THR A 65 -2.94 -3.32 8.49
N TRP A 66 -2.61 -2.11 8.11
CA TRP A 66 -1.22 -1.71 7.97
C TRP A 66 -0.90 -0.57 8.92
N ARG A 67 0.38 -0.31 9.11
CA ARG A 67 0.81 0.82 9.91
C ARG A 67 0.88 2.05 9.03
N ALA A 68 0.56 3.18 9.60
CA ALA A 68 0.50 4.41 8.84
C ALA A 68 1.19 5.55 9.56
N THR A 69 1.90 6.35 8.80
CA THR A 69 2.59 7.52 9.30
C THR A 69 2.06 8.78 8.66
N SER A 70 1.75 9.78 9.47
CA SER A 70 1.24 11.04 8.98
C SER A 70 1.71 12.17 9.87
N GLY A 71 1.93 13.33 9.26
CA GLY A 71 2.25 14.51 10.03
C GLY A 71 1.00 15.24 10.47
N THR A 72 -0.03 14.47 10.82
CA THR A 72 -1.30 15.03 11.22
C THR A 72 -1.93 14.18 12.31
N VAL A 73 -2.89 14.73 13.02
CA VAL A 73 -3.62 13.98 14.03
C VAL A 73 -4.85 13.32 13.41
N LEU A 74 -4.80 12.00 13.26
CA LEU A 74 -5.87 11.26 12.62
C LEU A 74 -6.66 10.48 13.65
N ASP A 75 -7.95 10.74 13.72
CA ASP A 75 -8.82 10.10 14.69
C ASP A 75 -9.26 8.72 14.21
N VAL A 76 -9.80 7.94 15.12
CA VAL A 76 -10.26 6.59 14.81
C VAL A 76 -11.56 6.66 14.01
N GLY A 77 -11.62 5.88 12.94
CA GLY A 77 -12.82 5.84 12.13
C GLY A 77 -12.75 6.79 10.95
N GLU A 78 -11.76 7.67 10.95
CA GLU A 78 -11.60 8.63 9.88
C GLU A 78 -11.14 7.96 8.61
N GLU A 79 -11.16 8.74 7.53
CA GLU A 79 -10.78 8.23 6.22
C GLU A 79 -9.54 8.94 5.73
N VAL A 80 -8.55 8.17 5.30
CA VAL A 80 -7.27 8.74 4.89
C VAL A 80 -6.93 8.37 3.45
N SER A 81 -6.21 9.26 2.78
CA SER A 81 -5.78 9.02 1.41
C SER A 81 -4.36 8.46 1.41
N VAL A 82 -4.19 7.29 0.81
CA VAL A 82 -2.87 6.68 0.73
C VAL A 82 -2.08 7.25 -0.45
N LYS A 83 -1.01 7.97 -0.17
CA LYS A 83 -0.26 8.65 -1.20
C LYS A 83 1.02 7.90 -1.56
N ALA A 84 1.69 7.32 -0.58
CA ALA A 84 2.96 6.63 -0.82
C ALA A 84 3.21 5.54 0.21
N ILE A 85 4.14 4.66 -0.11
CA ILE A 85 4.56 3.61 0.80
C ILE A 85 5.95 3.94 1.34
N GLU A 86 6.13 3.78 2.64
CA GLU A 86 7.43 4.04 3.25
C GLU A 86 7.86 2.84 4.09
N GLY A 87 8.63 1.96 3.47
CA GLY A 87 9.10 0.77 4.15
C GLY A 87 7.97 -0.15 4.56
N VAL A 88 7.79 -0.32 5.86
CA VAL A 88 6.72 -1.15 6.39
C VAL A 88 5.53 -0.29 6.83
N LYS A 89 5.56 0.98 6.46
CA LYS A 89 4.53 1.92 6.85
C LYS A 89 3.87 2.52 5.61
N LEU A 90 2.66 3.02 5.77
CA LEU A 90 1.98 3.72 4.68
C LEU A 90 1.98 5.21 4.95
N VAL A 91 2.14 6.00 3.90
CA VAL A 91 2.09 7.44 4.00
C VAL A 91 0.70 7.93 3.65
N VAL A 92 -0.06 8.32 4.66
CA VAL A 92 -1.44 8.70 4.48
C VAL A 92 -1.72 10.08 5.02
N GLU A 93 -2.73 10.73 4.47
CA GLU A 93 -3.19 12.02 4.96
C GLU A 93 -4.71 12.01 5.04
N LYS A 94 -5.28 12.99 5.73
CA LYS A 94 -6.72 13.03 5.93
C LYS A 94 -7.43 13.34 4.62
N LEU A 95 -8.64 12.78 4.45
CA LEU A 95 -9.51 13.15 3.35
C LEU A 95 -10.01 14.59 3.53
N GLU A 96 -10.85 15.03 2.60
CA GLU A 96 -11.34 16.41 2.59
C GLU A 96 -10.17 17.36 2.34
N GLU A 97 -9.56 17.24 1.17
CA GLU A 97 -8.48 18.12 0.79
C GLU A 97 -9.04 19.46 0.33
N GLN A 98 -9.10 20.39 1.25
CA GLN A 98 -9.70 21.70 1.00
C GLN A 98 -8.80 22.55 0.12
N LYS A 99 -9.38 23.11 -0.93
CA LYS A 99 -8.68 23.98 -1.86
C LYS A 99 -7.46 23.29 -2.47
N GLY A 100 -7.73 22.21 -3.21
CA GLY A 100 -6.67 21.54 -3.94
C GLY A 100 -6.31 22.30 -5.19
N SER A 101 -5.54 23.36 -5.03
CA SER A 101 -5.21 24.27 -6.11
C SER A 101 -6.48 24.94 -6.61
N MET A 1 12.95 45.54 -77.20
CA MET A 1 12.59 44.13 -76.93
C MET A 1 13.51 43.55 -75.86
N GLY A 2 13.18 42.37 -75.37
CA GLY A 2 13.98 41.74 -74.34
C GLY A 2 13.84 40.23 -74.35
N SER A 3 14.96 39.56 -74.56
CA SER A 3 15.00 38.11 -74.54
C SER A 3 15.24 37.60 -73.12
N SER A 4 14.87 36.35 -72.86
CA SER A 4 15.01 35.77 -71.55
C SER A 4 16.47 35.48 -71.22
N HIS A 5 16.97 36.11 -70.17
CA HIS A 5 18.35 35.90 -69.74
C HIS A 5 18.38 35.04 -68.48
N HIS A 6 17.88 35.58 -67.38
CA HIS A 6 17.88 34.87 -66.11
C HIS A 6 16.56 34.12 -65.89
N HIS A 7 16.67 32.86 -65.50
CA HIS A 7 15.52 32.05 -65.14
C HIS A 7 15.80 31.26 -63.88
N HIS A 8 15.07 31.56 -62.82
CA HIS A 8 15.23 30.82 -61.57
C HIS A 8 14.60 29.45 -61.69
N HIS A 9 15.29 28.43 -61.22
CA HIS A 9 14.77 27.07 -61.24
C HIS A 9 14.66 26.52 -59.83
N HIS A 10 13.44 26.27 -59.42
CA HIS A 10 13.17 25.70 -58.10
C HIS A 10 13.40 24.19 -58.14
N SER A 11 14.13 23.68 -57.17
CA SER A 11 14.41 22.27 -57.10
C SER A 11 13.86 21.67 -55.81
N SER A 12 13.39 20.44 -55.89
CA SER A 12 12.85 19.75 -54.73
C SER A 12 13.86 18.73 -54.22
N GLY A 13 14.41 18.97 -53.04
CA GLY A 13 15.41 18.09 -52.48
C GLY A 13 15.40 18.05 -50.97
N ARG A 14 16.33 17.30 -50.40
CA ARG A 14 16.46 17.14 -48.95
C ARG A 14 15.27 16.35 -48.40
N GLU A 15 15.40 15.03 -48.41
CA GLU A 15 14.36 14.15 -47.90
C GLU A 15 14.82 13.45 -46.62
N ASN A 16 13.84 12.95 -45.87
CA ASN A 16 14.11 12.10 -44.70
C ASN A 16 12.91 11.19 -44.49
N LEU A 17 13.04 9.95 -44.91
CA LEU A 17 11.91 9.03 -44.92
C LEU A 17 12.09 7.91 -43.92
N TYR A 18 13.13 7.99 -43.10
CA TYR A 18 13.41 6.91 -42.16
C TYR A 18 13.09 7.34 -40.74
N PHE A 19 12.17 6.62 -40.12
CA PHE A 19 11.79 6.84 -38.74
C PHE A 19 11.06 5.62 -38.22
N GLN A 20 11.79 4.76 -37.53
CA GLN A 20 11.23 3.51 -37.04
C GLN A 20 11.79 3.18 -35.67
N GLY A 21 10.94 2.69 -34.78
CA GLY A 21 11.38 2.34 -33.45
C GLY A 21 10.26 1.74 -32.62
N HIS A 22 10.50 0.57 -32.06
CA HIS A 22 9.52 -0.09 -31.20
C HIS A 22 10.23 -1.13 -30.35
N MET A 23 9.92 -1.14 -29.05
CA MET A 23 10.51 -2.09 -28.13
C MET A 23 9.77 -2.06 -26.81
N ALA A 24 8.86 -3.00 -26.63
CA ALA A 24 8.07 -3.09 -25.41
C ALA A 24 8.29 -4.45 -24.74
N ALA A 25 9.02 -4.45 -23.64
CA ALA A 25 9.33 -5.69 -22.95
C ALA A 25 9.36 -5.48 -21.43
N ARG A 26 8.53 -6.23 -20.73
CA ARG A 26 8.52 -6.21 -19.27
C ARG A 26 9.04 -7.54 -18.73
N ILE A 27 10.04 -7.47 -17.86
CA ILE A 27 10.60 -8.67 -17.26
C ILE A 27 9.89 -8.98 -15.96
N THR A 28 9.03 -10.00 -15.98
CA THR A 28 8.27 -10.38 -14.81
C THR A 28 9.02 -11.39 -13.96
N GLY A 29 8.98 -11.19 -12.65
CA GLY A 29 9.60 -12.15 -11.75
C GLY A 29 9.23 -11.89 -10.30
N GLU A 30 7.99 -11.46 -10.07
CA GLU A 30 7.53 -11.14 -8.72
C GLU A 30 6.56 -12.21 -8.22
N PRO A 31 6.45 -12.38 -6.90
CA PRO A 31 5.46 -13.28 -6.29
C PRO A 31 4.04 -12.76 -6.49
N SER A 32 3.05 -13.60 -6.20
CA SER A 32 1.66 -13.24 -6.43
C SER A 32 1.08 -12.50 -5.23
N LYS A 33 1.01 -13.19 -4.08
CA LYS A 33 0.31 -12.65 -2.92
C LYS A 33 1.30 -12.22 -1.83
N LYS A 34 2.58 -12.54 -2.02
CA LYS A 34 3.58 -12.18 -1.02
C LYS A 34 4.18 -10.81 -1.32
N ALA A 35 3.71 -10.21 -2.40
CA ALA A 35 4.20 -8.92 -2.85
C ALA A 35 3.52 -7.79 -2.10
N VAL A 36 4.23 -6.69 -1.90
CA VAL A 36 3.67 -5.52 -1.21
C VAL A 36 2.78 -4.74 -2.17
N SER A 37 2.95 -5.03 -3.45
CA SER A 37 2.16 -4.44 -4.51
C SER A 37 2.36 -2.93 -4.61
N ASP A 38 1.70 -2.32 -5.59
CA ASP A 38 1.68 -0.88 -5.76
C ASP A 38 0.24 -0.40 -5.83
N ARG A 39 -0.66 -1.36 -5.74
CA ARG A 39 -2.09 -1.09 -5.88
C ARG A 39 -2.68 -0.58 -4.57
N LEU A 40 -1.80 -0.07 -3.72
CA LEU A 40 -2.21 0.55 -2.47
C LEU A 40 -2.18 2.06 -2.61
N ILE A 41 -1.43 2.53 -3.62
CA ILE A 41 -1.25 3.95 -3.85
C ILE A 41 -2.50 4.59 -4.43
N GLY A 42 -2.86 5.75 -3.89
CA GLY A 42 -3.92 6.55 -4.46
C GLY A 42 -5.30 6.03 -4.14
N ARG A 43 -5.43 5.34 -3.02
CA ARG A 43 -6.72 4.79 -2.61
C ARG A 43 -7.06 5.24 -1.19
N LYS A 44 -8.34 5.16 -0.85
CA LYS A 44 -8.81 5.63 0.44
C LYS A 44 -8.90 4.48 1.44
N GLY A 45 -8.60 4.79 2.70
CA GLY A 45 -8.69 3.82 3.75
C GLY A 45 -9.26 4.44 5.01
N VAL A 46 -9.40 3.65 6.05
CA VAL A 46 -9.99 4.13 7.30
C VAL A 46 -8.99 3.97 8.45
N VAL A 47 -9.02 4.92 9.37
CA VAL A 47 -8.09 4.91 10.50
C VAL A 47 -8.61 4.01 11.61
N MET A 48 -7.86 2.96 11.90
CA MET A 48 -8.25 1.97 12.90
C MET A 48 -7.56 2.25 14.24
N GLU A 49 -6.42 2.92 14.19
CA GLU A 49 -5.72 3.32 15.40
C GLU A 49 -5.13 4.71 15.23
N ALA A 50 -5.02 5.44 16.34
CA ALA A 50 -4.57 6.82 16.33
C ALA A 50 -3.21 6.96 15.66
N ILE A 51 -3.16 7.80 14.64
CA ILE A 51 -1.92 8.04 13.92
C ILE A 51 -1.38 9.40 14.28
N SER A 52 -0.17 9.44 14.84
CA SER A 52 0.49 10.68 15.13
C SER A 52 1.80 10.76 14.35
N PRO A 53 2.40 11.94 14.27
CA PRO A 53 3.65 12.14 13.53
C PRO A 53 4.80 11.33 14.13
N GLN A 54 4.78 11.20 15.46
CA GLN A 54 5.85 10.52 16.18
C GLN A 54 5.65 9.00 16.18
N ASN A 55 4.43 8.55 16.45
CA ASN A 55 4.15 7.13 16.50
C ASN A 55 3.08 6.79 15.47
N SER A 56 3.40 5.85 14.59
CA SER A 56 2.51 5.47 13.51
C SER A 56 1.26 4.77 14.03
N GLY A 57 0.20 4.79 13.24
CA GLY A 57 -1.04 4.16 13.65
C GLY A 57 -1.44 3.05 12.71
N LEU A 58 -2.69 2.64 12.77
CA LEU A 58 -3.17 1.53 11.97
C LEU A 58 -4.31 1.97 11.06
N VAL A 59 -4.27 1.52 9.81
CA VAL A 59 -5.33 1.79 8.85
C VAL A 59 -5.78 0.49 8.18
N LYS A 60 -7.03 0.46 7.74
CA LYS A 60 -7.54 -0.72 7.06
C LYS A 60 -7.42 -0.54 5.55
N VAL A 61 -6.74 -1.47 4.91
CA VAL A 61 -6.58 -1.45 3.47
C VAL A 61 -7.05 -2.78 2.89
N ASP A 62 -8.18 -2.72 2.18
CA ASP A 62 -8.81 -3.89 1.55
C ASP A 62 -9.34 -4.86 2.60
N GLY A 63 -8.44 -5.66 3.15
CA GLY A 63 -8.83 -6.63 4.16
C GLY A 63 -7.78 -6.79 5.24
N GLU A 64 -6.74 -5.98 5.18
CA GLU A 64 -5.67 -6.07 6.15
C GLU A 64 -5.53 -4.76 6.92
N THR A 65 -4.88 -4.83 8.07
CA THR A 65 -4.57 -3.65 8.84
C THR A 65 -3.10 -3.29 8.63
N TRP A 66 -2.86 -2.16 7.99
CA TRP A 66 -1.50 -1.74 7.69
C TRP A 66 -1.09 -0.61 8.61
N ARG A 67 0.21 -0.37 8.68
CA ARG A 67 0.73 0.70 9.50
C ARG A 67 0.81 1.96 8.69
N ALA A 68 0.56 3.08 9.31
CA ALA A 68 0.49 4.34 8.58
C ALA A 68 1.05 5.49 9.41
N THR A 69 1.78 6.36 8.75
CA THR A 69 2.31 7.55 9.39
C THR A 69 1.75 8.79 8.72
N SER A 70 1.79 9.92 9.41
CA SER A 70 1.25 11.15 8.87
C SER A 70 1.85 12.36 9.58
N GLY A 71 1.56 13.55 9.09
CA GLY A 71 2.04 14.76 9.71
C GLY A 71 0.98 15.42 10.57
N THR A 72 -0.21 14.84 10.56
CA THR A 72 -1.32 15.31 11.37
C THR A 72 -1.82 14.19 12.25
N VAL A 73 -2.64 14.52 13.24
CA VAL A 73 -3.16 13.52 14.16
C VAL A 73 -4.47 12.95 13.62
N LEU A 74 -4.45 11.66 13.30
CA LEU A 74 -5.61 10.98 12.75
C LEU A 74 -6.26 10.10 13.80
N ASP A 75 -7.57 10.29 13.99
CA ASP A 75 -8.30 9.55 15.00
C ASP A 75 -9.04 8.37 14.38
N VAL A 76 -9.48 7.46 15.25
CA VAL A 76 -10.16 6.24 14.82
C VAL A 76 -11.56 6.56 14.32
N GLY A 77 -11.78 6.31 13.05
CA GLY A 77 -13.07 6.62 12.46
C GLY A 77 -12.94 7.53 11.25
N GLU A 78 -11.79 8.19 11.14
CA GLU A 78 -11.50 9.05 10.02
C GLU A 78 -11.16 8.24 8.77
N GLU A 79 -11.12 8.93 7.65
CA GLU A 79 -10.75 8.32 6.39
C GLU A 79 -9.54 9.02 5.83
N VAL A 80 -8.59 8.25 5.34
CA VAL A 80 -7.35 8.79 4.81
C VAL A 80 -7.05 8.24 3.43
N SER A 81 -6.27 8.98 2.66
CA SER A 81 -5.84 8.50 1.36
C SER A 81 -4.33 8.26 1.37
N VAL A 82 -3.91 7.17 0.77
CA VAL A 82 -2.50 6.78 0.76
C VAL A 82 -1.73 7.54 -0.32
N LYS A 83 -0.80 8.37 0.12
CA LYS A 83 0.06 9.12 -0.79
C LYS A 83 1.14 8.22 -1.36
N ALA A 84 1.87 7.56 -0.48
CA ALA A 84 3.00 6.74 -0.89
C ALA A 84 3.33 5.71 0.18
N ILE A 85 4.35 4.90 -0.08
CA ILE A 85 4.79 3.90 0.86
C ILE A 85 6.23 4.20 1.30
N GLU A 86 6.50 4.16 2.59
CA GLU A 86 7.81 4.50 3.11
C GLU A 86 8.56 3.26 3.59
N GLY A 87 8.04 2.10 3.22
CA GLY A 87 8.64 0.85 3.62
C GLY A 87 7.60 -0.15 4.08
N VAL A 88 7.63 -0.48 5.36
CA VAL A 88 6.64 -1.36 5.95
C VAL A 88 5.42 -0.54 6.40
N LYS A 89 5.56 0.78 6.31
CA LYS A 89 4.49 1.69 6.71
C LYS A 89 4.01 2.48 5.51
N LEU A 90 2.81 3.03 5.62
CA LEU A 90 2.21 3.80 4.55
C LEU A 90 2.20 5.28 4.92
N VAL A 91 2.33 6.13 3.92
CA VAL A 91 2.23 7.56 4.13
C VAL A 91 0.84 8.03 3.75
N VAL A 92 0.00 8.23 4.74
CA VAL A 92 -1.39 8.59 4.50
C VAL A 92 -1.70 9.96 5.08
N GLU A 93 -2.72 10.60 4.53
CA GLU A 93 -3.17 11.88 5.03
C GLU A 93 -4.68 11.91 5.04
N LYS A 94 -5.24 12.77 5.86
CA LYS A 94 -6.68 12.83 6.05
C LYS A 94 -7.34 13.38 4.81
N LEU A 95 -8.51 12.85 4.48
CA LEU A 95 -9.34 13.40 3.42
C LEU A 95 -9.54 14.90 3.64
N GLU A 96 -9.64 15.62 2.55
CA GLU A 96 -9.66 17.09 2.57
C GLU A 96 -10.90 17.63 3.27
N GLU A 97 -10.80 18.88 3.72
CA GLU A 97 -11.95 19.60 4.25
C GLU A 97 -12.98 19.80 3.15
N GLN A 98 -14.22 19.42 3.43
CA GLN A 98 -15.25 19.36 2.40
C GLN A 98 -15.69 20.74 1.93
N LYS A 99 -15.23 21.79 2.60
CA LYS A 99 -15.53 23.16 2.17
C LYS A 99 -14.56 24.14 2.83
N GLY A 100 -13.30 23.74 2.94
CA GLY A 100 -12.29 24.60 3.55
C GLY A 100 -12.64 24.99 4.96
N SER A 101 -13.01 26.24 5.15
CA SER A 101 -13.44 26.75 6.45
C SER A 101 -14.64 27.68 6.26
N MET A 1 -3.40 -55.46 15.86
CA MET A 1 -1.96 -55.15 15.98
C MET A 1 -1.64 -53.84 15.26
N GLY A 2 -0.73 -53.06 15.81
CA GLY A 2 -0.37 -51.81 15.19
C GLY A 2 0.68 -51.07 15.99
N SER A 3 1.89 -51.60 16.01
CA SER A 3 2.99 -50.97 16.72
C SER A 3 3.72 -49.98 15.80
N SER A 4 3.32 -48.71 15.89
CA SER A 4 3.92 -47.68 15.07
C SER A 4 5.24 -47.20 15.66
N HIS A 5 6.29 -47.98 15.43
CA HIS A 5 7.62 -47.64 15.92
C HIS A 5 8.51 -47.22 14.78
N HIS A 6 9.15 -46.08 14.94
CA HIS A 6 10.06 -45.54 13.93
C HIS A 6 11.06 -44.61 14.58
N HIS A 7 12.35 -44.89 14.40
CA HIS A 7 13.40 -44.12 15.03
C HIS A 7 14.21 -43.34 13.99
N HIS A 8 14.66 -42.17 14.39
CA HIS A 8 15.49 -41.32 13.55
C HIS A 8 16.56 -40.70 14.43
N HIS A 9 17.81 -41.07 14.19
CA HIS A 9 18.91 -40.63 15.06
C HIS A 9 19.15 -39.14 14.90
N HIS A 10 18.83 -38.41 15.96
CA HIS A 10 19.07 -36.98 16.00
C HIS A 10 20.57 -36.71 16.02
N SER A 11 21.01 -35.77 15.20
CA SER A 11 22.41 -35.38 15.17
C SER A 11 22.89 -34.98 16.55
N SER A 12 23.97 -35.58 17.01
CA SER A 12 24.48 -35.33 18.34
C SER A 12 26.00 -35.25 18.33
N GLY A 13 26.56 -34.47 19.23
CA GLY A 13 28.00 -34.33 19.32
C GLY A 13 28.39 -32.93 19.73
N ARG A 14 29.53 -32.47 19.25
CA ARG A 14 30.00 -31.14 19.59
C ARG A 14 30.86 -30.59 18.47
N GLU A 15 30.24 -29.83 17.59
CA GLU A 15 30.94 -29.22 16.48
C GLU A 15 30.38 -27.82 16.23
N ASN A 16 31.16 -26.81 16.62
CA ASN A 16 30.74 -25.40 16.53
C ASN A 16 29.57 -25.17 17.51
N LEU A 17 28.91 -24.04 17.39
CA LEU A 17 27.76 -23.75 18.22
C LEU A 17 26.52 -24.44 17.66
N TYR A 18 25.55 -24.72 18.53
CA TYR A 18 24.35 -25.42 18.12
C TYR A 18 23.42 -24.53 17.31
N PHE A 19 23.55 -24.61 15.99
CA PHE A 19 22.64 -23.93 15.07
C PHE A 19 22.08 -24.93 14.09
N GLN A 20 20.91 -25.48 14.39
CA GLN A 20 20.27 -26.45 13.51
C GLN A 20 19.39 -25.76 12.47
N GLY A 21 18.71 -26.56 11.66
CA GLY A 21 17.88 -26.01 10.61
C GLY A 21 16.45 -25.84 11.06
N HIS A 22 15.56 -25.64 10.09
CA HIS A 22 14.15 -25.42 10.38
C HIS A 22 13.39 -26.73 10.37
N MET A 23 12.48 -26.90 11.30
CA MET A 23 11.66 -28.10 11.40
C MET A 23 10.19 -27.78 11.11
N ALA A 24 9.93 -26.51 10.83
CA ALA A 24 8.59 -26.08 10.46
C ALA A 24 8.27 -26.51 9.03
N ALA A 25 7.21 -27.27 8.86
CA ALA A 25 6.82 -27.79 7.56
C ALA A 25 5.93 -26.81 6.80
N ARG A 26 5.76 -25.62 7.36
CA ARG A 26 4.92 -24.60 6.75
C ARG A 26 5.49 -23.22 7.04
N ILE A 27 4.97 -22.21 6.34
CA ILE A 27 5.48 -20.85 6.45
C ILE A 27 6.93 -20.80 5.95
N THR A 28 7.58 -19.64 6.05
CA THR A 28 8.99 -19.48 5.66
C THR A 28 9.14 -19.45 4.12
N GLY A 29 8.60 -20.45 3.45
CA GLY A 29 8.67 -20.50 2.00
C GLY A 29 7.40 -21.06 1.40
N GLU A 30 6.44 -20.18 1.12
CA GLU A 30 5.15 -20.59 0.58
C GLU A 30 4.91 -19.93 -0.78
N PRO A 31 4.10 -20.58 -1.64
CA PRO A 31 3.80 -20.07 -2.99
C PRO A 31 2.79 -18.93 -2.98
N SER A 32 2.25 -18.63 -1.80
CA SER A 32 1.26 -17.56 -1.65
C SER A 32 1.88 -16.19 -1.92
N LYS A 33 1.03 -15.20 -2.20
CA LYS A 33 1.51 -13.87 -2.54
C LYS A 33 1.82 -13.06 -1.28
N LYS A 34 3.00 -12.44 -1.27
CA LYS A 34 3.44 -11.65 -0.13
C LYS A 34 3.66 -10.19 -0.55
N ALA A 35 4.12 -9.40 0.42
CA ALA A 35 4.53 -8.00 0.20
C ALA A 35 3.34 -7.09 -0.08
N VAL A 36 3.65 -5.85 -0.42
CA VAL A 36 2.63 -4.85 -0.70
C VAL A 36 2.94 -4.18 -2.04
N SER A 37 1.91 -3.89 -2.82
CA SER A 37 2.09 -3.30 -4.12
C SER A 37 1.51 -1.88 -4.14
N ASP A 38 1.58 -1.23 -5.30
CA ASP A 38 1.25 0.18 -5.42
C ASP A 38 -0.22 0.40 -5.78
N ARG A 39 -1.01 -0.66 -5.80
CA ARG A 39 -2.44 -0.51 -6.11
C ARG A 39 -3.22 0.01 -4.91
N LEU A 40 -2.55 0.05 -3.76
CA LEU A 40 -3.16 0.64 -2.57
C LEU A 40 -2.96 2.15 -2.59
N ILE A 41 -2.06 2.61 -3.44
CA ILE A 41 -1.77 4.02 -3.58
C ILE A 41 -2.86 4.71 -4.38
N GLY A 42 -3.45 5.73 -3.80
CA GLY A 42 -4.49 6.46 -4.46
C GLY A 42 -5.88 6.00 -4.05
N ARG A 43 -5.95 5.13 -3.05
CA ARG A 43 -7.22 4.68 -2.52
C ARG A 43 -7.40 5.12 -1.07
N LYS A 44 -8.60 4.93 -0.56
CA LYS A 44 -8.94 5.32 0.79
C LYS A 44 -8.65 4.20 1.78
N GLY A 45 -8.22 4.60 2.96
CA GLY A 45 -8.05 3.67 4.06
C GLY A 45 -8.68 4.22 5.32
N VAL A 46 -9.25 3.38 6.12
CA VAL A 46 -9.91 3.82 7.35
C VAL A 46 -8.97 3.68 8.55
N VAL A 47 -9.04 4.63 9.46
CA VAL A 47 -8.15 4.65 10.61
C VAL A 47 -8.70 3.79 11.74
N MET A 48 -8.03 2.68 12.02
CA MET A 48 -8.41 1.79 13.10
C MET A 48 -7.72 2.18 14.39
N GLU A 49 -6.47 2.61 14.27
CA GLU A 49 -5.70 3.04 15.43
C GLU A 49 -5.20 4.46 15.21
N ALA A 50 -5.21 5.26 16.26
CA ALA A 50 -4.89 6.68 16.18
C ALA A 50 -3.48 6.91 15.63
N ILE A 51 -3.41 7.57 14.48
CA ILE A 51 -2.15 7.94 13.87
C ILE A 51 -1.67 9.26 14.45
N SER A 52 -0.37 9.36 14.70
CA SER A 52 0.17 10.57 15.31
C SER A 52 1.61 10.81 14.88
N PRO A 53 2.10 12.04 15.07
CA PRO A 53 3.53 12.35 14.87
C PRO A 53 4.39 11.65 15.92
N GLN A 54 3.75 11.18 16.98
CA GLN A 54 4.44 10.44 18.04
C GLN A 54 4.88 9.08 17.51
N ASN A 55 3.96 8.37 16.89
CA ASN A 55 4.26 7.09 16.26
C ASN A 55 3.16 6.72 15.29
N SER A 56 3.44 5.72 14.46
CA SER A 56 2.55 5.29 13.39
C SER A 56 1.23 4.75 13.94
N GLY A 57 0.19 4.83 13.11
CA GLY A 57 -1.09 4.26 13.47
C GLY A 57 -1.43 3.09 12.58
N LEU A 58 -2.62 2.55 12.73
CA LEU A 58 -3.05 1.40 11.96
C LEU A 58 -4.29 1.73 11.13
N VAL A 59 -4.20 1.52 9.83
CA VAL A 59 -5.33 1.76 8.94
C VAL A 59 -5.70 0.50 8.19
N LYS A 60 -7.00 0.31 7.97
CA LYS A 60 -7.47 -0.83 7.22
C LYS A 60 -7.65 -0.41 5.76
N VAL A 61 -6.85 -1.01 4.89
CA VAL A 61 -6.88 -0.64 3.50
C VAL A 61 -7.74 -1.62 2.72
N ASP A 62 -9.05 -1.38 2.76
CA ASP A 62 -10.04 -2.15 2.02
C ASP A 62 -10.25 -3.56 2.59
N GLY A 63 -9.19 -4.14 3.13
CA GLY A 63 -9.29 -5.49 3.68
C GLY A 63 -8.41 -5.70 4.89
N GLU A 64 -7.12 -5.42 4.75
CA GLU A 64 -6.17 -5.67 5.82
C GLU A 64 -5.70 -4.38 6.46
N THR A 65 -5.10 -4.49 7.63
CA THR A 65 -4.59 -3.34 8.33
C THR A 65 -3.10 -3.17 8.08
N TRP A 66 -2.69 -1.94 7.87
CA TRP A 66 -1.30 -1.62 7.62
C TRP A 66 -0.89 -0.44 8.50
N ARG A 67 0.42 -0.21 8.61
CA ARG A 67 0.91 0.90 9.40
C ARG A 67 0.80 2.17 8.57
N ALA A 68 0.53 3.26 9.23
CA ALA A 68 0.34 4.53 8.54
C ALA A 68 1.01 5.67 9.28
N THR A 69 1.60 6.57 8.51
CA THR A 69 2.26 7.73 9.04
C THR A 69 1.75 8.99 8.34
N SER A 70 1.63 10.08 9.10
CA SER A 70 1.19 11.35 8.55
C SER A 70 1.78 12.50 9.36
N GLY A 71 1.63 13.71 8.84
CA GLY A 71 2.12 14.87 9.55
C GLY A 71 1.04 15.54 10.37
N THR A 72 0.05 14.76 10.80
CA THR A 72 -1.04 15.29 11.61
C THR A 72 -1.51 14.20 12.59
N VAL A 73 -2.38 14.56 13.52
CA VAL A 73 -2.98 13.59 14.42
C VAL A 73 -4.32 13.14 13.85
N LEU A 74 -4.53 11.83 13.81
CA LEU A 74 -5.74 11.27 13.22
C LEU A 74 -6.50 10.43 14.24
N ASP A 75 -7.83 10.47 14.15
CA ASP A 75 -8.68 9.78 15.10
C ASP A 75 -9.22 8.48 14.52
N VAL A 76 -9.68 7.60 15.39
CA VAL A 76 -10.22 6.33 14.99
C VAL A 76 -11.57 6.50 14.29
N GLY A 77 -11.71 5.92 13.12
CA GLY A 77 -12.93 6.04 12.36
C GLY A 77 -12.81 7.04 11.24
N GLU A 78 -11.66 7.73 11.18
CA GLU A 78 -11.38 8.65 10.10
C GLU A 78 -11.02 7.91 8.82
N GLU A 79 -10.91 8.67 7.74
CA GLU A 79 -10.58 8.10 6.44
C GLU A 79 -9.35 8.81 5.89
N VAL A 80 -8.39 8.03 5.40
CA VAL A 80 -7.16 8.61 4.88
C VAL A 80 -6.91 8.17 3.45
N SER A 81 -6.19 9.01 2.71
CA SER A 81 -5.75 8.67 1.36
C SER A 81 -4.31 8.21 1.39
N VAL A 82 -4.03 7.04 0.83
CA VAL A 82 -2.69 6.50 0.78
C VAL A 82 -1.90 7.17 -0.34
N LYS A 83 -0.90 7.94 0.04
CA LYS A 83 -0.10 8.70 -0.91
C LYS A 83 1.18 7.98 -1.30
N ALA A 84 1.86 7.41 -0.32
CA ALA A 84 3.15 6.78 -0.56
C ALA A 84 3.40 5.62 0.39
N ILE A 85 4.56 4.99 0.25
CA ILE A 85 4.94 3.86 1.09
C ILE A 85 6.27 4.16 1.78
N GLU A 86 6.35 3.87 3.07
CA GLU A 86 7.56 4.10 3.83
C GLU A 86 7.97 2.81 4.52
N GLY A 87 8.69 1.96 3.80
CA GLY A 87 9.04 0.66 4.31
C GLY A 87 7.84 -0.26 4.42
N VAL A 88 7.45 -0.55 5.64
CA VAL A 88 6.27 -1.37 5.90
C VAL A 88 5.09 -0.47 6.30
N LYS A 89 5.36 0.83 6.35
CA LYS A 89 4.35 1.81 6.68
C LYS A 89 3.85 2.48 5.42
N LEU A 90 2.69 3.11 5.51
CA LEU A 90 2.16 3.88 4.41
C LEU A 90 2.14 5.36 4.77
N VAL A 91 2.34 6.20 3.78
CA VAL A 91 2.28 7.64 3.97
C VAL A 91 0.90 8.12 3.54
N VAL A 92 0.10 8.57 4.49
CA VAL A 92 -1.29 8.90 4.22
C VAL A 92 -1.62 10.34 4.59
N GLU A 93 -2.73 10.82 4.06
CA GLU A 93 -3.27 12.11 4.43
C GLU A 93 -4.74 11.99 4.75
N LYS A 94 -5.25 12.95 5.49
CA LYS A 94 -6.61 12.86 6.02
C LYS A 94 -7.64 13.38 5.02
N LEU A 95 -8.74 12.65 4.89
CA LEU A 95 -9.90 13.15 4.18
C LEU A 95 -10.57 14.22 5.03
N GLU A 96 -11.01 15.28 4.40
CA GLU A 96 -11.56 16.40 5.12
C GLU A 96 -12.65 17.11 4.31
N GLU A 97 -13.90 16.87 4.70
CA GLU A 97 -15.03 17.56 4.10
C GLU A 97 -15.30 18.85 4.86
N GLN A 98 -14.75 18.91 6.06
CA GLN A 98 -14.90 20.06 6.92
C GLN A 98 -13.67 20.95 6.75
N LYS A 99 -13.74 21.85 5.78
CA LYS A 99 -12.61 22.73 5.47
C LYS A 99 -12.92 24.15 5.95
N GLY A 100 -13.84 24.25 6.88
CA GLY A 100 -14.27 25.56 7.35
C GLY A 100 -15.61 25.95 6.76
N SER A 101 -16.01 27.18 6.98
CA SER A 101 -17.26 27.67 6.43
C SER A 101 -16.98 28.74 5.38
N MET A 1 69.33 18.38 -42.68
CA MET A 1 68.89 18.36 -41.26
C MET A 1 68.97 16.95 -40.70
N GLY A 2 69.37 16.82 -39.45
CA GLY A 2 69.46 15.52 -38.82
C GLY A 2 68.19 15.20 -38.05
N SER A 3 67.43 14.25 -38.55
CA SER A 3 66.17 13.87 -37.91
C SER A 3 66.41 12.97 -36.72
N SER A 4 65.65 13.18 -35.66
CA SER A 4 65.73 12.37 -34.47
C SER A 4 64.36 12.24 -33.83
N HIS A 5 63.68 11.16 -34.18
CA HIS A 5 62.30 10.95 -33.75
C HIS A 5 62.14 9.59 -33.09
N HIS A 6 62.11 9.60 -31.77
CA HIS A 6 62.01 8.36 -31.00
C HIS A 6 60.60 7.78 -31.10
N HIS A 7 60.50 6.47 -31.16
CA HIS A 7 59.21 5.81 -31.24
C HIS A 7 59.00 4.85 -30.07
N HIS A 8 57.77 4.81 -29.57
CA HIS A 8 57.40 3.89 -28.51
C HIS A 8 55.91 3.57 -28.57
N HIS A 9 55.60 2.29 -28.68
CA HIS A 9 54.22 1.81 -28.66
C HIS A 9 54.21 0.40 -28.10
N HIS A 10 54.73 0.27 -26.89
CA HIS A 10 54.93 -1.03 -26.27
C HIS A 10 53.77 -1.38 -25.34
N SER A 11 52.75 -1.99 -25.91
CA SER A 11 51.57 -2.40 -25.15
C SER A 11 50.81 -3.50 -25.88
N SER A 12 50.64 -4.63 -25.22
CA SER A 12 49.90 -5.74 -25.79
C SER A 12 48.82 -6.21 -24.84
N GLY A 13 47.73 -6.75 -25.38
CA GLY A 13 46.66 -7.27 -24.56
C GLY A 13 45.46 -7.64 -25.40
N ARG A 14 44.63 -8.54 -24.88
CA ARG A 14 43.43 -8.96 -25.60
C ARG A 14 42.19 -8.34 -24.97
N GLU A 15 41.66 -9.03 -23.96
CA GLU A 15 40.46 -8.58 -23.23
C GLU A 15 39.28 -8.33 -24.15
N ASN A 16 38.55 -9.40 -24.45
CA ASN A 16 37.34 -9.31 -25.24
C ASN A 16 36.15 -9.71 -24.38
N LEU A 17 34.98 -9.83 -24.99
CA LEU A 17 33.79 -10.22 -24.26
C LEU A 17 33.74 -11.73 -24.10
N TYR A 18 33.85 -12.20 -22.86
CA TYR A 18 33.73 -13.62 -22.57
C TYR A 18 32.27 -14.03 -22.70
N PHE A 19 31.96 -14.74 -23.76
CA PHE A 19 30.58 -14.99 -24.15
C PHE A 19 30.01 -16.23 -23.47
N GLN A 20 28.76 -16.11 -23.05
CA GLN A 20 28.01 -17.24 -22.54
C GLN A 20 26.52 -16.95 -22.65
N GLY A 21 25.74 -17.94 -23.04
CA GLY A 21 24.31 -17.78 -23.14
C GLY A 21 23.65 -17.64 -21.79
N HIS A 22 24.30 -18.19 -20.77
CA HIS A 22 23.82 -18.15 -19.39
C HIS A 22 22.61 -19.06 -19.21
N MET A 23 22.73 -20.01 -18.29
CA MET A 23 21.65 -20.96 -18.04
C MET A 23 20.39 -20.22 -17.59
N ALA A 24 19.27 -20.59 -18.20
CA ALA A 24 17.99 -19.96 -17.92
C ALA A 24 17.53 -20.21 -16.49
N ALA A 25 16.68 -19.33 -16.00
CA ALA A 25 16.12 -19.47 -14.66
C ALA A 25 14.76 -20.15 -14.73
N ARG A 26 14.39 -20.83 -13.66
CA ARG A 26 13.10 -21.52 -13.60
C ARG A 26 12.21 -20.87 -12.56
N ILE A 27 10.91 -21.13 -12.65
CA ILE A 27 9.97 -20.57 -11.70
C ILE A 27 9.89 -21.42 -10.44
N THR A 28 10.27 -20.83 -9.32
CA THR A 28 10.29 -21.52 -8.05
C THR A 28 8.95 -21.35 -7.33
N GLY A 29 8.88 -21.86 -6.11
CA GLY A 29 7.66 -21.74 -5.32
C GLY A 29 7.35 -20.30 -4.95
N GLU A 30 6.34 -19.74 -5.60
CA GLU A 30 5.92 -18.37 -5.34
C GLU A 30 4.51 -18.34 -4.74
N PRO A 31 4.40 -18.45 -3.41
CA PRO A 31 3.12 -18.37 -2.71
C PRO A 31 2.51 -16.98 -2.83
N SER A 32 1.34 -16.80 -2.24
CA SER A 32 0.63 -15.54 -2.31
C SER A 32 1.45 -14.41 -1.68
N LYS A 33 2.06 -14.70 -0.52
CA LYS A 33 2.94 -13.74 0.15
C LYS A 33 2.19 -12.45 0.49
N LYS A 34 2.95 -11.41 0.81
CA LYS A 34 2.38 -10.09 1.00
C LYS A 34 2.90 -9.15 -0.07
N ALA A 35 2.25 -9.16 -1.22
CA ALA A 35 2.68 -8.37 -2.36
C ALA A 35 2.24 -6.92 -2.22
N VAL A 36 3.21 -6.01 -2.26
CA VAL A 36 2.93 -4.59 -2.23
C VAL A 36 2.55 -4.12 -3.62
N SER A 37 1.45 -3.40 -3.70
CA SER A 37 0.93 -2.95 -4.98
C SER A 37 1.11 -1.45 -5.17
N ASP A 38 1.58 -1.07 -6.36
CA ASP A 38 1.77 0.34 -6.70
C ASP A 38 0.43 1.01 -6.93
N ARG A 39 -0.61 0.20 -7.09
CA ARG A 39 -1.96 0.71 -7.32
C ARG A 39 -2.56 1.24 -6.02
N LEU A 40 -1.83 1.08 -4.92
CA LEU A 40 -2.27 1.57 -3.63
C LEU A 40 -2.04 3.08 -3.52
N ILE A 41 -1.25 3.60 -4.43
CA ILE A 41 -0.98 5.04 -4.48
C ILE A 41 -2.22 5.79 -4.94
N GLY A 42 -2.95 6.34 -3.99
CA GLY A 42 -4.18 7.02 -4.30
C GLY A 42 -5.39 6.29 -3.77
N ARG A 43 -5.16 5.19 -3.07
CA ARG A 43 -6.24 4.40 -2.49
C ARG A 43 -6.72 5.01 -1.19
N LYS A 44 -7.88 4.54 -0.73
CA LYS A 44 -8.46 4.98 0.51
C LYS A 44 -7.90 4.19 1.69
N GLY A 45 -8.16 4.68 2.89
CA GLY A 45 -7.80 3.97 4.09
C GLY A 45 -8.59 4.47 5.27
N VAL A 46 -9.05 3.58 6.11
CA VAL A 46 -9.78 3.97 7.31
C VAL A 46 -8.87 3.85 8.53
N VAL A 47 -9.02 4.78 9.46
CA VAL A 47 -8.18 4.81 10.65
C VAL A 47 -8.75 3.93 11.75
N MET A 48 -8.10 2.79 11.99
CA MET A 48 -8.51 1.87 13.03
C MET A 48 -7.88 2.23 14.36
N GLU A 49 -6.65 2.72 14.32
CA GLU A 49 -5.99 3.20 15.52
C GLU A 49 -5.49 4.62 15.30
N ALA A 50 -5.63 5.45 16.33
CA ALA A 50 -5.29 6.87 16.26
C ALA A 50 -3.85 7.08 15.80
N ILE A 51 -3.70 7.88 14.75
CA ILE A 51 -2.39 8.21 14.20
C ILE A 51 -1.81 9.41 14.94
N SER A 52 -0.63 9.24 15.50
CA SER A 52 0.01 10.31 16.26
C SER A 52 1.47 10.46 15.85
N PRO A 53 2.07 11.63 16.15
CA PRO A 53 3.50 11.87 15.91
C PRO A 53 4.39 10.85 16.60
N GLN A 54 3.90 10.32 17.72
CA GLN A 54 4.63 9.30 18.47
C GLN A 54 4.34 7.91 17.93
N ASN A 55 3.06 7.53 17.96
CA ASN A 55 2.67 6.20 17.56
C ASN A 55 1.97 6.22 16.21
N SER A 56 2.53 5.52 15.24
CA SER A 56 1.90 5.42 13.93
C SER A 56 0.62 4.62 14.05
N GLY A 57 -0.39 5.01 13.29
CA GLY A 57 -1.70 4.42 13.44
C GLY A 57 -1.90 3.24 12.54
N LEU A 58 -3.03 2.58 12.69
CA LEU A 58 -3.35 1.43 11.88
C LEU A 58 -4.48 1.75 10.91
N VAL A 59 -4.20 1.59 9.63
CA VAL A 59 -5.20 1.81 8.60
C VAL A 59 -5.62 0.48 7.97
N LYS A 60 -6.92 0.30 7.83
CA LYS A 60 -7.44 -0.95 7.32
C LYS A 60 -7.78 -0.82 5.84
N VAL A 61 -6.95 -1.46 5.00
CA VAL A 61 -7.15 -1.44 3.57
C VAL A 61 -7.86 -2.72 3.14
N ASP A 62 -9.12 -2.58 2.76
CA ASP A 62 -9.99 -3.71 2.43
C ASP A 62 -10.20 -4.61 3.65
N GLY A 63 -9.27 -5.52 3.86
CA GLY A 63 -9.37 -6.44 4.98
C GLY A 63 -8.05 -6.65 5.69
N GLU A 64 -7.03 -5.91 5.28
CA GLU A 64 -5.72 -6.02 5.90
C GLU A 64 -5.31 -4.68 6.49
N THR A 65 -4.68 -4.72 7.65
CA THR A 65 -4.30 -3.49 8.32
C THR A 65 -2.83 -3.17 8.09
N TRP A 66 -2.58 -1.92 7.75
CA TRP A 66 -1.22 -1.43 7.55
C TRP A 66 -0.93 -0.33 8.55
N ARG A 67 0.33 0.02 8.72
CA ARG A 67 0.71 1.08 9.61
C ARG A 67 0.79 2.38 8.83
N ALA A 68 0.39 3.45 9.45
CA ALA A 68 0.29 4.72 8.75
C ALA A 68 0.96 5.86 9.49
N THR A 69 1.63 6.72 8.75
CA THR A 69 2.29 7.88 9.31
C THR A 69 1.69 9.16 8.76
N SER A 70 1.33 10.07 9.65
CA SER A 70 0.76 11.35 9.27
C SER A 70 1.29 12.44 10.20
N GLY A 71 1.15 13.70 9.78
CA GLY A 71 1.57 14.81 10.62
C GLY A 71 0.47 15.26 11.57
N THR A 72 -0.76 14.92 11.22
CA THR A 72 -1.92 15.28 12.03
C THR A 72 -2.39 14.11 12.88
N VAL A 73 -2.97 14.41 14.03
CA VAL A 73 -3.48 13.37 14.91
C VAL A 73 -4.86 12.92 14.44
N LEU A 74 -4.90 11.76 13.81
CA LEU A 74 -6.11 11.26 13.21
C LEU A 74 -6.86 10.32 14.15
N ASP A 75 -8.16 10.56 14.28
CA ASP A 75 -8.99 9.82 15.23
C ASP A 75 -9.44 8.50 14.64
N VAL A 76 -9.88 7.60 15.50
CA VAL A 76 -10.39 6.30 15.07
C VAL A 76 -11.75 6.46 14.41
N GLY A 77 -11.87 6.02 13.17
CA GLY A 77 -13.10 6.16 12.44
C GLY A 77 -12.96 7.14 11.29
N GLU A 78 -11.85 7.87 11.27
CA GLU A 78 -11.56 8.79 10.19
C GLU A 78 -11.17 8.03 8.92
N GLU A 79 -11.14 8.76 7.82
CA GLU A 79 -10.74 8.18 6.55
C GLU A 79 -9.58 8.97 5.96
N VAL A 80 -8.65 8.25 5.36
CA VAL A 80 -7.48 8.87 4.77
C VAL A 80 -7.23 8.36 3.36
N SER A 81 -6.22 8.91 2.72
CA SER A 81 -5.78 8.43 1.42
C SER A 81 -4.27 8.23 1.42
N VAL A 82 -3.82 7.16 0.78
CA VAL A 82 -2.41 6.82 0.77
C VAL A 82 -1.66 7.63 -0.29
N LYS A 83 -0.67 8.39 0.15
CA LYS A 83 0.15 9.18 -0.73
C LYS A 83 1.37 8.39 -1.18
N ALA A 84 2.06 7.77 -0.24
CA ALA A 84 3.27 7.03 -0.54
C ALA A 84 3.38 5.77 0.31
N ILE A 85 4.28 4.88 -0.05
CA ILE A 85 4.47 3.63 0.69
C ILE A 85 5.95 3.43 1.01
N GLU A 86 6.26 3.21 2.27
CA GLU A 86 7.62 2.96 2.69
C GLU A 86 7.72 1.70 3.55
N GLY A 87 8.03 0.58 2.92
CA GLY A 87 8.20 -0.66 3.64
C GLY A 87 6.89 -1.19 4.22
N VAL A 88 6.77 -1.12 5.53
CA VAL A 88 5.58 -1.60 6.22
C VAL A 88 4.70 -0.44 6.68
N LYS A 89 5.11 0.77 6.34
CA LYS A 89 4.35 1.96 6.71
C LYS A 89 3.82 2.66 5.47
N LEU A 90 2.63 3.20 5.57
CA LEU A 90 2.06 3.99 4.50
C LEU A 90 2.07 5.47 4.89
N VAL A 91 2.37 6.30 3.92
CA VAL A 91 2.31 7.74 4.12
C VAL A 91 0.93 8.22 3.71
N VAL A 92 0.12 8.57 4.69
CA VAL A 92 -1.28 8.90 4.43
C VAL A 92 -1.64 10.24 5.02
N GLU A 93 -2.78 10.77 4.60
CA GLU A 93 -3.30 12.00 5.16
C GLU A 93 -4.81 12.01 5.06
N LYS A 94 -5.43 12.91 5.80
CA LYS A 94 -6.88 12.97 5.91
C LYS A 94 -7.54 13.10 4.56
N LEU A 95 -8.52 12.25 4.33
CA LEU A 95 -9.27 12.22 3.08
C LEU A 95 -10.11 13.48 2.93
N GLU A 96 -10.33 13.88 1.68
CA GLU A 96 -11.11 15.07 1.38
C GLU A 96 -12.58 14.88 1.76
N GLU A 97 -13.04 15.71 2.68
CA GLU A 97 -14.44 15.69 3.08
C GLU A 97 -15.23 16.72 2.31
N GLN A 98 -16.31 16.30 1.68
CA GLN A 98 -17.21 17.24 1.03
C GLN A 98 -18.21 17.76 2.06
N LYS A 99 -17.66 18.31 3.14
CA LYS A 99 -18.43 18.88 4.22
C LYS A 99 -18.51 20.39 4.05
N GLY A 100 -17.35 20.98 3.75
CA GLY A 100 -17.27 22.41 3.59
C GLY A 100 -16.11 22.99 4.37
N SER A 101 -16.36 23.29 5.64
CA SER A 101 -15.31 23.81 6.51
C SER A 101 -15.13 22.91 7.72
N MET A 1 -41.37 -9.61 10.36
CA MET A 1 -40.97 -10.50 11.48
C MET A 1 -40.40 -11.80 10.95
N GLY A 2 -39.08 -11.86 10.87
CA GLY A 2 -38.41 -13.08 10.47
C GLY A 2 -37.39 -13.51 11.49
N SER A 3 -36.95 -12.55 12.30
CA SER A 3 -36.04 -12.83 13.39
C SER A 3 -36.81 -13.37 14.58
N SER A 4 -36.17 -14.23 15.34
CA SER A 4 -36.78 -14.81 16.52
C SER A 4 -35.81 -14.72 17.70
N HIS A 5 -35.99 -13.71 18.53
CA HIS A 5 -35.17 -13.59 19.74
C HIS A 5 -35.68 -14.56 20.80
N HIS A 6 -35.33 -15.82 20.62
CA HIS A 6 -35.79 -16.89 21.48
C HIS A 6 -34.63 -17.85 21.69
N HIS A 7 -33.51 -17.30 22.10
CA HIS A 7 -32.27 -18.06 22.21
C HIS A 7 -32.18 -18.77 23.56
N HIS A 8 -32.19 -20.09 23.50
CA HIS A 8 -32.03 -20.91 24.69
C HIS A 8 -30.76 -21.75 24.57
N HIS A 9 -30.17 -21.73 23.39
CA HIS A 9 -28.88 -22.35 23.15
C HIS A 9 -27.77 -21.34 23.43
N HIS A 10 -27.02 -21.55 24.50
CA HIS A 10 -25.93 -20.66 24.84
C HIS A 10 -24.70 -20.98 23.99
N SER A 11 -24.03 -22.07 24.31
CA SER A 11 -22.88 -22.48 23.55
C SER A 11 -23.25 -23.62 22.60
N SER A 12 -23.68 -23.24 21.40
CA SER A 12 -24.06 -24.22 20.40
C SER A 12 -23.55 -23.80 19.04
N GLY A 13 -22.31 -24.17 18.74
CA GLY A 13 -21.73 -23.85 17.47
C GLY A 13 -21.29 -25.10 16.74
N ARG A 14 -22.24 -25.76 16.09
CA ARG A 14 -21.94 -26.97 15.34
C ARG A 14 -21.39 -26.62 13.96
N GLU A 15 -20.11 -26.32 13.90
CA GLU A 15 -19.46 -25.95 12.65
C GLU A 15 -18.80 -27.18 12.03
N ASN A 16 -19.18 -27.47 10.79
CA ASN A 16 -18.63 -28.62 10.09
C ASN A 16 -18.35 -28.25 8.64
N LEU A 17 -17.08 -28.07 8.34
CA LEU A 17 -16.64 -27.66 7.00
C LEU A 17 -16.49 -28.87 6.09
N TYR A 18 -16.46 -28.62 4.79
CA TYR A 18 -16.32 -29.68 3.81
C TYR A 18 -14.85 -30.02 3.57
N PHE A 19 -14.60 -31.29 3.28
CA PHE A 19 -13.26 -31.78 3.03
C PHE A 19 -13.10 -32.11 1.56
N GLN A 20 -12.08 -31.56 0.93
CA GLN A 20 -11.85 -31.79 -0.49
C GLN A 20 -10.47 -32.39 -0.72
N GLY A 21 -10.44 -33.68 -1.07
CA GLY A 21 -9.19 -34.32 -1.40
C GLY A 21 -8.93 -34.27 -2.90
N HIS A 22 -9.71 -33.45 -3.59
CA HIS A 22 -9.58 -33.28 -5.02
C HIS A 22 -8.71 -32.07 -5.33
N MET A 23 -7.42 -32.31 -5.51
CA MET A 23 -6.48 -31.23 -5.77
C MET A 23 -6.25 -31.07 -7.26
N ALA A 24 -5.85 -29.87 -7.67
CA ALA A 24 -5.56 -29.59 -9.05
C ALA A 24 -4.31 -28.72 -9.19
N ALA A 25 -3.22 -29.33 -9.61
CA ALA A 25 -1.97 -28.62 -9.78
C ALA A 25 -1.79 -28.18 -11.21
N ARG A 26 -2.26 -26.97 -11.52
CA ARG A 26 -2.14 -26.43 -12.85
C ARG A 26 -1.89 -24.93 -12.80
N ILE A 27 -0.76 -24.51 -13.34
CA ILE A 27 -0.39 -23.10 -13.37
C ILE A 27 -0.56 -22.56 -14.78
N THR A 28 -1.67 -21.89 -15.02
CA THR A 28 -1.96 -21.35 -16.33
C THR A 28 -1.81 -19.83 -16.33
N GLY A 29 -2.48 -19.20 -15.38
CA GLY A 29 -2.41 -17.76 -15.25
C GLY A 29 -2.82 -17.32 -13.87
N GLU A 30 -2.42 -18.08 -12.87
CA GLU A 30 -2.80 -17.81 -11.49
C GLU A 30 -1.55 -17.73 -10.61
N PRO A 31 -0.93 -16.54 -10.53
CA PRO A 31 0.28 -16.34 -9.73
C PRO A 31 -0.04 -16.32 -8.23
N SER A 32 0.95 -16.71 -7.43
CA SER A 32 0.81 -16.68 -5.99
C SER A 32 0.62 -15.25 -5.49
N LYS A 33 -0.29 -15.07 -4.56
CA LYS A 33 -0.58 -13.75 -4.01
C LYS A 33 0.53 -13.31 -3.05
N LYS A 34 1.49 -12.58 -3.62
CA LYS A 34 2.64 -12.09 -2.89
C LYS A 34 3.14 -10.84 -3.60
N ALA A 35 4.12 -10.15 -3.00
CA ALA A 35 4.70 -8.93 -3.57
C ALA A 35 3.73 -7.76 -3.52
N VAL A 36 3.98 -6.84 -2.59
CA VAL A 36 3.15 -5.66 -2.45
C VAL A 36 3.31 -4.76 -3.67
N SER A 37 2.22 -4.48 -4.33
CA SER A 37 2.22 -3.69 -5.54
C SER A 37 1.53 -2.34 -5.30
N ASP A 38 1.51 -1.50 -6.33
CA ASP A 38 0.98 -0.13 -6.23
C ASP A 38 -0.55 -0.11 -6.21
N ARG A 39 -1.16 -1.26 -5.98
CA ARG A 39 -2.61 -1.39 -5.94
C ARG A 39 -3.19 -0.67 -4.72
N LEU A 40 -2.31 -0.34 -3.77
CA LEU A 40 -2.75 0.30 -2.53
C LEU A 40 -2.55 1.82 -2.61
N ILE A 41 -1.91 2.27 -3.68
CA ILE A 41 -1.54 3.68 -3.81
C ILE A 41 -2.71 4.50 -4.34
N GLY A 42 -3.06 5.55 -3.61
CA GLY A 42 -4.11 6.45 -4.05
C GLY A 42 -5.49 5.98 -3.67
N ARG A 43 -5.56 4.98 -2.80
CA ARG A 43 -6.85 4.45 -2.37
C ARG A 43 -7.22 4.97 -1.00
N LYS A 44 -8.49 4.81 -0.66
CA LYS A 44 -9.02 5.28 0.60
C LYS A 44 -8.84 4.22 1.68
N GLY A 45 -8.58 4.67 2.89
CA GLY A 45 -8.47 3.79 4.02
C GLY A 45 -9.14 4.40 5.23
N VAL A 46 -9.30 3.62 6.27
CA VAL A 46 -9.90 4.10 7.50
C VAL A 46 -8.96 3.86 8.67
N VAL A 47 -8.96 4.78 9.62
CA VAL A 47 -8.06 4.71 10.76
C VAL A 47 -8.62 3.77 11.84
N MET A 48 -7.87 2.70 12.11
CA MET A 48 -8.25 1.74 13.13
C MET A 48 -7.44 1.94 14.40
N GLU A 49 -6.27 2.55 14.27
CA GLU A 49 -5.41 2.82 15.41
C GLU A 49 -4.85 4.23 15.32
N ALA A 50 -4.69 4.88 16.46
CA ALA A 50 -4.27 6.29 16.51
C ALA A 50 -2.96 6.52 15.77
N ILE A 51 -2.99 7.47 14.84
CA ILE A 51 -1.83 7.80 14.03
C ILE A 51 -1.23 9.13 14.50
N SER A 52 0.07 9.14 14.74
CA SER A 52 0.74 10.37 15.13
C SER A 52 2.03 10.56 14.35
N PRO A 53 2.56 11.78 14.35
CA PRO A 53 3.88 12.08 13.78
C PRO A 53 4.99 11.33 14.53
N GLN A 54 4.68 10.96 15.77
CA GLN A 54 5.63 10.26 16.62
C GLN A 54 5.61 8.76 16.33
N ASN A 55 4.44 8.15 16.50
CA ASN A 55 4.29 6.72 16.25
C ASN A 55 3.19 6.47 15.24
N SER A 56 3.49 5.64 14.25
CA SER A 56 2.52 5.29 13.22
C SER A 56 1.31 4.59 13.83
N GLY A 57 0.19 4.67 13.12
CA GLY A 57 -1.00 4.00 13.55
C GLY A 57 -1.38 2.88 12.62
N LEU A 58 -2.64 2.50 12.62
CA LEU A 58 -3.12 1.42 11.77
C LEU A 58 -4.28 1.87 10.90
N VAL A 59 -4.16 1.64 9.60
CA VAL A 59 -5.23 1.93 8.68
C VAL A 59 -5.67 0.66 7.96
N LYS A 60 -6.96 0.56 7.68
CA LYS A 60 -7.48 -0.58 6.96
C LYS A 60 -7.53 -0.26 5.46
N VAL A 61 -6.62 -0.88 4.72
CA VAL A 61 -6.56 -0.69 3.28
C VAL A 61 -7.27 -1.84 2.58
N ASP A 62 -8.48 -1.56 2.10
CA ASP A 62 -9.33 -2.55 1.43
C ASP A 62 -9.81 -3.63 2.42
N GLY A 63 -8.90 -4.50 2.82
CA GLY A 63 -9.27 -5.58 3.72
C GLY A 63 -8.15 -5.97 4.67
N GLU A 64 -6.99 -5.32 4.56
CA GLU A 64 -5.88 -5.61 5.44
C GLU A 64 -5.48 -4.37 6.24
N THR A 65 -4.88 -4.59 7.40
CA THR A 65 -4.48 -3.50 8.28
C THR A 65 -2.97 -3.24 8.17
N TRP A 66 -2.61 -1.99 7.89
CA TRP A 66 -1.21 -1.62 7.72
C TRP A 66 -0.86 -0.43 8.61
N ARG A 67 0.41 -0.28 8.93
CA ARG A 67 0.89 0.88 9.66
C ARG A 67 0.87 2.12 8.76
N ALA A 68 0.53 3.25 9.34
CA ALA A 68 0.49 4.49 8.58
C ALA A 68 0.93 5.67 9.43
N THR A 69 1.65 6.59 8.82
CA THR A 69 2.06 7.81 9.48
C THR A 69 1.49 9.01 8.73
N SER A 70 1.49 10.17 9.35
CA SER A 70 0.97 11.38 8.74
C SER A 70 1.49 12.61 9.49
N GLY A 71 1.11 13.78 9.02
CA GLY A 71 1.52 15.01 9.67
C GLY A 71 0.54 15.45 10.73
N THR A 72 -0.61 14.78 10.79
CA THR A 72 -1.63 15.09 11.78
C THR A 72 -1.88 13.89 12.68
N VAL A 73 -2.56 14.13 13.80
CA VAL A 73 -2.89 13.05 14.71
C VAL A 73 -4.28 12.51 14.39
N LEU A 74 -4.31 11.44 13.59
CA LEU A 74 -5.55 10.88 13.09
C LEU A 74 -6.14 9.89 14.08
N ASP A 75 -7.42 10.08 14.38
CA ASP A 75 -8.13 9.22 15.33
C ASP A 75 -8.88 8.13 14.62
N VAL A 76 -9.28 7.12 15.39
CA VAL A 76 -10.03 6.00 14.88
C VAL A 76 -11.37 6.45 14.32
N GLY A 77 -11.68 6.01 13.11
CA GLY A 77 -12.93 6.36 12.49
C GLY A 77 -12.79 7.36 11.36
N GLU A 78 -11.60 7.94 11.22
CA GLU A 78 -11.34 8.88 10.16
C GLU A 78 -11.09 8.18 8.84
N GLU A 79 -11.17 8.95 7.77
CA GLU A 79 -10.93 8.48 6.42
C GLU A 79 -9.59 9.01 5.94
N VAL A 80 -8.78 8.18 5.32
CA VAL A 80 -7.49 8.61 4.81
C VAL A 80 -7.28 8.16 3.38
N SER A 81 -6.32 8.77 2.72
CA SER A 81 -5.92 8.36 1.39
C SER A 81 -4.41 8.07 1.40
N VAL A 82 -4.02 6.94 0.82
CA VAL A 82 -2.63 6.52 0.82
C VAL A 82 -1.82 7.24 -0.25
N LYS A 83 -0.87 8.04 0.18
CA LYS A 83 0.01 8.75 -0.72
C LYS A 83 1.06 7.82 -1.29
N ALA A 84 1.79 7.15 -0.40
CA ALA A 84 2.89 6.31 -0.79
C ALA A 84 3.26 5.32 0.32
N ILE A 85 4.19 4.44 0.03
CA ILE A 85 4.64 3.44 1.00
C ILE A 85 6.01 3.81 1.54
N GLU A 86 6.18 3.65 2.84
CA GLU A 86 7.46 3.93 3.50
C GLU A 86 7.97 2.66 4.19
N GLY A 87 8.55 1.77 3.42
CA GLY A 87 9.06 0.53 3.98
C GLY A 87 7.97 -0.36 4.50
N VAL A 88 7.84 -0.40 5.82
CA VAL A 88 6.81 -1.20 6.47
C VAL A 88 5.64 -0.30 6.90
N LYS A 89 5.82 1.00 6.69
CA LYS A 89 4.80 1.99 7.05
C LYS A 89 4.16 2.56 5.78
N LEU A 90 3.05 3.25 5.95
CA LEU A 90 2.41 3.95 4.84
C LEU A 90 2.35 5.43 5.14
N VAL A 91 2.37 6.24 4.10
CA VAL A 91 2.20 7.68 4.24
C VAL A 91 0.82 8.08 3.75
N VAL A 92 -0.03 8.52 4.67
CA VAL A 92 -1.41 8.83 4.32
C VAL A 92 -1.74 10.29 4.60
N GLU A 93 -2.84 10.76 4.01
CA GLU A 93 -3.34 12.10 4.26
C GLU A 93 -4.63 12.00 5.02
N LYS A 94 -5.18 13.13 5.39
CA LYS A 94 -6.50 13.14 5.98
C LYS A 94 -7.50 13.38 4.87
N LEU A 95 -8.42 12.47 4.72
CA LEU A 95 -9.38 12.56 3.66
C LEU A 95 -10.56 13.41 4.10
N GLU A 96 -10.95 14.32 3.23
CA GLU A 96 -12.02 15.26 3.53
C GLU A 96 -12.85 15.52 2.28
N GLU A 97 -12.76 14.60 1.33
CA GLU A 97 -13.46 14.72 0.05
C GLU A 97 -12.94 15.92 -0.76
N GLN A 98 -11.81 16.46 -0.33
CA GLN A 98 -11.24 17.64 -0.96
C GLN A 98 -10.90 17.40 -2.42
N LYS A 99 -11.43 18.25 -3.28
CA LYS A 99 -11.20 18.16 -4.71
C LYS A 99 -10.53 19.44 -5.19
N GLY A 100 -9.77 20.06 -4.30
CA GLY A 100 -9.20 21.36 -4.56
C GLY A 100 -10.08 22.44 -3.98
N SER A 101 -11.19 22.70 -4.66
CA SER A 101 -12.22 23.58 -4.16
C SER A 101 -13.58 22.97 -4.48
N MET A 1 57.23 19.45 -22.00
CA MET A 1 58.34 18.95 -22.86
C MET A 1 58.65 17.50 -22.54
N GLY A 2 59.21 16.80 -23.50
CA GLY A 2 59.61 15.42 -23.28
C GLY A 2 58.48 14.43 -23.52
N SER A 3 58.81 13.16 -23.49
CA SER A 3 57.85 12.09 -23.71
C SER A 3 58.46 10.76 -23.28
N SER A 4 57.62 9.76 -23.10
CA SER A 4 58.08 8.43 -22.76
C SER A 4 57.25 7.38 -23.49
N HIS A 5 57.83 6.80 -24.53
CA HIS A 5 57.16 5.78 -25.32
C HIS A 5 57.52 4.41 -24.78
N HIS A 6 56.82 4.00 -23.72
CA HIS A 6 57.14 2.76 -23.03
C HIS A 6 56.14 1.67 -23.37
N HIS A 7 56.67 0.53 -23.81
CA HIS A 7 55.84 -0.63 -24.12
C HIS A 7 56.45 -1.89 -23.49
N HIS A 8 56.16 -3.05 -24.08
CA HIS A 8 56.65 -4.34 -23.61
C HIS A 8 55.96 -4.74 -22.31
N HIS A 9 54.75 -5.25 -22.44
CA HIS A 9 53.99 -5.80 -21.31
C HIS A 9 53.05 -6.89 -21.80
N HIS A 10 53.12 -8.06 -21.21
CA HIS A 10 52.33 -9.18 -21.67
C HIS A 10 51.58 -9.81 -20.50
N SER A 11 50.38 -9.30 -20.24
CA SER A 11 49.53 -9.78 -19.16
C SER A 11 50.26 -9.63 -17.83
N SER A 12 50.55 -8.38 -17.47
CA SER A 12 51.27 -8.09 -16.24
C SER A 12 50.31 -8.07 -15.05
N GLY A 13 50.36 -9.12 -14.25
CA GLY A 13 49.51 -9.21 -13.08
C GLY A 13 50.32 -9.37 -11.81
N ARG A 14 50.31 -8.35 -10.97
CA ARG A 14 51.03 -8.41 -9.71
C ARG A 14 50.06 -8.44 -8.54
N GLU A 15 50.54 -8.91 -7.40
CA GLU A 15 49.72 -9.05 -6.19
C GLU A 15 48.52 -9.97 -6.45
N ASN A 16 47.55 -9.96 -5.56
CA ASN A 16 46.35 -10.74 -5.74
C ASN A 16 45.12 -9.83 -5.67
N LEU A 17 44.64 -9.44 -6.84
CA LEU A 17 43.45 -8.61 -6.93
C LEU A 17 42.23 -9.51 -7.08
N TYR A 18 41.04 -8.92 -7.19
CA TYR A 18 39.83 -9.70 -7.30
C TYR A 18 39.64 -10.17 -8.74
N PHE A 19 40.38 -11.18 -9.11
CA PHE A 19 40.25 -11.80 -10.41
C PHE A 19 39.63 -13.18 -10.24
N GLN A 20 39.15 -13.44 -9.03
CA GLN A 20 38.53 -14.70 -8.69
C GLN A 20 37.03 -14.65 -8.93
N GLY A 21 36.37 -15.80 -8.86
CA GLY A 21 34.94 -15.85 -9.02
C GLY A 21 34.20 -15.22 -7.85
N HIS A 22 32.90 -15.09 -7.98
CA HIS A 22 32.08 -14.50 -6.93
C HIS A 22 31.68 -15.56 -5.91
N MET A 23 31.85 -15.24 -4.63
CA MET A 23 31.50 -16.17 -3.57
C MET A 23 30.14 -15.81 -2.98
N ALA A 24 29.36 -16.84 -2.64
CA ALA A 24 28.03 -16.67 -2.04
C ALA A 24 27.02 -16.12 -3.05
N ALA A 25 25.84 -16.71 -3.06
CA ALA A 25 24.78 -16.28 -3.96
C ALA A 25 23.89 -15.23 -3.29
N ARG A 26 24.40 -14.67 -2.19
CA ARG A 26 23.67 -13.63 -1.47
C ARG A 26 24.64 -12.58 -0.97
N ILE A 27 24.20 -11.33 -0.95
CA ILE A 27 25.03 -10.23 -0.47
C ILE A 27 25.04 -10.15 1.05
N THR A 28 25.58 -11.20 1.68
CA THR A 28 25.64 -11.29 3.14
C THR A 28 24.23 -11.38 3.76
N GLY A 29 23.24 -11.61 2.91
CA GLY A 29 21.88 -11.74 3.38
C GLY A 29 20.88 -11.69 2.25
N GLU A 30 19.60 -11.67 2.62
CA GLU A 30 18.53 -11.61 1.64
C GLU A 30 18.01 -10.19 1.51
N PRO A 31 17.38 -9.87 0.36
CA PRO A 31 16.74 -8.55 0.13
C PRO A 31 15.52 -8.33 1.04
N SER A 32 15.17 -9.36 1.81
CA SER A 32 14.03 -9.33 2.70
C SER A 32 12.70 -9.37 1.93
N LYS A 33 11.61 -9.62 2.63
CA LYS A 33 10.31 -9.78 1.99
C LYS A 33 9.69 -8.42 1.66
N LYS A 34 9.39 -8.21 0.40
CA LYS A 34 8.69 -7.01 -0.04
C LYS A 34 7.32 -7.38 -0.58
N ALA A 35 6.34 -7.44 0.31
CA ALA A 35 5.00 -7.91 -0.05
C ALA A 35 4.04 -6.74 -0.26
N VAL A 36 4.57 -5.63 -0.76
CA VAL A 36 3.76 -4.47 -1.05
C VAL A 36 3.21 -4.56 -2.47
N SER A 37 1.92 -4.33 -2.61
CA SER A 37 1.26 -4.50 -3.90
C SER A 37 1.04 -3.17 -4.61
N ASP A 38 1.23 -2.08 -3.87
CA ASP A 38 1.13 -0.73 -4.40
C ASP A 38 -0.24 -0.41 -4.99
N ARG A 39 -1.23 -1.23 -4.69
CA ARG A 39 -2.56 -1.05 -5.26
C ARG A 39 -3.42 -0.18 -4.36
N LEU A 40 -2.89 0.16 -3.19
CA LEU A 40 -3.60 1.00 -2.24
C LEU A 40 -3.42 2.47 -2.57
N ILE A 41 -2.36 2.75 -3.35
CA ILE A 41 -2.01 4.13 -3.70
C ILE A 41 -3.12 4.81 -4.48
N GLY A 42 -3.58 5.93 -3.95
CA GLY A 42 -4.61 6.70 -4.63
C GLY A 42 -5.99 6.48 -4.07
N ARG A 43 -6.15 5.41 -3.29
CA ARG A 43 -7.46 5.05 -2.76
C ARG A 43 -7.60 5.46 -1.30
N LYS A 44 -8.79 5.25 -0.75
CA LYS A 44 -9.08 5.63 0.62
C LYS A 44 -8.73 4.51 1.60
N GLY A 45 -8.32 4.91 2.80
CA GLY A 45 -8.11 3.99 3.88
C GLY A 45 -8.79 4.51 5.12
N VAL A 46 -9.12 3.62 6.04
CA VAL A 46 -9.80 4.01 7.26
C VAL A 46 -8.88 3.84 8.47
N VAL A 47 -8.98 4.76 9.42
CA VAL A 47 -8.14 4.73 10.60
C VAL A 47 -8.79 3.91 11.71
N MET A 48 -8.22 2.76 12.02
CA MET A 48 -8.74 1.89 13.06
C MET A 48 -8.05 2.17 14.39
N GLU A 49 -6.79 2.58 14.32
CA GLU A 49 -6.04 2.96 15.50
C GLU A 49 -5.48 4.36 15.32
N ALA A 50 -5.57 5.16 16.38
CA ALA A 50 -5.22 6.57 16.33
C ALA A 50 -3.79 6.80 15.86
N ILE A 51 -3.64 7.47 14.73
CA ILE A 51 -2.34 7.82 14.22
C ILE A 51 -1.83 9.07 14.92
N SER A 52 -0.89 8.90 15.83
CA SER A 52 -0.38 10.01 16.60
C SER A 52 1.04 10.36 16.16
N PRO A 53 1.45 11.61 16.38
CA PRO A 53 2.80 12.09 16.04
C PRO A 53 3.88 11.32 16.79
N GLN A 54 3.50 10.72 17.91
CA GLN A 54 4.44 10.00 18.76
C GLN A 54 4.46 8.50 18.42
N ASN A 55 3.34 7.99 17.91
CA ASN A 55 3.24 6.56 17.63
C ASN A 55 2.34 6.33 16.42
N SER A 56 2.82 5.52 15.49
CA SER A 56 2.11 5.26 14.24
C SER A 56 0.76 4.60 14.50
N GLY A 57 -0.17 4.80 13.59
CA GLY A 57 -1.50 4.25 13.76
C GLY A 57 -1.76 3.09 12.83
N LEU A 58 -2.96 2.53 12.91
CA LEU A 58 -3.32 1.38 12.10
C LEU A 58 -4.49 1.72 11.18
N VAL A 59 -4.30 1.49 9.89
CA VAL A 59 -5.35 1.73 8.92
C VAL A 59 -5.70 0.43 8.19
N LYS A 60 -6.98 0.26 7.90
CA LYS A 60 -7.43 -0.94 7.20
C LYS A 60 -7.68 -0.63 5.74
N VAL A 61 -6.88 -1.23 4.86
CA VAL A 61 -7.05 -1.05 3.43
C VAL A 61 -7.01 -2.41 2.74
N ASP A 62 -7.83 -2.55 1.70
CA ASP A 62 -8.00 -3.83 0.99
C ASP A 62 -8.64 -4.87 1.92
N GLY A 63 -7.81 -5.54 2.69
CA GLY A 63 -8.29 -6.48 3.68
C GLY A 63 -7.30 -6.63 4.81
N GLU A 64 -6.27 -5.81 4.81
CA GLU A 64 -5.21 -5.91 5.78
C GLU A 64 -5.19 -4.68 6.68
N THR A 65 -4.48 -4.78 7.78
CA THR A 65 -4.29 -3.67 8.68
C THR A 65 -2.85 -3.18 8.61
N TRP A 66 -2.67 -2.03 8.03
CA TRP A 66 -1.35 -1.51 7.75
C TRP A 66 -1.00 -0.42 8.74
N ARG A 67 0.30 -0.21 8.93
CA ARG A 67 0.76 0.88 9.78
C ARG A 67 0.82 2.15 8.97
N ALA A 68 0.35 3.23 9.54
CA ALA A 68 0.24 4.48 8.81
C ALA A 68 0.91 5.62 9.54
N THR A 69 1.56 6.49 8.79
CA THR A 69 2.23 7.65 9.34
C THR A 69 1.85 8.91 8.58
N SER A 70 1.83 10.02 9.31
CA SER A 70 1.54 11.32 8.71
C SER A 70 2.21 12.41 9.53
N GLY A 71 2.12 13.65 9.07
CA GLY A 71 2.72 14.76 9.79
C GLY A 71 1.71 15.45 10.69
N THR A 72 0.67 14.73 11.07
CA THR A 72 -0.37 15.28 11.93
C THR A 72 -0.99 14.15 12.76
N VAL A 73 -1.85 14.51 13.72
CA VAL A 73 -2.52 13.52 14.53
C VAL A 73 -3.91 13.19 13.98
N LEU A 74 -4.16 11.91 13.76
CA LEU A 74 -5.42 11.46 13.20
C LEU A 74 -6.15 10.58 14.21
N ASP A 75 -7.44 10.82 14.40
CA ASP A 75 -8.20 10.09 15.41
C ASP A 75 -8.76 8.80 14.83
N VAL A 76 -9.49 8.07 15.65
CA VAL A 76 -10.05 6.79 15.26
C VAL A 76 -11.37 7.00 14.51
N GLY A 77 -11.57 6.24 13.44
CA GLY A 77 -12.80 6.37 12.68
C GLY A 77 -12.66 7.38 11.56
N GLU A 78 -11.45 7.93 11.41
CA GLU A 78 -11.15 8.83 10.33
C GLU A 78 -10.87 8.06 9.05
N GLU A 79 -10.72 8.80 7.97
CA GLU A 79 -10.42 8.23 6.68
C GLU A 79 -9.26 8.98 6.05
N VAL A 80 -8.39 8.26 5.34
CA VAL A 80 -7.22 8.89 4.74
C VAL A 80 -7.07 8.50 3.28
N SER A 81 -6.19 9.22 2.60
CA SER A 81 -5.83 8.89 1.24
C SER A 81 -4.38 8.39 1.21
N VAL A 82 -4.17 7.21 0.64
CA VAL A 82 -2.84 6.63 0.58
C VAL A 82 -2.03 7.25 -0.55
N LYS A 83 -0.99 7.99 -0.18
CA LYS A 83 -0.18 8.70 -1.14
C LYS A 83 1.06 7.91 -1.55
N ALA A 84 1.76 7.34 -0.57
CA ALA A 84 3.02 6.67 -0.84
C ALA A 84 3.31 5.58 0.18
N ILE A 85 4.39 4.84 -0.06
CA ILE A 85 4.82 3.79 0.86
C ILE A 85 6.21 4.12 1.38
N GLU A 86 6.42 4.01 2.68
CA GLU A 86 7.72 4.29 3.27
C GLU A 86 8.09 3.16 4.23
N GLY A 87 9.01 2.30 3.79
CA GLY A 87 9.34 1.12 4.58
C GLY A 87 8.22 0.12 4.57
N VAL A 88 7.71 -0.22 5.75
CA VAL A 88 6.56 -1.10 5.86
C VAL A 88 5.33 -0.32 6.30
N LYS A 89 5.46 1.00 6.30
CA LYS A 89 4.37 1.86 6.73
C LYS A 89 3.85 2.68 5.56
N LEU A 90 2.58 3.04 5.62
CA LEU A 90 1.97 3.83 4.56
C LEU A 90 2.14 5.32 4.85
N VAL A 91 2.36 6.08 3.80
CA VAL A 91 2.38 7.52 3.90
C VAL A 91 1.02 8.06 3.50
N VAL A 92 0.23 8.44 4.49
CA VAL A 92 -1.14 8.82 4.23
C VAL A 92 -1.42 10.24 4.72
N GLU A 93 -2.52 10.78 4.27
CA GLU A 93 -3.00 12.08 4.71
C GLU A 93 -4.49 12.01 4.85
N LYS A 94 -5.03 12.76 5.81
CA LYS A 94 -6.43 12.60 6.14
C LYS A 94 -7.31 13.09 5.00
N LEU A 95 -8.39 12.36 4.79
CA LEU A 95 -9.33 12.64 3.72
C LEU A 95 -9.94 14.03 3.89
N GLU A 96 -10.54 14.54 2.82
CA GLU A 96 -11.20 15.84 2.86
C GLU A 96 -12.27 15.87 3.93
N GLU A 97 -12.09 16.74 4.91
CA GLU A 97 -13.05 16.88 5.99
C GLU A 97 -14.35 17.46 5.45
N GLN A 98 -15.34 16.60 5.25
CA GLN A 98 -16.59 16.98 4.62
C GLN A 98 -17.26 18.11 5.39
N LYS A 99 -17.35 19.27 4.74
CA LYS A 99 -17.96 20.45 5.34
C LYS A 99 -19.47 20.41 5.19
N GLY A 100 -20.16 20.15 6.30
CA GLY A 100 -21.60 20.07 6.25
C GLY A 100 -22.25 20.90 7.35
N SER A 101 -23.55 20.76 7.50
CA SER A 101 -24.28 21.47 8.52
C SER A 101 -25.37 20.58 9.09
N MET A 1 3.74 0.14 37.76
CA MET A 1 4.98 -0.11 36.99
C MET A 1 6.12 -0.50 37.90
N GLY A 2 6.98 -1.39 37.44
CA GLY A 2 8.16 -1.78 38.20
C GLY A 2 9.42 -1.48 37.44
N SER A 3 10.12 -0.43 37.85
CA SER A 3 11.33 0.01 37.17
C SER A 3 12.49 -0.94 37.45
N SER A 4 12.68 -1.31 38.71
CA SER A 4 13.76 -2.21 39.10
C SER A 4 13.41 -3.66 38.77
N HIS A 5 12.12 -3.94 38.70
CA HIS A 5 11.63 -5.29 38.44
C HIS A 5 10.24 -5.27 37.83
N HIS A 6 10.19 -5.36 36.51
CA HIS A 6 8.92 -5.37 35.79
C HIS A 6 8.31 -6.77 35.87
N HIS A 7 9.19 -7.76 35.97
CA HIS A 7 8.79 -9.15 36.18
C HIS A 7 10.05 -10.03 36.21
N HIS A 8 10.82 -9.94 35.14
CA HIS A 8 12.13 -10.57 35.08
C HIS A 8 13.18 -9.48 34.88
N HIS A 9 13.28 -8.60 35.89
CA HIS A 9 14.02 -7.34 35.76
C HIS A 9 13.38 -6.47 34.68
N HIS A 10 13.78 -6.71 33.43
CA HIS A 10 13.19 -6.02 32.29
C HIS A 10 12.94 -6.99 31.15
N SER A 11 13.86 -7.00 30.19
CA SER A 11 13.74 -7.85 29.01
C SER A 11 14.99 -7.68 28.15
N SER A 12 15.31 -8.70 27.36
CA SER A 12 16.44 -8.63 26.46
C SER A 12 16.05 -7.86 25.19
N GLY A 13 16.48 -6.61 25.12
CA GLY A 13 16.07 -5.74 24.04
C GLY A 13 16.94 -5.87 22.80
N ARG A 14 18.24 -6.10 23.01
CA ARG A 14 19.17 -6.22 21.90
C ARG A 14 19.06 -7.59 21.25
N GLU A 15 18.09 -7.73 20.36
CA GLU A 15 17.93 -8.95 19.59
C GLU A 15 17.59 -8.59 18.15
N ASN A 16 17.86 -7.36 17.77
CA ASN A 16 17.59 -6.88 16.42
C ASN A 16 18.64 -7.42 15.46
N LEU A 17 18.29 -8.51 14.79
CA LEU A 17 19.23 -9.21 13.93
C LEU A 17 18.79 -9.17 12.46
N TYR A 18 17.95 -8.22 12.11
CA TYR A 18 17.49 -8.10 10.74
C TYR A 18 17.84 -6.73 10.16
N PHE A 19 19.03 -6.63 9.61
CA PHE A 19 19.44 -5.47 8.84
C PHE A 19 20.18 -5.95 7.59
N GLN A 20 19.93 -7.20 7.25
CA GLN A 20 20.58 -7.84 6.11
C GLN A 20 19.93 -7.37 4.81
N GLY A 21 20.66 -6.57 4.05
CA GLY A 21 20.16 -6.05 2.80
C GLY A 21 19.69 -4.61 2.94
N HIS A 22 20.41 -3.70 2.30
CA HIS A 22 20.09 -2.29 2.38
C HIS A 22 20.34 -1.61 1.05
N MET A 23 19.29 -1.47 0.25
CA MET A 23 19.39 -0.89 -1.08
C MET A 23 18.18 0.00 -1.32
N ALA A 24 18.42 1.29 -1.58
CA ALA A 24 17.35 2.25 -1.71
C ALA A 24 17.19 2.71 -3.16
N ALA A 25 16.10 3.43 -3.42
CA ALA A 25 15.79 3.94 -4.77
C ALA A 25 15.57 2.78 -5.75
N ARG A 26 14.79 1.79 -5.31
CA ARG A 26 14.46 0.65 -6.14
C ARG A 26 13.05 0.17 -5.85
N ILE A 27 12.24 0.09 -6.89
CA ILE A 27 10.85 -0.32 -6.75
C ILE A 27 10.70 -1.80 -7.04
N THR A 28 10.33 -2.57 -6.03
CA THR A 28 10.08 -4.00 -6.20
C THR A 28 8.58 -4.25 -6.36
N GLY A 29 8.22 -5.08 -7.33
CA GLY A 29 6.81 -5.31 -7.61
C GLY A 29 6.38 -6.72 -7.26
N GLU A 30 7.13 -7.70 -7.74
CA GLU A 30 6.82 -9.11 -7.50
C GLU A 30 7.93 -9.79 -6.71
N PRO A 31 7.89 -9.69 -5.38
CA PRO A 31 8.88 -10.29 -4.51
C PRO A 31 8.47 -11.66 -3.99
N SER A 32 9.44 -12.42 -3.50
CA SER A 32 9.18 -13.71 -2.89
C SER A 32 8.63 -13.52 -1.48
N LYS A 33 9.21 -12.57 -0.77
CA LYS A 33 8.75 -12.21 0.56
C LYS A 33 7.60 -11.23 0.44
N LYS A 34 6.69 -11.24 1.41
CA LYS A 34 5.52 -10.38 1.37
C LYS A 34 5.92 -8.90 1.25
N ALA A 35 5.18 -8.17 0.45
CA ALA A 35 5.39 -6.74 0.30
C ALA A 35 4.15 -5.99 0.74
N VAL A 36 4.14 -4.69 0.54
CA VAL A 36 2.99 -3.87 0.91
C VAL A 36 2.08 -3.65 -0.29
N SER A 37 2.61 -3.98 -1.46
CA SER A 37 1.92 -3.79 -2.74
C SER A 37 1.69 -2.31 -3.07
N ASP A 38 2.10 -1.90 -4.26
CA ASP A 38 2.02 -0.50 -4.67
C ASP A 38 0.59 -0.13 -5.08
N ARG A 39 -0.30 -1.12 -5.09
CA ARG A 39 -1.69 -0.89 -5.47
C ARG A 39 -2.43 -0.06 -4.42
N LEU A 40 -1.88 -0.01 -3.21
CA LEU A 40 -2.49 0.74 -2.13
C LEU A 40 -2.36 2.24 -2.37
N ILE A 41 -1.40 2.62 -3.20
CA ILE A 41 -1.19 4.03 -3.53
C ILE A 41 -2.34 4.56 -4.37
N GLY A 42 -3.03 5.56 -3.82
CA GLY A 42 -4.16 6.14 -4.52
C GLY A 42 -5.48 5.59 -4.03
N ARG A 43 -5.44 4.77 -2.99
CA ARG A 43 -6.64 4.18 -2.44
C ARG A 43 -7.04 4.84 -1.13
N LYS A 44 -8.31 4.70 -0.78
CA LYS A 44 -8.82 5.23 0.49
C LYS A 44 -8.64 4.20 1.59
N GLY A 45 -8.59 4.67 2.83
CA GLY A 45 -8.47 3.78 3.96
C GLY A 45 -9.13 4.37 5.20
N VAL A 46 -9.40 3.54 6.17
CA VAL A 46 -10.01 3.98 7.41
C VAL A 46 -9.01 3.82 8.56
N VAL A 47 -9.04 4.75 9.50
CA VAL A 47 -8.09 4.75 10.61
C VAL A 47 -8.60 3.90 11.77
N MET A 48 -7.87 2.84 12.08
CA MET A 48 -8.24 1.94 13.17
C MET A 48 -7.42 2.23 14.42
N GLU A 49 -6.25 2.81 14.23
CA GLU A 49 -5.42 3.23 15.36
C GLU A 49 -4.97 4.66 15.15
N ALA A 50 -5.09 5.47 16.19
CA ALA A 50 -4.85 6.90 16.10
C ALA A 50 -3.46 7.22 15.55
N ILE A 51 -3.43 8.10 14.56
CA ILE A 51 -2.18 8.51 13.96
C ILE A 51 -1.82 9.91 14.45
N SER A 52 -0.76 9.99 15.23
CA SER A 52 -0.37 11.24 15.86
C SER A 52 0.91 11.78 15.25
N PRO A 53 1.20 13.07 15.47
CA PRO A 53 2.45 13.69 15.03
C PRO A 53 3.68 13.00 15.63
N GLN A 54 3.47 12.29 16.73
CA GLN A 54 4.55 11.59 17.41
C GLN A 54 4.63 10.14 16.95
N ASN A 55 3.56 9.39 17.16
CA ASN A 55 3.56 7.96 16.86
C ASN A 55 2.59 7.65 15.73
N SER A 56 2.96 6.71 14.88
CA SER A 56 2.13 6.32 13.74
C SER A 56 0.92 5.49 14.20
N GLY A 57 0.04 5.19 13.26
CA GLY A 57 -1.16 4.45 13.61
C GLY A 57 -1.42 3.29 12.65
N LEU A 58 -2.66 2.85 12.58
CA LEU A 58 -3.03 1.72 11.76
C LEU A 58 -4.22 2.05 10.86
N VAL A 59 -4.11 1.72 9.59
CA VAL A 59 -5.20 1.93 8.66
C VAL A 59 -5.71 0.60 8.10
N LYS A 60 -6.99 0.56 7.82
CA LYS A 60 -7.62 -0.64 7.30
C LYS A 60 -8.08 -0.40 5.87
N VAL A 61 -7.53 -1.19 4.95
CA VAL A 61 -7.91 -1.11 3.55
C VAL A 61 -8.67 -2.37 3.17
N ASP A 62 -9.99 -2.32 3.39
CA ASP A 62 -10.90 -3.44 3.10
C ASP A 62 -10.33 -4.77 3.60
N GLY A 63 -10.35 -4.93 4.91
CA GLY A 63 -9.84 -6.14 5.53
C GLY A 63 -8.41 -6.01 6.01
N GLU A 64 -7.54 -5.48 5.16
CA GLU A 64 -6.12 -5.42 5.47
C GLU A 64 -5.82 -4.26 6.40
N THR A 65 -5.03 -4.53 7.43
CA THR A 65 -4.65 -3.49 8.37
C THR A 65 -3.14 -3.27 8.37
N TRP A 66 -2.73 -2.11 7.89
CA TRP A 66 -1.32 -1.79 7.72
C TRP A 66 -0.90 -0.67 8.65
N ARG A 67 0.40 -0.60 8.96
CA ARG A 67 0.94 0.51 9.72
C ARG A 67 0.99 1.75 8.84
N ALA A 68 0.57 2.87 9.38
CA ALA A 68 0.49 4.08 8.59
C ALA A 68 1.00 5.29 9.35
N THR A 69 1.71 6.14 8.64
CA THR A 69 2.18 7.41 9.16
C THR A 69 1.51 8.54 8.40
N SER A 70 1.58 9.74 8.94
CA SER A 70 0.92 10.89 8.33
C SER A 70 1.53 12.18 8.85
N GLY A 71 1.30 13.26 8.14
CA GLY A 71 1.74 14.56 8.60
C GLY A 71 0.59 15.31 9.23
N THR A 72 -0.55 14.65 9.35
CA THR A 72 -1.74 15.25 9.92
C THR A 72 -2.17 14.48 11.17
N VAL A 73 -3.06 15.07 11.95
CA VAL A 73 -3.60 14.42 13.13
C VAL A 73 -4.84 13.62 12.76
N LEU A 74 -4.76 12.31 12.90
CA LEU A 74 -5.84 11.44 12.48
C LEU A 74 -6.37 10.62 13.65
N ASP A 75 -7.66 10.76 13.92
CA ASP A 75 -8.29 10.04 15.02
C ASP A 75 -8.81 8.69 14.53
N VAL A 76 -9.36 7.93 15.43
CA VAL A 76 -9.87 6.60 15.12
C VAL A 76 -11.26 6.71 14.52
N GLY A 77 -11.51 5.99 13.43
CA GLY A 77 -12.80 6.03 12.80
C GLY A 77 -12.83 6.99 11.62
N GLU A 78 -11.72 7.70 11.41
CA GLU A 78 -11.61 8.62 10.30
C GLU A 78 -11.24 7.91 9.01
N GLU A 79 -11.28 8.65 7.92
CA GLU A 79 -10.95 8.11 6.61
C GLU A 79 -9.80 8.90 5.98
N VAL A 80 -8.85 8.18 5.42
CA VAL A 80 -7.65 8.78 4.84
C VAL A 80 -7.35 8.17 3.48
N SER A 81 -6.26 8.57 2.88
CA SER A 81 -5.82 7.99 1.62
C SER A 81 -4.31 7.77 1.62
N VAL A 82 -3.89 6.66 1.03
CA VAL A 82 -2.48 6.31 0.95
C VAL A 82 -1.83 6.99 -0.24
N LYS A 83 -0.90 7.90 0.01
CA LYS A 83 -0.29 8.68 -1.04
C LYS A 83 1.13 8.23 -1.36
N ALA A 84 1.82 7.67 -0.35
CA ALA A 84 3.20 7.24 -0.54
C ALA A 84 3.54 6.07 0.40
N ILE A 85 4.74 5.54 0.25
CA ILE A 85 5.22 4.45 1.09
C ILE A 85 6.58 4.78 1.68
N GLU A 86 6.79 4.45 2.95
CA GLU A 86 8.08 4.66 3.58
C GLU A 86 8.46 3.45 4.42
N GLY A 87 9.30 2.60 3.86
CA GLY A 87 9.74 1.42 4.57
C GLY A 87 8.64 0.38 4.68
N VAL A 88 8.27 0.06 5.90
CA VAL A 88 7.23 -0.93 6.15
C VAL A 88 5.92 -0.23 6.50
N LYS A 89 5.95 1.09 6.49
CA LYS A 89 4.78 1.89 6.83
C LYS A 89 4.27 2.64 5.61
N LEU A 90 3.00 3.01 5.64
CA LEU A 90 2.40 3.74 4.55
C LEU A 90 2.31 5.20 4.89
N VAL A 91 2.36 6.04 3.89
CA VAL A 91 2.20 7.47 4.08
C VAL A 91 0.78 7.85 3.68
N VAL A 92 -0.05 8.07 4.68
CA VAL A 92 -1.44 8.42 4.45
C VAL A 92 -1.65 9.87 4.85
N GLU A 93 -2.73 10.45 4.37
CA GLU A 93 -3.03 11.84 4.65
C GLU A 93 -4.52 12.00 4.76
N LYS A 94 -4.96 13.16 5.22
CA LYS A 94 -6.37 13.39 5.42
C LYS A 94 -7.08 13.43 4.08
N LEU A 95 -8.08 12.59 3.96
CA LEU A 95 -8.87 12.49 2.75
C LEU A 95 -9.53 13.81 2.42
N GLU A 96 -9.66 14.10 1.13
CA GLU A 96 -10.34 15.29 0.68
C GLU A 96 -11.84 15.08 0.76
N GLU A 97 -12.42 15.53 1.85
CA GLU A 97 -13.83 15.35 2.13
C GLU A 97 -14.66 16.44 1.49
N GLN A 98 -14.06 17.16 0.55
CA GLN A 98 -14.74 18.22 -0.17
C GLN A 98 -15.88 17.63 -0.99
N LYS A 99 -17.10 17.82 -0.51
CA LYS A 99 -18.27 17.33 -1.20
C LYS A 99 -18.64 18.27 -2.35
N GLY A 100 -18.39 17.80 -3.56
CA GLY A 100 -18.62 18.60 -4.75
C GLY A 100 -17.80 18.09 -5.92
N SER A 101 -17.38 18.99 -6.80
CA SER A 101 -16.57 18.61 -7.93
C SER A 101 -15.12 19.02 -7.70
#